data_4MXV
#
_entry.id   4MXV
#
_cell.length_a   209.847
_cell.length_b   209.847
_cell.length_c   130.142
_cell.angle_alpha   90.00
_cell.angle_beta   90.00
_cell.angle_gamma   90.00
#
_symmetry.space_group_name_H-M   'P 41 21 2'
#
loop_
_entity.id
_entity.type
_entity.pdbx_description
1 polymer Lymphotoxin-alpha
2 polymer 'anti-Lymphotoxin alpha antibody light chain'
3 polymer 'anti-Lymphotoxin alpha antibody heavy chain'
#
loop_
_entity_poly.entity_id
_entity_poly.type
_entity_poly.pdbx_seq_one_letter_code
_entity_poly.pdbx_strand_id
1 'polypeptide(L)'
;ADLGSDYKDDDDKKPAAHLIGDPSKQNSLLWRANTDRAFLQDGFSLSNNSLLVPTSGIYFVYSQVVFSGKAYSPKATSSP
LYLAHEVQLFSSQYPFHVPLLSSQKMVYPGLQEPWLHSMYHGAAFQLTQGDQLSTHTDGIPHLVLSPSTVFFGAFAL
;
A,B,D
2 'polypeptide(L)'
;DIQMTQSPSSLSASVGDRVTITCRASQAVSSAVAWYQQKPGKAPKLLIYSASHRYTGVPSRFSGSGSGTDFTLTISSLQP
EDFATYYCQESYSTPWTFGQGTKVEIKRTVAAPSVFIFPPSDEQLKSGTASVVCLLNNFYPREAKVQWKVDNALQSGNSQ
ESVTEQDSKDSTYSLSSTLTLSKADYEKHKVYACEVTHQGLSSPVTKSFNR
;
E,L,X
3 'polypeptide(L)'
;EVQLVESGGGLVQPGGSLRLSCAASGYTFTSYVIHWVRQAPGKGLEWVGYNNPYNAGTNYNEKFKGRFTISSDKSKNTAY
LQMNSLRAEDTAVYYCSRPTMLPWFAYWGQGTLVTVSSASTKGPSVFPLAPSGTAALGCLVKDYFPEPVTVSWNSGALTS
GVHTFPAVLQSSGLYSLSSVVTVPSSSLGTQTYICNVNHKPSNTKVDKKVEPK
;
F,H,Y
#
# COMPACT_ATOMS: atom_id res chain seq x y z
N LYS A 14 8.12 -5.49 -1.65
CA LYS A 14 7.31 -6.57 -2.26
C LYS A 14 8.09 -7.80 -2.77
N PRO A 15 7.73 -9.00 -2.31
CA PRO A 15 8.34 -10.26 -2.75
C PRO A 15 8.25 -10.50 -4.25
N ALA A 16 9.31 -11.06 -4.81
CA ALA A 16 9.35 -11.42 -6.22
C ALA A 16 10.51 -12.38 -6.42
N ALA A 17 10.39 -13.26 -7.39
CA ALA A 17 11.47 -14.18 -7.74
C ALA A 17 11.40 -14.53 -9.22
N HIS A 18 12.57 -14.64 -9.85
CA HIS A 18 12.63 -15.11 -11.22
C HIS A 18 13.70 -16.19 -11.33
N LEU A 19 13.31 -17.40 -11.74
CA LEU A 19 14.24 -18.52 -11.73
C LEU A 19 14.65 -18.98 -13.12
N ILE A 20 15.88 -19.47 -13.23
CA ILE A 20 16.47 -19.94 -14.48
C ILE A 20 16.86 -21.43 -14.39
N GLY A 21 16.84 -22.17 -15.50
CA GLY A 21 17.39 -23.52 -15.52
C GLY A 21 18.92 -23.57 -15.51
N ASP A 22 19.47 -24.65 -14.99
CA ASP A 22 20.93 -24.83 -14.94
C ASP A 22 21.39 -25.58 -16.19
N PRO A 23 22.16 -24.92 -17.07
CA PRO A 23 22.63 -25.52 -18.32
C PRO A 23 23.63 -26.66 -18.10
N SER A 24 24.20 -26.75 -16.90
CA SER A 24 25.19 -27.77 -16.59
C SER A 24 24.54 -29.10 -16.23
N LYS A 25 23.27 -29.29 -16.63
CA LYS A 25 22.53 -30.49 -16.22
C LYS A 25 21.91 -31.29 -17.37
N GLN A 26 21.22 -30.62 -18.29
CA GLN A 26 20.77 -31.23 -19.55
C GLN A 26 19.97 -32.54 -19.44
N ASN A 27 19.75 -33.00 -18.22
CA ASN A 27 18.94 -34.20 -17.99
C ASN A 27 17.96 -33.94 -16.84
N SER A 28 18.08 -32.75 -16.25
CA SER A 28 17.18 -32.32 -15.19
C SER A 28 16.94 -30.81 -15.27
N LEU A 29 15.76 -30.38 -14.86
CA LEU A 29 15.48 -28.96 -14.84
C LEU A 29 15.68 -28.45 -13.43
N LEU A 30 16.87 -27.88 -13.17
CA LEU A 30 17.21 -27.32 -11.86
C LEU A 30 17.12 -25.80 -11.79
N TRP A 31 16.12 -25.31 -11.08
CA TRP A 31 15.96 -23.88 -10.89
C TRP A 31 17.06 -23.27 -10.01
N ARG A 32 17.54 -22.10 -10.40
CA ARG A 32 18.50 -21.36 -9.60
C ARG A 32 18.29 -19.86 -9.75
N ALA A 33 18.70 -19.10 -8.74
CA ALA A 33 18.44 -17.66 -8.64
C ALA A 33 19.72 -16.86 -8.39
N ASN A 34 20.86 -17.51 -8.45
CA ASN A 34 22.08 -16.84 -8.07
C ASN A 34 22.88 -16.26 -9.22
N THR A 35 22.29 -16.22 -10.43
CA THR A 35 23.00 -15.61 -11.57
C THR A 35 22.45 -14.25 -12.01
N ASP A 36 23.04 -13.74 -13.08
CA ASP A 36 22.51 -12.54 -13.70
C ASP A 36 21.22 -12.95 -14.39
N ARG A 37 20.22 -12.09 -14.30
CA ARG A 37 18.87 -12.33 -14.84
C ARG A 37 18.10 -13.40 -14.05
N ALA A 38 18.58 -13.71 -12.86
CA ALA A 38 17.84 -14.54 -11.91
C ALA A 38 17.85 -13.82 -10.58
N PHE A 39 16.81 -14.01 -9.77
CA PHE A 39 16.80 -13.37 -8.46
C PHE A 39 15.80 -13.89 -7.43
N LEU A 40 16.13 -13.72 -6.15
CA LEU A 40 15.15 -13.78 -5.06
C LEU A 40 15.11 -12.41 -4.43
N GLN A 41 13.93 -11.97 -4.04
CA GLN A 41 13.75 -10.62 -3.52
C GLN A 41 12.65 -10.56 -2.50
N ASP A 42 13.02 -10.09 -1.31
CA ASP A 42 12.10 -9.81 -0.21
C ASP A 42 11.43 -11.05 0.33
N GLY A 43 12.19 -12.13 0.46
CA GLY A 43 11.71 -13.26 1.24
C GLY A 43 11.57 -14.57 0.51
N PHE A 44 11.69 -14.56 -0.81
CA PHE A 44 11.59 -15.81 -1.56
C PHE A 44 12.77 -16.72 -1.24
N SER A 45 12.57 -18.01 -1.42
CA SER A 45 13.57 -18.99 -1.04
C SER A 45 13.35 -20.31 -1.76
N LEU A 46 14.44 -20.94 -2.18
CA LEU A 46 14.39 -22.22 -2.83
C LEU A 46 14.45 -23.28 -1.78
N SER A 47 13.69 -24.35 -1.99
CA SER A 47 13.77 -25.52 -1.13
C SER A 47 13.59 -26.77 -1.99
N ASN A 48 14.67 -27.52 -2.19
CA ASN A 48 14.64 -28.72 -3.04
C ASN A 48 13.91 -28.50 -4.35
N ASN A 49 14.39 -27.52 -5.10
CA ASN A 49 13.88 -27.23 -6.43
C ASN A 49 12.46 -26.72 -6.44
N SER A 50 11.98 -26.25 -5.27
CA SER A 50 10.70 -25.53 -5.19
C SER A 50 10.92 -24.07 -4.87
N LEU A 51 9.91 -23.27 -5.13
CA LEU A 51 9.91 -21.89 -4.68
C LEU A 51 9.04 -21.80 -3.42
N LEU A 52 9.58 -21.20 -2.36
CA LEU A 52 8.83 -21.05 -1.10
C LEU A 52 8.15 -19.68 -0.95
N VAL A 53 6.82 -19.71 -0.94
CA VAL A 53 6.01 -18.49 -0.82
C VAL A 53 6.25 -17.82 0.52
N PRO A 54 6.80 -16.59 0.52
CA PRO A 54 7.32 -15.91 1.70
C PRO A 54 6.27 -15.39 2.68
N THR A 55 5.12 -14.90 2.22
CA THR A 55 3.96 -14.61 3.07
C THR A 55 2.70 -14.93 2.32
N SER A 56 1.58 -14.89 3.03
CA SER A 56 0.28 -15.18 2.43
C SER A 56 -0.23 -13.98 1.65
N GLY A 57 -0.83 -14.22 0.50
CA GLY A 57 -1.35 -13.15 -0.34
C GLY A 57 -1.61 -13.64 -1.75
N ILE A 58 -1.87 -12.71 -2.66
CA ILE A 58 -2.09 -13.03 -4.07
C ILE A 58 -0.77 -12.97 -4.82
N TYR A 59 -0.49 -13.96 -5.66
CA TYR A 59 0.73 -13.94 -6.45
C TYR A 59 0.42 -14.18 -7.90
N PHE A 60 1.17 -13.52 -8.78
CA PHE A 60 1.17 -13.90 -10.18
C PHE A 60 2.30 -14.88 -10.36
N VAL A 61 1.96 -16.06 -10.87
CA VAL A 61 2.93 -17.13 -11.05
C VAL A 61 3.02 -17.48 -12.52
N TYR A 62 4.22 -17.44 -13.07
CA TYR A 62 4.40 -17.68 -14.50
C TYR A 62 5.54 -18.61 -14.78
N SER A 63 5.48 -19.28 -15.93
CA SER A 63 6.63 -20.06 -16.39
C SER A 63 6.67 -20.23 -17.89
N GLN A 64 7.90 -20.41 -18.41
CA GLN A 64 8.13 -20.69 -19.83
C GLN A 64 9.11 -21.82 -20.04
N VAL A 65 8.83 -22.67 -21.02
CA VAL A 65 9.81 -23.62 -21.55
C VAL A 65 9.85 -23.56 -23.07
N VAL A 66 10.96 -24.02 -23.64
CA VAL A 66 11.11 -24.21 -25.08
C VAL A 66 11.74 -25.58 -25.35
N PHE A 67 11.15 -26.34 -26.26
CA PHE A 67 11.66 -27.64 -26.64
C PHE A 67 12.16 -27.60 -28.09
N SER A 68 13.17 -28.41 -28.43
CA SER A 68 13.67 -28.48 -29.81
C SER A 68 14.24 -29.86 -30.17
N GLY A 69 14.24 -30.20 -31.46
CA GLY A 69 14.77 -31.49 -31.93
C GLY A 69 14.89 -31.58 -33.45
N LYS A 70 15.06 -32.79 -33.99
CA LYS A 70 15.38 -32.93 -35.42
C LYS A 70 14.70 -34.10 -36.17
N SER A 78 10.00 -43.75 -34.53
CA SER A 78 9.15 -44.89 -34.22
C SER A 78 7.87 -44.50 -33.47
N SER A 79 8.03 -43.96 -32.26
CA SER A 79 6.90 -43.58 -31.41
C SER A 79 6.76 -42.05 -31.24
N PRO A 80 5.54 -41.56 -30.91
CA PRO A 80 5.36 -40.11 -30.74
C PRO A 80 6.18 -39.60 -29.58
N LEU A 81 6.46 -38.30 -29.58
CA LEU A 81 7.22 -37.68 -28.49
C LEU A 81 6.33 -36.74 -27.70
N TYR A 82 6.24 -36.96 -26.39
CA TYR A 82 5.33 -36.15 -25.55
C TYR A 82 6.05 -35.02 -24.84
N LEU A 83 5.58 -33.80 -25.05
CA LEU A 83 6.10 -32.64 -24.34
C LEU A 83 5.02 -32.08 -23.39
N ALA A 84 5.46 -31.57 -22.24
CA ALA A 84 4.53 -31.08 -21.24
C ALA A 84 5.27 -30.27 -20.17
N HIS A 85 4.62 -29.24 -19.65
CA HIS A 85 5.20 -28.39 -18.63
C HIS A 85 4.09 -27.82 -17.78
N GLU A 86 4.30 -27.77 -16.47
CA GLU A 86 3.22 -27.60 -15.51
C GLU A 86 3.70 -26.84 -14.24
N VAL A 87 2.98 -25.82 -13.79
CA VAL A 87 3.35 -25.20 -12.52
C VAL A 87 2.47 -25.77 -11.40
N GLN A 88 3.11 -26.44 -10.44
CA GLN A 88 2.41 -27.23 -9.42
C GLN A 88 2.47 -26.55 -8.07
N LEU A 89 1.49 -26.85 -7.22
CA LEU A 89 1.51 -26.40 -5.84
C LEU A 89 1.55 -27.63 -4.98
N PHE A 90 2.55 -27.76 -4.10
CA PHE A 90 2.67 -28.99 -3.32
C PHE A 90 1.47 -29.03 -2.39
N SER A 91 0.94 -30.22 -2.19
CA SER A 91 -0.19 -30.44 -1.29
C SER A 91 0.12 -31.58 -0.31
N SER A 92 -0.52 -31.56 0.86
CA SER A 92 -0.29 -32.58 1.87
C SER A 92 -1.12 -33.78 1.58
N GLN A 93 -2.15 -33.57 0.77
CA GLN A 93 -3.12 -34.63 0.47
C GLN A 93 -2.53 -35.67 -0.48
N TYR A 94 -3.21 -35.92 -1.58
CA TYR A 94 -2.73 -36.83 -2.62
C TYR A 94 -3.31 -36.25 -3.87
N PRO A 95 -2.58 -36.29 -5.00
CA PRO A 95 -1.27 -36.86 -5.29
C PRO A 95 -0.20 -35.87 -4.92
N PHE A 96 -0.39 -35.18 -3.80
CA PHE A 96 0.60 -34.29 -3.24
C PHE A 96 0.90 -33.08 -4.12
N HIS A 97 0.51 -33.09 -5.39
CA HIS A 97 0.65 -31.88 -6.21
C HIS A 97 -0.65 -31.54 -6.88
N VAL A 98 -1.05 -30.27 -6.80
CA VAL A 98 -2.20 -29.81 -7.56
C VAL A 98 -1.74 -28.85 -8.66
N PRO A 99 -2.21 -29.08 -9.89
CA PRO A 99 -1.85 -28.31 -11.08
C PRO A 99 -2.41 -26.88 -11.07
N LEU A 100 -1.54 -25.92 -11.32
CA LEU A 100 -1.94 -24.54 -11.41
C LEU A 100 -2.02 -24.08 -12.86
N LEU A 101 -1.06 -24.54 -13.67
CA LEU A 101 -0.90 -24.08 -15.05
C LEU A 101 -0.30 -25.22 -15.89
N SER A 102 -0.93 -25.56 -17.02
CA SER A 102 -0.53 -26.78 -17.74
C SER A 102 -0.56 -26.58 -19.23
N SER A 103 0.42 -27.16 -19.92
CA SER A 103 0.42 -27.19 -21.38
C SER A 103 1.01 -28.50 -21.90
N GLN A 104 0.56 -28.95 -23.08
CA GLN A 104 1.12 -30.11 -23.75
C GLN A 104 1.43 -29.81 -25.23
N LYS A 105 2.27 -30.63 -25.85
CA LYS A 105 2.36 -30.71 -27.32
C LYS A 105 2.83 -32.12 -27.66
N MET A 106 2.69 -32.55 -28.91
CA MET A 106 2.80 -33.97 -29.16
C MET A 106 3.72 -34.40 -30.31
N VAL A 107 4.61 -33.53 -30.78
CA VAL A 107 5.56 -33.86 -31.91
C VAL A 107 5.69 -35.31 -32.46
N TYR A 108 5.34 -35.52 -33.72
CA TYR A 108 5.26 -36.88 -34.32
C TYR A 108 6.43 -37.20 -35.31
N PRO A 109 6.78 -38.49 -35.45
CA PRO A 109 7.88 -39.07 -36.25
C PRO A 109 8.28 -38.49 -37.60
N GLY A 110 7.48 -38.69 -38.64
CA GLY A 110 7.91 -38.40 -40.01
C GLY A 110 8.11 -36.94 -40.39
N LEU A 111 8.97 -36.23 -39.65
CA LEU A 111 9.21 -34.81 -39.88
C LEU A 111 10.55 -34.55 -40.58
N GLN A 112 10.48 -34.13 -41.84
CA GLN A 112 11.66 -33.92 -42.65
C GLN A 112 12.52 -32.71 -42.21
N GLU A 113 12.06 -31.95 -41.21
CA GLU A 113 12.77 -30.74 -40.74
C GLU A 113 12.86 -30.65 -39.21
N PRO A 114 13.82 -29.88 -38.68
CA PRO A 114 13.88 -29.76 -37.22
C PRO A 114 12.68 -29.00 -36.64
N TRP A 115 12.31 -29.31 -35.41
CA TRP A 115 11.14 -28.70 -34.78
C TRP A 115 11.50 -27.86 -33.57
N LEU A 116 10.53 -27.09 -33.09
CA LEU A 116 10.73 -26.22 -31.95
C LEU A 116 9.40 -25.80 -31.38
N HIS A 117 9.08 -26.23 -30.16
CA HIS A 117 7.80 -25.89 -29.53
C HIS A 117 7.99 -25.14 -28.23
N SER A 118 7.13 -24.14 -28.02
CA SER A 118 7.29 -23.21 -26.92
C SER A 118 6.01 -23.10 -26.08
N MET A 119 6.15 -23.12 -24.76
CA MET A 119 4.99 -23.10 -23.86
C MET A 119 5.08 -22.02 -22.78
N TYR A 120 4.16 -21.04 -22.82
CA TYR A 120 4.09 -20.00 -21.78
C TYR A 120 2.76 -19.97 -21.05
N HIS A 121 2.78 -19.62 -19.76
CA HIS A 121 1.54 -19.31 -19.03
C HIS A 121 1.78 -18.65 -17.69
N GLY A 122 0.84 -17.78 -17.31
CA GLY A 122 0.84 -17.17 -15.99
C GLY A 122 -0.54 -16.80 -15.49
N ALA A 123 -0.75 -16.86 -14.17
CA ALA A 123 -2.03 -16.49 -13.57
C ALA A 123 -1.89 -16.02 -12.11
N ALA A 124 -2.95 -15.41 -11.60
CA ALA A 124 -2.96 -14.98 -10.20
C ALA A 124 -3.49 -16.07 -9.31
N PHE A 125 -2.81 -16.30 -8.19
CA PHE A 125 -3.22 -17.37 -7.28
C PHE A 125 -3.17 -16.86 -5.87
N GLN A 126 -4.08 -17.34 -5.04
CA GLN A 126 -4.05 -17.11 -3.62
C GLN A 126 -3.19 -18.14 -2.93
N LEU A 127 -2.04 -17.77 -2.43
CA LEU A 127 -1.18 -18.72 -1.76
C LEU A 127 -1.00 -18.28 -0.30
N THR A 128 -0.51 -19.20 0.53
CA THR A 128 -0.18 -18.86 1.90
C THR A 128 1.31 -19.13 2.13
N GLN A 129 1.82 -18.64 3.26
CA GLN A 129 3.25 -18.68 3.55
C GLN A 129 3.70 -20.10 3.78
N GLY A 130 4.71 -20.53 3.02
CA GLY A 130 5.23 -21.88 3.19
C GLY A 130 4.81 -22.77 2.04
N ASP A 131 3.83 -22.32 1.25
CA ASP A 131 3.40 -23.06 0.06
C ASP A 131 4.61 -23.30 -0.81
N GLN A 132 4.62 -24.40 -1.55
CA GLN A 132 5.77 -24.70 -2.39
C GLN A 132 5.38 -24.74 -3.87
N LEU A 133 5.93 -23.81 -4.63
CA LEU A 133 5.75 -23.83 -6.08
C LEU A 133 6.85 -24.67 -6.76
N SER A 134 6.47 -25.58 -7.64
CA SER A 134 7.44 -26.36 -8.37
C SER A 134 6.94 -26.49 -9.79
N THR A 135 7.73 -27.12 -10.66
CA THR A 135 7.26 -27.43 -11.99
C THR A 135 7.64 -28.83 -12.38
N HIS A 136 6.65 -29.58 -12.85
CA HIS A 136 6.89 -30.85 -13.52
C HIS A 136 7.06 -30.64 -15.01
N THR A 137 8.03 -31.34 -15.60
CA THR A 137 8.27 -31.20 -17.02
C THR A 137 8.38 -32.58 -17.64
N ASP A 138 7.77 -32.76 -18.80
CA ASP A 138 7.93 -33.97 -19.62
C ASP A 138 8.68 -33.64 -20.90
N GLY A 139 9.77 -34.33 -21.18
CA GLY A 139 10.54 -34.05 -22.37
C GLY A 139 11.78 -33.25 -22.06
N ILE A 140 12.31 -33.47 -20.86
CA ILE A 140 13.43 -32.67 -20.34
C ILE A 140 14.65 -32.54 -21.24
N PRO A 141 15.12 -33.65 -21.86
CA PRO A 141 16.27 -33.56 -22.76
C PRO A 141 16.15 -32.53 -23.87
N HIS A 142 14.93 -32.28 -24.34
CA HIS A 142 14.73 -31.42 -25.50
C HIS A 142 14.58 -29.96 -25.11
N LEU A 143 14.89 -29.64 -23.86
CA LEU A 143 14.74 -28.28 -23.37
C LEU A 143 15.86 -27.36 -23.82
N VAL A 144 15.50 -26.15 -24.22
CA VAL A 144 16.51 -25.14 -24.56
C VAL A 144 16.90 -24.35 -23.29
N LEU A 145 18.01 -24.75 -22.68
CA LEU A 145 18.42 -24.15 -21.40
C LEU A 145 19.23 -22.85 -21.53
N SER A 146 18.50 -21.75 -21.60
CA SER A 146 19.09 -20.41 -21.66
C SER A 146 18.13 -19.47 -20.94
N PRO A 147 18.66 -18.37 -20.39
CA PRO A 147 17.87 -17.48 -19.54
C PRO A 147 16.64 -16.85 -20.17
N SER A 148 16.61 -16.66 -21.48
CA SER A 148 15.47 -16.00 -22.09
C SER A 148 14.41 -16.99 -22.60
N THR A 149 14.71 -18.28 -22.47
CA THR A 149 13.82 -19.31 -23.01
C THR A 149 13.20 -20.26 -21.99
N VAL A 150 13.91 -20.58 -20.92
CA VAL A 150 13.34 -21.39 -19.85
C VAL A 150 13.46 -20.76 -18.46
N PHE A 151 12.32 -20.41 -17.89
CA PHE A 151 12.26 -19.69 -16.61
C PHE A 151 10.93 -19.94 -15.86
N PHE A 152 10.94 -19.61 -14.57
CA PHE A 152 9.87 -19.90 -13.63
C PHE A 152 9.94 -18.71 -12.68
N GLY A 153 8.80 -18.16 -12.33
CA GLY A 153 8.83 -16.92 -11.57
C GLY A 153 7.50 -16.62 -10.92
N ALA A 154 7.56 -15.79 -9.89
CA ALA A 154 6.36 -15.42 -9.16
C ALA A 154 6.59 -14.08 -8.49
N PHE A 155 5.55 -13.28 -8.42
CA PHE A 155 5.67 -12.05 -7.64
C PHE A 155 4.38 -11.70 -6.90
N ALA A 156 4.54 -10.93 -5.84
CA ALA A 156 3.42 -10.58 -5.00
C ALA A 156 2.63 -9.44 -5.60
N LEU A 157 1.32 -9.44 -5.38
CA LEU A 157 0.48 -8.35 -5.84
C LEU A 157 0.15 -7.42 -4.68
N LYS B 14 1.84 3.98 -9.70
CA LYS B 14 2.65 2.92 -10.34
C LYS B 14 2.80 3.07 -11.86
N PRO B 15 4.04 3.10 -12.37
CA PRO B 15 4.37 3.20 -13.79
C PRO B 15 3.92 2.00 -14.61
N ALA B 16 3.42 2.27 -15.81
CA ALA B 16 2.92 1.23 -16.69
C ALA B 16 2.87 1.80 -18.08
N ALA B 17 2.93 0.91 -19.06
CA ALA B 17 2.91 1.28 -20.46
C ALA B 17 2.50 0.09 -21.30
N HIS B 18 1.68 0.33 -22.30
CA HIS B 18 1.26 -0.72 -23.21
C HIS B 18 1.37 -0.14 -24.60
N LEU B 19 2.19 -0.75 -25.44
CA LEU B 19 2.42 -0.23 -26.79
C LEU B 19 1.82 -1.08 -27.92
N ILE B 20 1.60 -0.44 -29.06
CA ILE B 20 0.89 -1.03 -30.17
C ILE B 20 1.70 -0.73 -31.44
N GLY B 21 1.56 -1.58 -32.45
CA GLY B 21 2.18 -1.32 -33.73
C GLY B 21 1.48 -0.24 -34.53
N ASP B 22 2.22 0.47 -35.37
CA ASP B 22 1.59 1.38 -36.31
C ASP B 22 1.32 0.56 -37.57
N PRO B 23 0.04 0.42 -37.95
CA PRO B 23 -0.34 -0.31 -39.16
C PRO B 23 0.01 0.44 -40.44
N SER B 24 0.39 1.71 -40.31
CA SER B 24 0.68 2.55 -41.46
C SER B 24 2.10 2.35 -41.98
N LYS B 25 2.74 1.26 -41.57
CA LYS B 25 4.15 1.06 -41.89
C LYS B 25 4.40 -0.25 -42.63
N GLN B 26 3.87 -1.35 -42.09
CA GLN B 26 3.83 -2.65 -42.76
C GLN B 26 5.20 -3.23 -43.11
N ASN B 27 6.22 -2.38 -43.14
CA ASN B 27 7.59 -2.83 -43.33
C ASN B 27 8.46 -2.46 -42.14
N SER B 28 7.81 -2.02 -41.08
CA SER B 28 8.48 -1.69 -39.83
C SER B 28 7.49 -1.92 -38.70
N LEU B 29 8.03 -2.19 -37.53
CA LEU B 29 7.21 -2.28 -36.35
C LEU B 29 7.55 -1.08 -35.49
N LEU B 30 6.87 0.03 -35.71
CA LEU B 30 7.16 1.21 -34.92
C LEU B 30 6.12 1.31 -33.82
N TRP B 31 6.59 1.33 -32.58
CA TRP B 31 5.70 1.30 -31.42
C TRP B 31 5.05 2.65 -31.18
N ARG B 32 3.80 2.62 -30.71
CA ARG B 32 3.14 3.82 -30.25
C ARG B 32 2.30 3.63 -28.98
N ALA B 33 1.88 4.75 -28.40
CA ALA B 33 1.26 4.74 -27.08
C ALA B 33 0.21 5.82 -27.01
N ASN B 34 -0.13 6.38 -28.15
CA ASN B 34 -1.02 7.53 -28.20
C ASN B 34 -2.38 7.26 -28.83
N THR B 35 -2.92 6.06 -28.63
CA THR B 35 -4.28 5.77 -29.08
C THR B 35 -5.19 5.24 -27.99
N ASP B 36 -6.37 4.83 -28.42
CA ASP B 36 -7.23 3.99 -27.61
C ASP B 36 -6.50 2.66 -27.55
N ARG B 37 -6.43 2.12 -26.34
CA ARG B 37 -5.82 0.81 -26.07
C ARG B 37 -4.30 0.81 -25.87
N ALA B 38 -3.66 1.96 -26.09
CA ALA B 38 -2.22 2.10 -25.82
C ALA B 38 -1.97 3.29 -24.91
N PHE B 39 -0.91 3.22 -24.10
CA PHE B 39 -0.66 4.29 -23.12
C PHE B 39 0.73 4.27 -22.50
N LEU B 40 1.17 5.44 -22.06
CA LEU B 40 2.25 5.58 -21.09
C LEU B 40 1.57 6.06 -19.83
N GLN B 41 2.11 5.71 -18.68
CA GLN B 41 1.53 6.18 -17.44
C GLN B 41 2.55 6.28 -16.34
N ASP B 42 2.48 7.36 -15.57
CA ASP B 42 3.40 7.61 -14.47
C ASP B 42 4.89 7.54 -14.85
N GLY B 43 5.28 8.13 -15.97
CA GLY B 43 6.69 8.35 -16.21
C GLY B 43 7.35 7.59 -17.33
N PHE B 44 6.67 6.59 -17.87
CA PHE B 44 7.22 5.90 -19.01
C PHE B 44 7.37 6.86 -20.20
N SER B 45 8.18 6.50 -21.18
CA SER B 45 8.48 7.36 -22.32
C SER B 45 9.18 6.58 -23.41
N LEU B 46 8.96 6.97 -24.67
CA LEU B 46 9.65 6.34 -25.78
C LEU B 46 10.83 7.19 -26.20
N SER B 47 11.91 6.49 -26.56
CA SER B 47 13.08 7.11 -27.15
C SER B 47 13.54 6.26 -28.33
N ASN B 48 13.29 6.74 -29.54
CA ASN B 48 13.68 6.05 -30.78
C ASN B 48 13.29 4.59 -30.78
N ASN B 49 11.99 4.36 -30.71
CA ASN B 49 11.38 3.03 -30.70
C ASN B 49 11.68 2.12 -29.50
N SER B 50 12.37 2.65 -28.49
CA SER B 50 12.58 1.93 -27.24
C SER B 50 11.60 2.47 -26.23
N LEU B 51 11.33 1.67 -25.21
CA LEU B 51 10.55 2.11 -24.06
C LEU B 51 11.55 2.35 -22.91
N LEU B 52 11.40 3.49 -22.24
CA LEU B 52 12.38 3.98 -21.27
C LEU B 52 11.95 3.76 -19.83
N VAL B 53 12.70 2.95 -19.10
CA VAL B 53 12.38 2.67 -17.71
C VAL B 53 12.47 3.94 -16.85
N PRO B 54 11.36 4.32 -16.20
CA PRO B 54 11.25 5.60 -15.48
C PRO B 54 12.01 5.66 -14.16
N THR B 55 11.98 4.59 -13.35
CA THR B 55 12.80 4.50 -12.15
C THR B 55 13.27 3.09 -11.98
N SER B 56 14.31 2.92 -11.18
CA SER B 56 14.86 1.59 -10.88
C SER B 56 13.89 0.81 -10.01
N GLY B 57 13.83 -0.50 -10.21
CA GLY B 57 12.85 -1.34 -9.56
C GLY B 57 12.56 -2.56 -10.42
N ILE B 58 11.71 -3.47 -9.93
CA ILE B 58 11.32 -4.65 -10.70
C ILE B 58 10.14 -4.33 -11.63
N TYR B 59 10.16 -4.93 -12.82
CA TYR B 59 9.12 -4.70 -13.81
C TYR B 59 8.72 -6.00 -14.48
N PHE B 60 7.41 -6.23 -14.61
CA PHE B 60 6.93 -7.27 -15.49
C PHE B 60 6.96 -6.73 -16.89
N VAL B 61 7.65 -7.42 -17.77
CA VAL B 61 7.75 -6.99 -19.17
C VAL B 61 7.18 -8.08 -20.08
N TYR B 62 6.34 -7.69 -21.04
CA TYR B 62 5.67 -8.65 -21.89
C TYR B 62 5.54 -8.12 -23.32
N SER B 63 5.36 -9.04 -24.26
CA SER B 63 5.18 -8.68 -25.66
C SER B 63 4.56 -9.83 -26.44
N GLN B 64 3.67 -9.51 -27.38
CA GLN B 64 3.04 -10.50 -28.24
C GLN B 64 3.19 -10.14 -29.71
N VAL B 65 3.43 -11.14 -30.56
CA VAL B 65 3.34 -10.94 -32.00
C VAL B 65 2.58 -12.06 -32.65
N VAL B 66 2.08 -11.80 -33.85
CA VAL B 66 1.35 -12.74 -34.68
C VAL B 66 1.82 -12.58 -36.13
N PHE B 67 2.29 -13.68 -36.74
CA PHE B 67 2.66 -13.71 -38.16
C PHE B 67 1.68 -14.62 -38.94
N SER B 68 1.45 -14.35 -40.23
CA SER B 68 0.63 -15.21 -41.09
C SER B 68 1.10 -15.13 -42.56
N GLY B 69 0.49 -15.92 -43.47
CA GLY B 69 0.81 -15.89 -44.89
C GLY B 69 0.37 -17.04 -45.82
N LYS B 70 0.88 -17.03 -47.06
CA LYS B 70 0.86 -18.13 -48.05
C LYS B 70 -0.41 -18.97 -48.21
N SER B 78 11.46 -20.94 -52.30
CA SER B 78 12.84 -21.40 -52.42
C SER B 78 13.34 -21.95 -51.09
N SER B 79 13.38 -21.06 -50.09
CA SER B 79 14.09 -21.30 -48.84
C SER B 79 13.19 -21.10 -47.64
N PRO B 80 13.58 -21.67 -46.47
CA PRO B 80 12.88 -21.56 -45.19
C PRO B 80 12.67 -20.13 -44.70
N LEU B 81 11.51 -19.86 -44.12
CA LEU B 81 11.20 -18.52 -43.62
C LEU B 81 11.39 -18.41 -42.11
N TYR B 82 12.36 -17.61 -41.72
CA TYR B 82 12.73 -17.50 -40.33
C TYR B 82 11.94 -16.40 -39.66
N LEU B 83 11.07 -16.79 -38.72
CA LEU B 83 10.36 -15.85 -37.85
C LEU B 83 11.04 -15.84 -36.48
N ALA B 84 10.91 -14.71 -35.78
CA ALA B 84 11.64 -14.45 -34.54
C ALA B 84 11.11 -13.17 -33.96
N HIS B 85 11.25 -13.00 -32.64
CA HIS B 85 10.79 -11.78 -31.97
C HIS B 85 11.24 -11.82 -30.52
N GLU B 86 11.89 -10.74 -30.13
CA GLU B 86 12.74 -10.71 -28.97
C GLU B 86 12.51 -9.41 -28.20
N VAL B 87 12.47 -9.46 -26.88
CA VAL B 87 12.46 -8.23 -26.10
C VAL B 87 13.86 -8.01 -25.56
N GLN B 88 14.43 -6.86 -25.87
CA GLN B 88 15.83 -6.61 -25.55
C GLN B 88 16.06 -5.49 -24.56
N LEU B 89 17.19 -5.56 -23.88
CA LEU B 89 17.64 -4.48 -23.02
C LEU B 89 18.92 -3.93 -23.63
N PHE B 90 18.94 -2.64 -23.96
CA PHE B 90 20.16 -2.02 -24.48
C PHE B 90 21.21 -1.96 -23.36
N SER B 91 22.46 -2.21 -23.71
CA SER B 91 23.56 -2.15 -22.75
C SER B 91 24.71 -1.35 -23.36
N SER B 92 25.66 -0.97 -22.52
CA SER B 92 26.83 -0.24 -23.00
C SER B 92 27.90 -1.17 -23.57
N GLN B 93 28.09 -2.35 -22.96
CA GLN B 93 29.13 -3.29 -23.41
C GLN B 93 28.77 -4.10 -24.65
N TYR B 94 29.72 -4.93 -25.08
CA TYR B 94 29.59 -5.77 -26.28
C TYR B 94 28.31 -6.60 -26.27
N PRO B 95 27.88 -6.95 -27.48
CA PRO B 95 26.52 -7.31 -27.75
C PRO B 95 25.91 -5.98 -28.10
N PHE B 96 25.80 -5.13 -27.06
CA PHE B 96 25.02 -3.88 -27.00
C PHE B 96 23.57 -4.21 -26.70
N HIS B 97 23.22 -5.49 -26.82
CA HIS B 97 21.85 -5.95 -26.71
C HIS B 97 21.80 -7.31 -26.05
N VAL B 98 21.26 -7.39 -24.85
CA VAL B 98 21.03 -8.68 -24.21
C VAL B 98 19.55 -9.03 -24.31
N PRO B 99 19.24 -10.27 -24.70
CA PRO B 99 17.87 -10.76 -24.80
C PRO B 99 17.24 -11.09 -23.45
N LEU B 100 16.04 -10.57 -23.21
CA LEU B 100 15.31 -10.92 -22.01
C LEU B 100 14.28 -11.99 -22.33
N LEU B 101 13.64 -11.85 -23.48
CA LEU B 101 12.61 -12.80 -23.91
C LEU B 101 12.78 -13.16 -25.40
N SER B 102 12.78 -14.45 -25.72
CA SER B 102 13.06 -14.90 -27.10
C SER B 102 12.06 -15.93 -27.59
N SER B 103 11.64 -15.81 -28.84
CA SER B 103 10.95 -16.90 -29.52
C SER B 103 11.32 -16.98 -31.00
N GLN B 104 11.42 -18.20 -31.52
CA GLN B 104 11.55 -18.44 -32.97
C GLN B 104 10.51 -19.43 -33.47
N LYS B 105 10.20 -19.34 -34.75
CA LYS B 105 9.53 -20.44 -35.45
C LYS B 105 10.15 -20.44 -36.86
N MET B 106 9.80 -21.41 -37.67
CA MET B 106 10.41 -21.53 -38.95
C MET B 106 9.38 -22.25 -39.75
N VAL B 107 8.64 -21.48 -40.50
CA VAL B 107 7.78 -21.97 -41.59
C VAL B 107 8.48 -22.34 -42.92
N TYR B 108 8.18 -23.53 -43.43
CA TYR B 108 8.84 -24.14 -44.58
C TYR B 108 7.99 -24.12 -45.86
N PRO B 109 8.62 -24.31 -47.03
CA PRO B 109 8.03 -24.43 -48.37
C PRO B 109 6.66 -25.08 -48.54
N GLY B 110 6.60 -26.36 -48.91
CA GLY B 110 5.37 -27.01 -49.38
C GLY B 110 4.17 -27.05 -48.44
N LEU B 111 3.54 -25.89 -48.26
CA LEU B 111 2.38 -25.71 -47.39
C LEU B 111 1.13 -25.40 -48.20
N GLN B 112 0.30 -26.42 -48.43
CA GLN B 112 -0.88 -26.25 -49.29
C GLN B 112 -1.96 -25.35 -48.69
N GLU B 113 -1.78 -24.89 -47.45
CA GLU B 113 -2.76 -24.05 -46.76
C GLU B 113 -2.10 -22.87 -46.03
N PRO B 114 -2.83 -21.75 -45.88
CA PRO B 114 -2.25 -20.57 -45.21
C PRO B 114 -1.88 -20.83 -43.74
N TRP B 115 -0.84 -20.15 -43.27
CA TRP B 115 -0.29 -20.42 -41.95
C TRP B 115 -0.40 -19.22 -41.02
N LEU B 116 -0.10 -19.43 -39.74
CA LEU B 116 -0.34 -18.44 -38.72
C LEU B 116 0.37 -18.81 -37.42
N HIS B 117 1.43 -18.10 -37.07
CA HIS B 117 2.16 -18.39 -35.83
C HIS B 117 2.12 -17.20 -34.88
N SER B 118 2.00 -17.51 -33.59
CA SER B 118 1.76 -16.50 -32.55
C SER B 118 2.72 -16.66 -31.39
N MET B 119 3.42 -15.59 -31.03
CA MET B 119 4.42 -15.64 -29.95
C MET B 119 4.08 -14.71 -28.80
N TYR B 120 3.96 -15.25 -27.60
CA TYR B 120 3.70 -14.44 -26.40
C TYR B 120 4.63 -14.76 -25.26
N HIS B 121 5.17 -13.76 -24.58
CA HIS B 121 5.85 -14.01 -23.33
C HIS B 121 6.07 -12.79 -22.50
N GLY B 122 6.36 -12.99 -21.24
CA GLY B 122 6.54 -11.95 -20.27
C GLY B 122 7.25 -12.51 -19.06
N ALA B 123 7.99 -11.66 -18.35
CA ALA B 123 8.66 -12.07 -17.13
C ALA B 123 9.02 -10.83 -16.33
N ALA B 124 9.47 -11.04 -15.09
CA ALA B 124 9.91 -9.97 -14.20
C ALA B 124 11.41 -9.76 -14.36
N PHE B 125 11.81 -8.50 -14.36
CA PHE B 125 13.21 -8.12 -14.57
C PHE B 125 13.55 -6.94 -13.69
N GLN B 126 14.64 -7.04 -12.97
CA GLN B 126 15.12 -5.88 -12.24
C GLN B 126 15.76 -4.97 -13.27
N LEU B 127 15.30 -3.72 -13.31
CA LEU B 127 15.80 -2.74 -14.26
C LEU B 127 16.15 -1.46 -13.50
N THR B 128 16.89 -0.57 -14.15
CA THR B 128 17.24 0.72 -13.55
C THR B 128 16.73 1.90 -14.36
N GLN B 129 16.82 3.08 -13.77
CA GLN B 129 16.25 4.25 -14.41
C GLN B 129 17.06 4.61 -15.67
N GLY B 130 16.36 4.74 -16.80
CA GLY B 130 17.03 5.11 -18.03
C GLY B 130 17.41 3.93 -18.90
N ASP B 131 17.16 2.71 -18.38
CA ASP B 131 17.31 1.50 -19.18
C ASP B 131 16.40 1.56 -20.40
N GLN B 132 16.80 0.87 -21.45
CA GLN B 132 16.04 0.90 -22.71
C GLN B 132 15.51 -0.47 -23.13
N LEU B 133 14.20 -0.61 -23.10
CA LEU B 133 13.57 -1.82 -23.62
C LEU B 133 13.18 -1.63 -25.09
N SER B 134 13.72 -2.47 -25.97
CA SER B 134 13.38 -2.49 -27.38
C SER B 134 12.94 -3.90 -27.82
N THR B 135 12.38 -4.02 -29.02
CA THR B 135 12.13 -5.34 -29.60
C THR B 135 12.65 -5.49 -31.02
N HIS B 136 13.25 -6.64 -31.27
CA HIS B 136 13.76 -6.98 -32.59
C HIS B 136 12.94 -8.12 -33.16
N THR B 137 12.61 -8.01 -34.45
CA THR B 137 11.71 -8.95 -35.06
C THR B 137 12.28 -9.45 -36.38
N ASP B 138 12.07 -10.73 -36.67
CA ASP B 138 12.36 -11.29 -37.99
C ASP B 138 11.07 -11.77 -38.65
N GLY B 139 10.78 -11.26 -39.84
CA GLY B 139 9.56 -11.62 -40.51
C GLY B 139 8.53 -10.53 -40.33
N ILE B 140 9.03 -9.30 -40.22
CA ILE B 140 8.17 -8.12 -40.10
C ILE B 140 7.13 -7.95 -41.20
N PRO B 141 7.48 -8.27 -42.46
CA PRO B 141 6.43 -8.23 -43.49
C PRO B 141 5.24 -9.14 -43.18
N HIS B 142 5.44 -10.13 -42.32
CA HIS B 142 4.41 -11.11 -42.08
C HIS B 142 3.58 -10.80 -40.84
N LEU B 143 3.89 -9.68 -40.20
CA LEU B 143 3.21 -9.32 -38.95
C LEU B 143 1.75 -8.99 -39.17
N VAL B 144 0.95 -9.24 -38.13
CA VAL B 144 -0.46 -8.91 -38.17
C VAL B 144 -0.70 -7.70 -37.28
N LEU B 145 -0.60 -6.51 -37.87
CA LEU B 145 -0.71 -5.28 -37.10
C LEU B 145 -2.13 -4.95 -36.66
N SER B 146 -2.47 -5.36 -35.45
CA SER B 146 -3.67 -4.89 -34.78
C SER B 146 -3.40 -4.79 -33.27
N PRO B 147 -4.18 -3.95 -32.57
CA PRO B 147 -4.04 -3.65 -31.16
C PRO B 147 -4.09 -4.85 -30.24
N SER B 148 -4.76 -5.91 -30.68
CA SER B 148 -4.96 -7.06 -29.83
C SER B 148 -4.07 -8.20 -30.24
N THR B 149 -3.28 -8.00 -31.29
CA THR B 149 -2.43 -9.09 -31.76
C THR B 149 -0.95 -8.76 -31.72
N VAL B 150 -0.59 -7.48 -31.76
CA VAL B 150 0.81 -7.12 -31.61
C VAL B 150 1.02 -5.98 -30.64
N PHE B 151 1.67 -6.30 -29.53
CA PHE B 151 1.85 -5.34 -28.45
C PHE B 151 3.11 -5.56 -27.61
N PHE B 152 3.47 -4.52 -26.89
CA PHE B 152 4.69 -4.50 -26.12
C PHE B 152 4.33 -3.70 -24.87
N GLY B 153 4.60 -4.27 -23.70
CA GLY B 153 4.14 -3.63 -22.48
C GLY B 153 5.01 -3.90 -21.27
N ALA B 154 4.90 -3.04 -20.28
CA ALA B 154 5.71 -3.17 -19.09
C ALA B 154 5.01 -2.52 -17.91
N PHE B 155 5.14 -3.09 -16.70
CA PHE B 155 4.62 -2.39 -15.54
C PHE B 155 5.39 -2.65 -14.25
N ALA B 156 5.43 -1.65 -13.38
CA ALA B 156 6.25 -1.69 -12.18
C ALA B 156 5.58 -2.58 -11.16
N LEU B 157 6.37 -3.39 -10.46
CA LEU B 157 5.79 -4.26 -9.43
C LEU B 157 5.60 -3.51 -8.11
N LYS C 14 -6.17 -4.45 -2.84
CA LYS C 14 -5.99 -4.62 -4.30
C LYS C 14 -6.79 -5.77 -4.94
N PRO C 15 -7.74 -5.45 -5.85
CA PRO C 15 -8.66 -6.36 -6.53
C PRO C 15 -7.96 -7.39 -7.39
N ALA C 16 -8.55 -8.57 -7.53
CA ALA C 16 -7.97 -9.65 -8.32
C ALA C 16 -9.02 -10.71 -8.49
N ALA C 17 -9.06 -11.34 -9.66
CA ALA C 17 -9.93 -12.49 -9.87
C ALA C 17 -9.24 -13.51 -10.76
N HIS C 18 -9.49 -14.80 -10.49
CA HIS C 18 -9.03 -15.87 -11.35
C HIS C 18 -10.23 -16.76 -11.59
N LEU C 19 -10.71 -16.80 -12.83
CA LEU C 19 -11.88 -17.59 -13.18
C LEU C 19 -11.55 -18.80 -14.04
N ILE C 20 -12.46 -19.75 -14.01
CA ILE C 20 -12.17 -21.10 -14.38
C ILE C 20 -13.45 -21.68 -15.07
N GLY C 21 -13.29 -22.62 -15.98
CA GLY C 21 -14.45 -23.16 -16.69
C GLY C 21 -15.27 -24.20 -15.92
N ASP C 22 -16.57 -24.22 -16.17
CA ASP C 22 -17.45 -25.24 -15.61
C ASP C 22 -17.47 -26.40 -16.60
N PRO C 23 -17.01 -27.59 -16.16
CA PRO C 23 -16.89 -28.74 -17.07
C PRO C 23 -18.21 -29.49 -17.17
N SER C 24 -19.19 -29.02 -16.43
CA SER C 24 -20.53 -29.60 -16.50
C SER C 24 -21.33 -28.99 -17.66
N LYS C 25 -20.64 -28.39 -18.62
CA LYS C 25 -21.34 -27.71 -19.70
C LYS C 25 -20.90 -28.20 -21.07
N GLN C 26 -19.59 -28.21 -21.31
CA GLN C 26 -18.98 -28.83 -22.50
C GLN C 26 -19.48 -28.28 -23.84
N ASN C 27 -20.47 -27.41 -23.79
CA ASN C 27 -20.99 -26.77 -24.99
C ASN C 27 -21.28 -25.29 -24.75
N SER C 28 -20.83 -24.83 -23.59
CA SER C 28 -20.77 -23.42 -23.26
C SER C 28 -19.60 -23.30 -22.30
N LEU C 29 -18.91 -22.16 -22.35
CA LEU C 29 -17.82 -21.94 -21.43
C LEU C 29 -18.28 -20.94 -20.36
N LEU C 30 -18.85 -21.47 -19.27
CA LEU C 30 -19.31 -20.63 -18.17
C LEU C 30 -18.25 -20.51 -17.08
N TRP C 31 -17.92 -19.27 -16.73
CA TRP C 31 -16.86 -19.00 -15.78
C TRP C 31 -17.36 -19.06 -14.33
N ARG C 32 -16.49 -19.51 -13.45
CA ARG C 32 -16.79 -19.43 -12.05
C ARG C 32 -15.57 -19.17 -11.19
N ALA C 33 -15.80 -18.57 -10.04
CA ALA C 33 -14.75 -18.12 -9.14
C ALA C 33 -15.01 -18.71 -7.78
N ASN C 34 -15.83 -19.75 -7.72
CA ASN C 34 -16.25 -20.27 -6.42
C ASN C 34 -15.67 -21.60 -6.01
N THR C 35 -14.64 -22.06 -6.72
CA THR C 35 -14.02 -23.34 -6.36
C THR C 35 -12.62 -23.16 -5.80
N ASP C 36 -11.96 -24.28 -5.61
CA ASP C 36 -10.56 -24.25 -5.31
C ASP C 36 -9.85 -23.74 -6.55
N ARG C 37 -8.83 -22.93 -6.31
CA ARG C 37 -8.00 -22.32 -7.37
C ARG C 37 -8.61 -21.08 -8.04
N ALA C 38 -9.93 -20.98 -8.04
CA ALA C 38 -10.57 -19.78 -8.56
C ALA C 38 -11.14 -18.89 -7.44
N PHE C 39 -11.23 -17.58 -7.69
CA PHE C 39 -11.63 -16.66 -6.62
C PHE C 39 -11.95 -15.27 -7.13
N LEU C 40 -12.66 -14.50 -6.31
CA LEU C 40 -12.79 -13.07 -6.46
C LEU C 40 -12.15 -12.48 -5.22
N GLN C 41 -11.42 -11.38 -5.39
CA GLN C 41 -10.84 -10.71 -4.24
C GLN C 41 -11.07 -9.23 -4.35
N ASP C 42 -11.45 -8.62 -3.24
CA ASP C 42 -11.45 -7.17 -3.08
C ASP C 42 -12.26 -6.38 -4.10
N GLY C 43 -13.41 -6.88 -4.52
CA GLY C 43 -14.33 -6.07 -5.29
C GLY C 43 -14.82 -6.64 -6.60
N PHE C 44 -14.15 -7.66 -7.10
CA PHE C 44 -14.57 -8.22 -8.35
C PHE C 44 -15.93 -8.88 -8.19
N SER C 45 -16.63 -9.06 -9.30
CA SER C 45 -17.89 -9.76 -9.30
C SER C 45 -18.20 -10.19 -10.71
N LEU C 46 -18.90 -11.30 -10.85
CA LEU C 46 -19.42 -11.72 -12.12
C LEU C 46 -20.82 -11.15 -12.30
N SER C 47 -21.17 -10.83 -13.54
CA SER C 47 -22.54 -10.50 -13.90
C SER C 47 -22.78 -11.08 -15.29
N ASN C 48 -23.62 -12.11 -15.35
CA ASN C 48 -23.91 -12.81 -16.59
C ASN C 48 -22.68 -13.18 -17.42
N ASN C 49 -21.80 -13.99 -16.83
CA ASN C 49 -20.58 -14.48 -17.47
C ASN C 49 -19.52 -13.46 -17.88
N SER C 50 -19.64 -12.24 -17.35
CA SER C 50 -18.65 -11.20 -17.54
C SER C 50 -18.12 -10.81 -16.20
N LEU C 51 -16.82 -10.54 -16.14
CA LEU C 51 -16.17 -10.01 -14.97
C LEU C 51 -16.42 -8.49 -14.89
N LEU C 52 -17.02 -8.02 -13.79
CA LEU C 52 -17.24 -6.59 -13.61
C LEU C 52 -16.02 -5.91 -12.96
N VAL C 53 -15.58 -4.80 -13.54
CA VAL C 53 -14.44 -4.09 -12.99
C VAL C 53 -14.89 -3.24 -11.81
N PRO C 54 -14.30 -3.49 -10.64
CA PRO C 54 -14.78 -2.97 -9.35
C PRO C 54 -14.48 -1.51 -9.10
N THR C 55 -13.40 -1.00 -9.70
CA THR C 55 -13.04 0.41 -9.62
C THR C 55 -12.23 0.77 -10.85
N SER C 56 -12.17 2.05 -11.18
CA SER C 56 -11.40 2.50 -12.33
C SER C 56 -9.91 2.44 -12.04
N GLY C 57 -9.12 2.00 -13.00
CA GLY C 57 -7.69 1.93 -12.82
C GLY C 57 -7.03 1.06 -13.86
N ILE C 58 -5.77 0.72 -13.65
CA ILE C 58 -5.07 -0.11 -14.62
C ILE C 58 -5.01 -1.57 -14.20
N TYR C 59 -5.42 -2.46 -15.09
CA TYR C 59 -5.43 -3.87 -14.76
C TYR C 59 -4.62 -4.68 -15.75
N PHE C 60 -4.09 -5.81 -15.28
CA PHE C 60 -3.52 -6.82 -16.15
C PHE C 60 -4.59 -7.88 -16.33
N VAL C 61 -4.96 -8.15 -17.58
CA VAL C 61 -5.99 -9.13 -17.89
C VAL C 61 -5.40 -10.28 -18.69
N TYR C 62 -5.70 -11.52 -18.32
CA TYR C 62 -5.15 -12.69 -19.03
C TYR C 62 -6.17 -13.79 -19.28
N SER C 63 -5.94 -14.54 -20.36
CA SER C 63 -6.73 -15.73 -20.59
C SER C 63 -5.95 -16.82 -21.27
N GLN C 64 -6.28 -18.05 -20.96
CA GLN C 64 -5.76 -19.18 -21.70
C GLN C 64 -6.88 -20.15 -22.10
N VAL C 65 -6.83 -20.70 -23.31
CA VAL C 65 -7.66 -21.85 -23.65
C VAL C 65 -6.79 -22.93 -24.26
N VAL C 66 -7.34 -24.13 -24.39
CA VAL C 66 -6.69 -25.22 -25.11
C VAL C 66 -7.75 -25.97 -25.91
N PHE C 67 -7.55 -26.11 -27.22
CA PHE C 67 -8.44 -26.93 -28.02
C PHE C 67 -7.75 -28.24 -28.41
N SER C 68 -8.54 -29.26 -28.74
CA SER C 68 -7.96 -30.53 -29.21
C SER C 68 -8.99 -31.31 -30.01
N GLY C 69 -8.51 -32.19 -30.88
CA GLY C 69 -9.37 -33.01 -31.72
C GLY C 69 -8.62 -34.25 -32.17
N LYS C 70 -9.16 -34.98 -33.15
CA LYS C 70 -8.56 -36.25 -33.56
C LYS C 70 -8.53 -36.52 -35.07
N ALA C 71 -9.13 -35.60 -35.83
CA ALA C 71 -9.33 -35.72 -37.28
C ALA C 71 -9.67 -37.14 -37.75
N SER C 78 -14.22 -32.66 -43.89
CA SER C 78 -14.72 -32.03 -45.12
C SER C 78 -14.28 -30.57 -45.25
N SER C 79 -14.62 -29.76 -44.25
CA SER C 79 -14.30 -28.33 -44.26
C SER C 79 -13.35 -27.94 -43.12
N PRO C 80 -12.63 -26.82 -43.27
CA PRO C 80 -11.68 -26.38 -42.23
C PRO C 80 -12.41 -26.10 -40.93
N LEU C 81 -11.65 -26.06 -39.84
CA LEU C 81 -12.20 -25.82 -38.51
C LEU C 81 -11.59 -24.56 -37.94
N TYR C 82 -12.43 -23.59 -37.61
CA TYR C 82 -11.94 -22.30 -37.13
C TYR C 82 -11.98 -22.24 -35.61
N LEU C 83 -10.81 -21.99 -35.03
CA LEU C 83 -10.65 -21.86 -33.60
C LEU C 83 -10.27 -20.41 -33.25
N ALA C 84 -10.84 -19.89 -32.18
CA ALA C 84 -10.48 -18.55 -31.72
C ALA C 84 -10.83 -18.41 -30.24
N HIS C 85 -10.20 -17.43 -29.60
CA HIS C 85 -10.51 -17.07 -28.22
C HIS C 85 -10.06 -15.64 -28.00
N GLU C 86 -10.91 -14.90 -27.30
CA GLU C 86 -10.84 -13.46 -27.31
C GLU C 86 -11.23 -12.94 -25.94
N VAL C 87 -10.55 -11.91 -25.46
CA VAL C 87 -11.02 -11.20 -24.26
C VAL C 87 -11.57 -9.84 -24.70
N GLN C 88 -12.88 -9.69 -24.60
CA GLN C 88 -13.57 -8.50 -25.09
C GLN C 88 -13.79 -7.55 -23.96
N LEU C 89 -14.26 -6.36 -24.31
CA LEU C 89 -14.70 -5.38 -23.34
C LEU C 89 -16.15 -5.08 -23.67
N PHE C 90 -17.06 -5.74 -22.95
CA PHE C 90 -18.50 -5.79 -23.29
C PHE C 90 -19.17 -4.41 -23.28
N HIS C 97 -18.88 -4.33 -28.47
CA HIS C 97 -17.80 -5.33 -28.32
C HIS C 97 -16.46 -4.88 -28.87
N VAL C 98 -15.43 -4.84 -28.04
CA VAL C 98 -14.09 -4.44 -28.50
C VAL C 98 -12.99 -5.38 -27.98
N PRO C 99 -12.21 -5.97 -28.90
CA PRO C 99 -11.22 -6.96 -28.46
C PRO C 99 -10.02 -6.35 -27.75
N LEU C 100 -9.61 -6.97 -26.66
CA LEU C 100 -8.42 -6.54 -25.93
C LEU C 100 -7.28 -7.47 -26.27
N LEU C 101 -7.60 -8.77 -26.25
CA LEU C 101 -6.65 -9.83 -26.55
C LEU C 101 -7.29 -10.82 -27.54
N SER C 102 -6.56 -11.14 -28.60
CA SER C 102 -7.09 -11.97 -29.68
C SER C 102 -6.13 -13.05 -30.08
N SER C 103 -6.67 -14.21 -30.49
CA SER C 103 -5.86 -15.22 -31.16
C SER C 103 -6.71 -16.17 -32.01
N GLN C 104 -6.15 -16.64 -33.12
CA GLN C 104 -6.81 -17.62 -34.00
C GLN C 104 -5.91 -18.81 -34.28
N LYS C 105 -6.52 -19.88 -34.79
CA LYS C 105 -5.78 -20.96 -35.45
C LYS C 105 -6.79 -21.69 -36.32
N MET C 106 -6.31 -22.49 -37.27
CA MET C 106 -7.19 -22.88 -38.35
C MET C 106 -7.19 -24.34 -38.78
N VAL C 107 -6.91 -25.28 -37.88
CA VAL C 107 -6.87 -26.74 -38.20
C VAL C 107 -7.66 -27.28 -39.44
N TYR C 108 -6.94 -27.97 -40.35
CA TYR C 108 -7.50 -28.42 -41.63
C TYR C 108 -7.69 -29.95 -41.68
N PRO C 109 -8.51 -30.46 -42.63
CA PRO C 109 -8.81 -31.87 -42.87
C PRO C 109 -7.72 -32.94 -42.71
N GLY C 110 -7.01 -33.27 -43.79
CA GLY C 110 -6.16 -34.45 -43.84
C GLY C 110 -5.08 -34.69 -42.78
N LEU C 111 -5.48 -34.66 -41.51
CA LEU C 111 -4.55 -34.86 -40.41
C LEU C 111 -4.56 -36.30 -39.92
N GLN C 112 -3.52 -37.05 -40.26
CA GLN C 112 -3.45 -38.46 -39.87
C GLN C 112 -3.20 -38.70 -38.38
N GLU C 113 -3.01 -37.63 -37.60
CA GLU C 113 -2.83 -37.76 -36.15
C GLU C 113 -3.65 -36.70 -35.40
N PRO C 114 -4.00 -36.95 -34.12
CA PRO C 114 -4.78 -35.97 -33.36
C PRO C 114 -4.02 -34.67 -33.13
N TRP C 115 -4.75 -33.59 -32.81
CA TRP C 115 -4.14 -32.27 -32.69
C TRP C 115 -4.53 -31.61 -31.40
N LEU C 116 -3.89 -30.47 -31.14
CA LEU C 116 -3.99 -29.81 -29.85
C LEU C 116 -3.37 -28.44 -29.95
N HIS C 117 -4.19 -27.41 -29.88
CA HIS C 117 -3.70 -26.04 -29.91
C HIS C 117 -4.04 -25.29 -28.63
N SER C 118 -3.01 -24.64 -28.07
CA SER C 118 -3.16 -23.89 -26.85
C SER C 118 -2.91 -22.41 -27.14
N MET C 119 -3.74 -21.54 -26.55
CA MET C 119 -3.64 -20.09 -26.77
C MET C 119 -3.58 -19.37 -25.42
N TYR C 120 -2.58 -18.51 -25.25
CA TYR C 120 -2.43 -17.72 -24.02
C TYR C 120 -2.09 -16.26 -24.33
N HIS C 121 -2.68 -15.33 -23.59
CA HIS C 121 -2.24 -13.94 -23.67
C HIS C 121 -2.73 -13.10 -22.52
N GLY C 122 -2.04 -11.98 -22.29
CA GLY C 122 -2.35 -11.06 -21.22
C GLY C 122 -1.65 -9.72 -21.39
N ALA C 123 -2.20 -8.66 -20.80
CA ALA C 123 -1.65 -7.33 -21.00
C ALA C 123 -2.31 -6.36 -20.05
N ALA C 124 -1.72 -5.16 -19.94
CA ALA C 124 -2.27 -4.10 -19.10
C ALA C 124 -3.26 -3.21 -19.87
N PHE C 125 -4.39 -2.92 -19.24
CA PHE C 125 -5.44 -2.13 -19.84
C PHE C 125 -5.99 -1.18 -18.81
N GLN C 126 -6.23 0.07 -19.22
CA GLN C 126 -6.95 1.02 -18.39
C GLN C 126 -8.44 0.71 -18.51
N LEU C 127 -9.05 0.44 -17.36
CA LEU C 127 -10.46 0.11 -17.30
C LEU C 127 -11.14 1.05 -16.32
N THR C 128 -12.45 1.24 -16.49
CA THR C 128 -13.20 2.10 -15.59
C THR C 128 -14.14 1.24 -14.74
N GLN C 129 -14.74 1.82 -13.70
CA GLN C 129 -15.62 1.04 -12.83
C GLN C 129 -16.83 0.59 -13.62
N GLY C 130 -17.21 -0.67 -13.46
CA GLY C 130 -18.38 -1.19 -14.13
C GLY C 130 -18.16 -1.70 -15.55
N ASP C 131 -16.94 -1.50 -16.09
CA ASP C 131 -16.55 -2.12 -17.36
C ASP C 131 -16.77 -3.63 -17.22
N GLN C 132 -17.12 -4.31 -18.33
CA GLN C 132 -17.43 -5.74 -18.27
C GLN C 132 -16.45 -6.55 -19.12
N LEU C 133 -15.51 -7.23 -18.46
CA LEU C 133 -14.60 -8.15 -19.15
C LEU C 133 -15.30 -9.49 -19.42
N SER C 134 -15.37 -9.90 -20.68
CA SER C 134 -15.97 -11.18 -21.03
C SER C 134 -15.08 -11.84 -22.07
N THR C 135 -15.39 -13.08 -22.46
CA THR C 135 -14.59 -13.76 -23.47
C THR C 135 -15.44 -14.47 -24.49
N HIS C 136 -15.09 -14.31 -25.77
CA HIS C 136 -15.73 -15.06 -26.84
C HIS C 136 -14.82 -16.19 -27.29
N THR C 137 -15.40 -17.31 -27.67
CA THR C 137 -14.60 -18.46 -28.10
C THR C 137 -15.25 -19.13 -29.29
N ASP C 138 -14.43 -19.57 -30.24
CA ASP C 138 -14.91 -20.32 -31.38
C ASP C 138 -14.29 -21.71 -31.40
N GLY C 139 -15.14 -22.72 -31.56
CA GLY C 139 -14.67 -24.09 -31.49
C GLY C 139 -14.78 -24.57 -30.06
N ILE C 140 -15.85 -24.13 -29.38
CA ILE C 140 -16.08 -24.47 -27.98
C ILE C 140 -16.13 -25.98 -27.66
N PRO C 141 -16.85 -26.78 -28.49
CA PRO C 141 -16.82 -28.23 -28.33
C PRO C 141 -15.42 -28.81 -28.20
N HIS C 142 -14.42 -28.15 -28.78
CA HIS C 142 -13.08 -28.70 -28.80
C HIS C 142 -12.21 -28.28 -27.61
N LEU C 143 -12.78 -27.50 -26.70
CA LEU C 143 -12.04 -27.05 -25.51
C LEU C 143 -11.69 -28.20 -24.58
N VAL C 144 -10.56 -28.02 -23.90
CA VAL C 144 -10.10 -28.91 -22.84
C VAL C 144 -10.32 -28.22 -21.49
N LEU C 145 -11.44 -28.51 -20.84
CA LEU C 145 -11.76 -27.83 -19.59
C LEU C 145 -11.12 -28.48 -18.35
N SER C 146 -10.04 -27.88 -17.87
CA SER C 146 -9.61 -28.10 -16.50
C SER C 146 -9.10 -26.78 -15.93
N PRO C 147 -8.98 -26.70 -14.59
CA PRO C 147 -8.50 -25.50 -13.91
C PRO C 147 -7.18 -24.92 -14.45
N SER C 148 -6.30 -25.82 -14.90
CA SER C 148 -4.95 -25.49 -15.29
C SER C 148 -4.80 -25.30 -16.78
N THR C 149 -5.88 -25.51 -17.54
CA THR C 149 -5.80 -25.37 -18.98
C THR C 149 -6.72 -24.28 -19.57
N VAL C 150 -7.83 -23.99 -18.91
CA VAL C 150 -8.71 -22.96 -19.44
C VAL C 150 -9.13 -22.01 -18.34
N PHE C 151 -8.66 -20.77 -18.42
CA PHE C 151 -8.92 -19.76 -17.39
C PHE C 151 -8.94 -18.33 -17.95
N PHE C 152 -9.25 -17.40 -17.06
CA PHE C 152 -9.51 -16.00 -17.41
C PHE C 152 -9.46 -15.23 -16.11
N GLY C 153 -8.64 -14.20 -16.05
CA GLY C 153 -8.48 -13.48 -14.81
C GLY C 153 -7.91 -12.09 -14.98
N ALA C 154 -8.01 -11.31 -13.92
CA ALA C 154 -7.49 -9.94 -13.94
C ALA C 154 -7.05 -9.51 -12.55
N PHE C 155 -6.06 -8.60 -12.50
CA PHE C 155 -5.69 -7.97 -11.23
C PHE C 155 -5.32 -6.50 -11.40
N ALA C 156 -5.75 -5.69 -10.46
CA ALA C 156 -5.40 -4.29 -10.41
C ALA C 156 -3.88 -4.14 -10.19
N LEU C 157 -3.27 -3.17 -10.85
CA LEU C 157 -1.83 -2.92 -10.68
C LEU C 157 -1.50 -2.08 -9.45
N ASP D 1 10.44 15.58 -35.65
CA ASP D 1 10.14 15.30 -34.25
C ASP D 1 8.68 15.60 -33.91
N ILE D 2 8.46 16.04 -32.67
CA ILE D 2 7.19 16.57 -32.22
C ILE D 2 7.40 18.06 -32.01
N GLN D 3 6.39 18.87 -32.31
CA GLN D 3 6.47 20.30 -32.08
C GLN D 3 5.43 20.75 -31.06
N MET D 4 5.85 21.62 -30.15
CA MET D 4 4.97 22.13 -29.10
C MET D 4 4.67 23.61 -29.29
N THR D 5 3.52 23.92 -29.87
CA THR D 5 3.19 25.30 -30.18
C THR D 5 2.40 25.98 -29.06
N GLN D 6 3.08 26.79 -28.29
CA GLN D 6 2.47 27.47 -27.18
C GLN D 6 1.82 28.75 -27.62
N SER D 7 0.74 29.14 -26.99
CA SER D 7 0.17 30.45 -27.27
C SER D 7 -0.61 31.01 -26.07
N PRO D 8 -0.57 32.34 -25.89
CA PRO D 8 0.08 33.34 -26.75
C PRO D 8 1.57 33.47 -26.45
N SER D 9 2.30 34.17 -27.31
CA SER D 9 3.73 34.37 -27.14
C SER D 9 3.97 35.08 -25.82
N SER D 10 3.05 35.99 -25.51
CA SER D 10 3.18 36.85 -24.36
C SER D 10 1.81 37.42 -24.00
N LEU D 11 1.52 37.51 -22.71
CA LEU D 11 0.29 38.15 -22.28
C LEU D 11 0.55 39.04 -21.08
N SER D 12 -0.41 39.89 -20.75
CA SER D 12 -0.27 40.77 -19.61
C SER D 12 -1.57 40.80 -18.83
N ALA D 13 -1.49 40.51 -17.53
CA ALA D 13 -2.67 40.43 -16.67
C ALA D 13 -2.43 41.07 -15.32
N SER D 14 -3.49 41.57 -14.69
CA SER D 14 -3.42 42.20 -13.38
C SER D 14 -3.32 41.17 -12.27
N VAL D 15 -2.97 41.60 -11.06
CA VAL D 15 -2.87 40.69 -9.93
C VAL D 15 -4.23 40.18 -9.48
N GLY D 16 -4.36 38.87 -9.36
CA GLY D 16 -5.62 38.25 -9.00
C GLY D 16 -6.41 37.81 -10.21
N ASP D 17 -5.91 38.13 -11.40
CA ASP D 17 -6.53 37.66 -12.63
C ASP D 17 -6.33 36.16 -12.81
N ARG D 18 -7.25 35.54 -13.54
CA ARG D 18 -7.08 34.15 -13.95
C ARG D 18 -6.34 34.19 -15.27
N VAL D 19 -5.24 33.48 -15.35
CA VAL D 19 -4.44 33.44 -16.57
C VAL D 19 -4.48 32.05 -17.17
N THR D 20 -4.66 31.98 -18.48
CA THR D 20 -4.75 30.71 -19.15
C THR D 20 -3.89 30.62 -20.41
N ILE D 21 -3.08 29.57 -20.46
CA ILE D 21 -2.05 29.39 -21.46
C ILE D 21 -2.27 28.04 -22.17
N THR D 22 -2.21 28.04 -23.50
CA THR D 22 -2.42 26.80 -24.24
C THR D 22 -1.13 26.27 -24.88
N CYS D 23 -1.11 24.97 -25.14
CA CYS D 23 -0.01 24.26 -25.81
C CYS D 23 -0.66 23.23 -26.71
N ARG D 24 -0.41 23.32 -28.01
CA ARG D 24 -0.99 22.36 -28.93
C ARG D 24 0.16 21.50 -29.46
N ALA D 25 -0.02 20.18 -29.42
CA ALA D 25 1.04 19.28 -29.83
C ALA D 25 0.89 18.77 -31.26
N SER D 26 2.04 18.49 -31.87
CA SER D 26 2.11 18.03 -33.25
C SER D 26 1.46 16.67 -33.45
N GLN D 27 1.53 15.84 -32.41
CA GLN D 27 0.95 14.51 -32.42
C GLN D 27 -0.04 14.39 -31.27
N ALA D 28 -0.64 13.21 -31.15
CA ALA D 28 -1.26 12.84 -29.90
C ALA D 28 -0.08 12.43 -29.06
N VAL D 29 -0.19 12.55 -27.74
CA VAL D 29 1.00 12.45 -26.93
C VAL D 29 0.72 11.76 -25.57
N SER D 30 -0.38 11.00 -25.52
CA SER D 30 -0.99 10.53 -24.28
C SER D 30 -1.25 11.75 -23.40
N SER D 31 -0.92 11.64 -22.11
CA SER D 31 -1.05 12.81 -21.24
C SER D 31 0.34 13.26 -20.82
N ALA D 32 1.33 12.87 -21.62
CA ALA D 32 2.74 13.08 -21.33
C ALA D 32 3.20 14.50 -21.59
N VAL D 33 2.78 15.43 -20.74
CA VAL D 33 3.09 16.85 -20.93
C VAL D 33 3.50 17.44 -19.59
N ALA D 34 4.56 18.24 -19.57
CA ALA D 34 5.00 18.92 -18.36
C ALA D 34 5.01 20.43 -18.54
N TRP D 35 4.96 21.17 -17.43
CA TRP D 35 4.98 22.63 -17.46
C TRP D 35 6.05 23.19 -16.52
N TYR D 36 6.88 24.09 -17.03
CA TYR D 36 7.93 24.71 -16.21
C TYR D 36 7.79 26.21 -16.09
N GLN D 37 8.39 26.77 -15.05
CA GLN D 37 8.35 28.21 -14.83
C GLN D 37 9.78 28.72 -14.80
N GLN D 38 10.11 29.70 -15.64
CA GLN D 38 11.48 30.22 -15.65
C GLN D 38 11.61 31.73 -15.49
N LYS D 39 12.14 32.14 -14.35
CA LYS D 39 12.44 33.54 -14.10
C LYS D 39 13.82 33.76 -14.66
N PRO D 40 14.10 34.98 -15.16
CA PRO D 40 15.33 35.35 -15.85
C PRO D 40 16.60 34.96 -15.07
N GLY D 41 17.50 34.25 -15.75
CA GLY D 41 18.80 33.96 -15.17
C GLY D 41 18.69 33.01 -14.00
N LYS D 42 17.75 32.10 -14.13
CA LYS D 42 17.56 31.07 -13.14
C LYS D 42 17.15 29.81 -13.89
N ALA D 43 17.34 28.66 -13.26
CA ALA D 43 16.97 27.41 -13.92
C ALA D 43 15.45 27.27 -13.84
N PRO D 44 14.84 26.53 -14.79
CA PRO D 44 13.40 26.31 -14.74
C PRO D 44 12.96 25.60 -13.45
N LYS D 45 11.69 25.80 -13.09
CA LYS D 45 11.13 25.07 -11.97
C LYS D 45 10.04 24.18 -12.54
N LEU D 46 9.96 22.96 -12.04
CA LEU D 46 8.88 22.06 -12.44
C LEU D 46 7.57 22.41 -11.70
N LEU D 47 6.51 22.61 -12.47
CA LEU D 47 5.21 22.96 -11.92
C LEU D 47 4.26 21.79 -12.03
N ILE D 48 4.09 21.31 -13.25
CA ILE D 48 3.19 20.22 -13.56
C ILE D 48 3.85 19.18 -14.45
N TYR D 49 3.67 17.91 -14.08
CA TYR D 49 4.01 16.76 -14.91
C TYR D 49 2.74 15.97 -15.19
N SER D 50 2.78 15.09 -16.18
CA SER D 50 1.63 14.25 -16.50
C SER D 50 0.35 15.02 -16.75
N ALA D 51 0.49 16.15 -17.42
CA ALA D 51 -0.61 17.01 -17.87
C ALA D 51 -1.34 17.76 -16.75
N SER D 52 -1.63 17.09 -15.65
CA SER D 52 -2.47 17.67 -14.61
C SER D 52 -1.91 17.57 -13.19
N HIS D 53 -0.92 16.71 -12.96
CA HIS D 53 -0.36 16.56 -11.63
C HIS D 53 0.57 17.69 -11.25
N ARG D 54 0.35 18.25 -10.06
CA ARG D 54 1.17 19.34 -9.58
C ARG D 54 2.37 18.83 -8.78
N TYR D 55 3.59 19.19 -9.20
CA TYR D 55 4.82 18.79 -8.49
C TYR D 55 4.78 19.31 -7.05
N THR D 56 5.47 18.61 -6.16
CA THR D 56 5.39 18.93 -4.74
C THR D 56 5.95 20.32 -4.42
N GLY D 57 5.20 21.09 -3.65
CA GLY D 57 5.65 22.39 -3.21
C GLY D 57 5.37 23.45 -4.23
N VAL D 58 4.65 23.07 -5.28
CA VAL D 58 4.09 24.06 -6.16
C VAL D 58 2.74 24.46 -5.58
N PRO D 59 2.52 25.77 -5.38
CA PRO D 59 1.27 26.27 -4.78
C PRO D 59 0.05 25.92 -5.63
N SER D 60 -1.13 25.88 -5.01
CA SER D 60 -2.31 25.32 -5.65
C SER D 60 -2.95 26.19 -6.74
N ARG D 61 -2.44 27.40 -6.96
CA ARG D 61 -3.04 28.24 -8.01
C ARG D 61 -2.63 27.77 -9.40
N PHE D 62 -1.54 27.01 -9.47
CA PHE D 62 -1.10 26.43 -10.72
C PHE D 62 -1.77 25.10 -10.94
N SER D 63 -2.40 24.95 -12.09
CA SER D 63 -3.11 23.72 -12.42
C SER D 63 -2.84 23.40 -13.88
N GLY D 64 -2.97 22.13 -14.21
CA GLY D 64 -2.75 21.70 -15.58
C GLY D 64 -3.93 20.87 -16.00
N SER D 65 -4.41 21.08 -17.22
CA SER D 65 -5.46 20.23 -17.76
C SER D 65 -5.14 19.91 -19.20
N GLY D 66 -5.98 19.10 -19.82
CA GLY D 66 -5.80 18.72 -21.20
C GLY D 66 -5.56 17.23 -21.38
N SER D 67 -5.86 16.74 -22.57
CA SER D 67 -5.60 15.35 -22.92
C SER D 67 -5.40 15.20 -24.42
N GLY D 68 -4.51 14.28 -24.79
CA GLY D 68 -4.29 13.97 -26.18
C GLY D 68 -3.50 15.03 -26.93
N THR D 69 -4.13 16.17 -27.20
CA THR D 69 -3.49 17.15 -28.08
C THR D 69 -3.50 18.64 -27.64
N ASP D 70 -4.51 19.06 -26.89
CA ASP D 70 -4.61 20.46 -26.47
C ASP D 70 -4.53 20.64 -24.96
N PHE D 71 -3.40 21.18 -24.49
CA PHE D 71 -3.10 21.24 -23.06
C PHE D 71 -3.11 22.67 -22.50
N THR D 72 -3.34 22.79 -21.20
CA THR D 72 -3.61 24.10 -20.61
C THR D 72 -3.12 24.33 -19.20
N LEU D 73 -2.17 25.25 -19.07
CA LEU D 73 -1.75 25.76 -17.78
C LEU D 73 -2.72 26.84 -17.32
N THR D 74 -3.07 26.81 -16.04
CA THR D 74 -4.00 27.77 -15.49
C THR D 74 -3.49 28.33 -14.18
N ILE D 75 -3.35 29.65 -14.11
CA ILE D 75 -3.13 30.30 -12.83
C ILE D 75 -4.41 30.99 -12.40
N SER D 76 -4.99 30.53 -11.30
CA SER D 76 -6.32 30.97 -10.88
C SER D 76 -6.32 32.41 -10.41
N SER D 77 -5.36 32.76 -9.57
CA SER D 77 -5.22 34.10 -9.01
C SER D 77 -3.76 34.55 -9.11
N LEU D 78 -3.45 35.34 -10.13
CA LEU D 78 -2.07 35.72 -10.42
C LEU D 78 -1.45 36.54 -9.28
N GLN D 79 -0.24 36.16 -8.87
CA GLN D 79 0.47 36.89 -7.83
C GLN D 79 1.60 37.71 -8.47
N PRO D 80 1.93 38.87 -7.87
CA PRO D 80 3.00 39.78 -8.36
C PRO D 80 4.36 39.10 -8.56
N GLU D 81 4.53 37.90 -8.05
CA GLU D 81 5.80 37.20 -8.17
C GLU D 81 5.75 36.12 -9.25
N ASP D 82 4.64 36.04 -9.97
CA ASP D 82 4.42 34.97 -10.94
C ASP D 82 4.84 35.36 -12.36
N PHE D 83 5.43 36.54 -12.51
CA PHE D 83 5.94 36.96 -13.81
C PHE D 83 7.11 36.06 -14.18
N ALA D 84 7.07 35.49 -15.38
CA ALA D 84 8.06 34.50 -15.81
C ALA D 84 7.72 34.04 -17.21
N THR D 85 8.65 33.36 -17.87
CA THR D 85 8.30 32.62 -19.07
C THR D 85 7.90 31.22 -18.61
N TYR D 86 6.77 30.73 -19.12
CA TYR D 86 6.30 29.40 -18.77
C TYR D 86 6.53 28.50 -19.96
N TYR D 87 7.11 27.33 -19.75
CA TYR D 87 7.33 26.40 -20.87
C TYR D 87 6.49 25.17 -20.72
N CYS D 88 5.87 24.74 -21.82
CA CYS D 88 5.30 23.39 -21.86
C CYS D 88 6.38 22.49 -22.45
N GLN D 89 6.23 21.18 -22.27
CA GLN D 89 7.21 20.22 -22.75
C GLN D 89 6.57 18.87 -22.98
N GLU D 90 6.91 18.21 -24.08
CA GLU D 90 6.37 16.88 -24.31
C GLU D 90 7.28 15.85 -23.64
N SER D 91 6.67 14.95 -22.85
CA SER D 91 7.42 13.97 -22.08
C SER D 91 7.27 12.58 -22.66
N TYR D 92 6.66 12.52 -23.83
CA TYR D 92 6.29 11.25 -24.44
C TYR D 92 7.49 10.70 -25.20
N SER D 93 8.02 11.49 -26.13
CA SER D 93 9.10 11.06 -27.01
C SER D 93 10.41 11.71 -26.64
N THR D 94 11.45 11.33 -27.35
CA THR D 94 12.77 11.90 -27.15
C THR D 94 13.16 12.49 -28.50
N PRO D 95 13.85 13.65 -28.52
CA PRO D 95 14.28 14.48 -27.39
C PRO D 95 13.03 15.09 -26.84
N TRP D 96 13.08 15.61 -25.65
CA TRP D 96 11.84 15.98 -25.02
C TRP D 96 11.60 17.45 -25.30
N THR D 97 11.10 17.76 -26.50
CA THR D 97 11.03 19.16 -26.97
C THR D 97 10.21 20.02 -26.04
N PHE D 98 10.72 21.22 -25.74
CA PHE D 98 9.99 22.23 -24.99
C PHE D 98 9.30 23.10 -26.03
N GLY D 99 8.25 23.80 -25.63
CA GLY D 99 7.66 24.81 -26.49
C GLY D 99 8.53 26.05 -26.45
N GLN D 100 8.09 27.11 -27.12
CA GLN D 100 8.92 28.31 -27.23
C GLN D 100 8.74 29.27 -26.07
N GLY D 101 7.81 28.95 -25.18
CA GLY D 101 7.59 29.75 -23.98
C GLY D 101 6.48 30.77 -24.08
N THR D 102 5.95 31.19 -22.94
CA THR D 102 5.00 32.29 -22.88
C THR D 102 5.43 33.30 -21.84
N LYS D 103 5.70 34.52 -22.27
CA LYS D 103 6.11 35.56 -21.34
C LYS D 103 4.86 36.09 -20.64
N VAL D 104 4.73 35.78 -19.34
CA VAL D 104 3.66 36.38 -18.55
C VAL D 104 4.20 37.63 -17.88
N GLU D 105 3.65 38.77 -18.25
CA GLU D 105 3.94 40.04 -17.61
C GLU D 105 2.80 40.35 -16.66
N ILE D 106 3.07 41.15 -15.65
CA ILE D 106 2.02 41.59 -14.73
C ILE D 106 1.62 43.01 -15.08
N LYS D 107 0.31 43.24 -15.12
CA LYS D 107 -0.26 44.55 -15.42
C LYS D 107 -0.53 45.30 -14.13
N ARG D 108 -0.22 46.59 -14.17
CA ARG D 108 -0.14 47.40 -12.97
C ARG D 108 -0.80 48.76 -13.28
N THR D 109 -1.08 49.56 -12.25
CA THR D 109 -1.43 50.95 -12.52
C THR D 109 -0.19 51.66 -13.07
N VAL D 110 -0.43 52.73 -13.82
CA VAL D 110 0.62 53.51 -14.45
C VAL D 110 1.46 54.22 -13.40
N ALA D 111 2.74 54.38 -13.69
CA ALA D 111 3.66 54.93 -12.71
C ALA D 111 4.76 55.72 -13.39
N ALA D 112 4.76 57.03 -13.23
CA ALA D 112 5.77 57.84 -13.90
C ALA D 112 7.14 57.51 -13.36
N PRO D 113 8.15 57.55 -14.23
CA PRO D 113 9.52 57.22 -13.84
C PRO D 113 10.21 58.38 -13.13
N SER D 114 11.08 58.08 -12.19
CA SER D 114 11.96 59.09 -11.59
C SER D 114 13.27 59.16 -12.35
N VAL D 115 13.61 60.34 -12.87
CA VAL D 115 14.75 60.49 -13.75
C VAL D 115 16.01 61.02 -13.04
N PHE D 116 17.15 60.40 -13.32
CA PHE D 116 18.41 60.81 -12.73
C PHE D 116 19.45 60.79 -13.82
N ILE D 117 20.37 61.75 -13.81
CA ILE D 117 21.45 61.77 -14.81
C ILE D 117 22.84 61.76 -14.17
N PHE D 118 23.79 61.08 -14.81
CA PHE D 118 25.14 60.96 -14.27
C PHE D 118 26.19 61.42 -15.27
N PRO D 119 27.04 62.36 -14.85
CA PRO D 119 28.16 62.80 -15.68
C PRO D 119 29.22 61.70 -15.78
N PRO D 120 30.21 61.89 -16.66
CA PRO D 120 31.35 60.98 -16.73
C PRO D 120 32.34 61.19 -15.58
N SER D 121 32.82 60.07 -15.03
CA SER D 121 33.77 60.05 -13.94
C SER D 121 35.08 60.68 -14.35
N ASP D 122 35.74 61.34 -13.42
CA ASP D 122 37.04 61.90 -13.74
C ASP D 122 38.04 60.82 -14.13
N GLU D 123 37.97 59.65 -13.51
CA GLU D 123 38.96 58.63 -13.82
C GLU D 123 38.72 58.01 -15.18
N GLN D 124 37.50 58.18 -15.70
CA GLN D 124 37.17 57.61 -17.00
C GLN D 124 37.57 58.55 -18.11
N LEU D 125 37.69 59.83 -17.78
CA LEU D 125 38.05 60.81 -18.80
C LEU D 125 39.53 60.67 -19.15
N LYS D 126 40.30 60.13 -18.20
CA LYS D 126 41.69 59.79 -18.46
C LYS D 126 41.79 58.79 -19.63
N SER D 127 40.79 57.91 -19.73
CA SER D 127 40.79 56.85 -20.73
C SER D 127 40.51 57.33 -22.15
N GLY D 128 40.05 58.57 -22.29
CA GLY D 128 39.77 59.13 -23.61
C GLY D 128 38.35 58.90 -24.13
N THR D 129 37.47 58.38 -23.26
CA THR D 129 36.06 58.21 -23.60
C THR D 129 35.15 58.66 -22.45
N ALA D 130 33.98 59.20 -22.80
CA ALA D 130 33.06 59.73 -21.79
C ALA D 130 31.69 59.09 -21.85
N SER D 131 31.36 58.26 -20.86
CA SER D 131 30.02 57.69 -20.75
C SER D 131 29.09 58.58 -19.91
N VAL D 132 27.95 58.95 -20.47
CA VAL D 132 26.92 59.68 -19.72
C VAL D 132 25.76 58.74 -19.45
N VAL D 133 25.20 58.75 -18.25
CA VAL D 133 24.21 57.75 -17.93
C VAL D 133 22.90 58.34 -17.46
N CYS D 134 21.81 57.84 -18.01
CA CYS D 134 20.50 58.28 -17.58
C CYS D 134 19.74 57.13 -16.95
N LEU D 135 19.21 57.37 -15.76
CA LEU D 135 18.42 56.35 -15.09
C LEU D 135 16.96 56.75 -15.04
N LEU D 136 16.09 55.85 -15.49
CA LEU D 136 14.66 56.00 -15.31
C LEU D 136 14.26 54.97 -14.26
N ASN D 137 13.66 55.41 -13.15
CA ASN D 137 13.47 54.53 -12.02
C ASN D 137 12.02 54.19 -11.65
N ASN D 138 11.77 52.89 -11.53
CA ASN D 138 10.51 52.35 -10.99
C ASN D 138 9.25 52.79 -11.70
N PHE D 139 9.18 52.54 -13.01
CA PHE D 139 8.04 52.98 -13.80
C PHE D 139 7.19 51.85 -14.34
N TYR D 140 6.03 52.18 -14.89
CA TYR D 140 5.20 51.21 -15.57
C TYR D 140 4.17 51.93 -16.44
N PRO D 141 3.99 51.46 -17.70
CA PRO D 141 4.60 50.29 -18.33
C PRO D 141 6.03 50.47 -18.87
N ARG D 142 6.52 49.42 -19.53
CA ARG D 142 7.92 49.33 -19.92
C ARG D 142 8.28 50.33 -21.00
N GLU D 143 7.30 50.66 -21.84
CA GLU D 143 7.54 51.52 -22.99
C GLU D 143 7.94 52.92 -22.55
N ALA D 144 9.21 53.24 -22.75
CA ALA D 144 9.73 54.57 -22.45
C ALA D 144 10.65 55.02 -23.58
N LYS D 145 10.71 56.34 -23.78
CA LYS D 145 11.54 56.94 -24.81
C LYS D 145 12.54 57.93 -24.22
N VAL D 146 13.82 57.67 -24.42
CA VAL D 146 14.85 58.54 -23.91
C VAL D 146 15.56 59.27 -25.05
N GLN D 147 15.57 60.59 -25.00
CA GLN D 147 16.28 61.38 -26.00
C GLN D 147 17.52 62.02 -25.39
N TRP D 148 18.63 62.00 -26.13
CA TRP D 148 19.84 62.66 -25.66
C TRP D 148 20.15 63.94 -26.45
N LYS D 149 19.99 65.09 -25.80
CA LYS D 149 20.38 66.36 -26.39
C LYS D 149 21.74 66.76 -25.84
N VAL D 150 22.65 67.12 -26.75
CA VAL D 150 23.93 67.70 -26.36
C VAL D 150 23.99 69.12 -26.91
N ASP D 151 23.80 70.10 -26.02
CA ASP D 151 23.61 71.49 -26.41
C ASP D 151 22.37 71.64 -27.29
N ASN D 152 21.25 71.10 -26.82
CA ASN D 152 19.98 71.11 -27.55
C ASN D 152 20.00 70.35 -28.88
N ALA D 153 21.15 69.80 -29.25
CA ALA D 153 21.27 69.02 -30.49
C ALA D 153 21.11 67.55 -30.18
N LEU D 154 19.99 66.96 -30.59
CA LEU D 154 19.72 65.58 -30.18
C LEU D 154 20.66 64.57 -30.82
N GLN D 155 20.92 63.48 -30.11
CA GLN D 155 21.85 62.46 -30.56
C GLN D 155 21.11 61.34 -31.29
N SER D 156 21.85 60.53 -32.05
CA SER D 156 21.23 59.49 -32.85
C SER D 156 21.75 58.11 -32.47
N GLY D 157 22.85 57.70 -33.09
CA GLY D 157 23.32 56.35 -32.92
C GLY D 157 24.50 56.19 -32.00
N ASN D 158 24.34 56.56 -30.74
CA ASN D 158 25.46 56.45 -29.82
C ASN D 158 25.03 56.20 -28.39
N SER D 159 23.76 55.84 -28.21
CA SER D 159 23.26 55.49 -26.90
C SER D 159 22.86 54.04 -26.91
N GLN D 160 22.80 53.41 -25.74
CA GLN D 160 22.26 52.07 -25.61
C GLN D 160 21.38 51.97 -24.37
N GLU D 161 20.25 51.29 -24.48
CA GLU D 161 19.35 51.07 -23.34
C GLU D 161 19.45 49.66 -22.78
N SER D 162 19.07 49.51 -21.52
CA SER D 162 18.89 48.19 -20.94
C SER D 162 17.86 48.35 -19.85
N VAL D 163 16.96 47.38 -19.74
CA VAL D 163 15.87 47.47 -18.76
C VAL D 163 15.86 46.30 -17.77
N THR D 164 15.57 46.57 -16.51
CA THR D 164 15.49 45.49 -15.54
C THR D 164 14.22 44.69 -15.73
N GLU D 165 14.11 43.58 -15.02
CA GLU D 165 12.88 42.82 -15.06
C GLU D 165 11.88 43.33 -14.01
N GLN D 166 10.61 43.00 -14.20
CA GLN D 166 9.57 43.51 -13.30
C GLN D 166 9.94 43.26 -11.87
N ASP D 167 9.77 44.26 -11.02
CA ASP D 167 9.98 44.05 -9.61
C ASP D 167 9.00 43.00 -9.06
N SER D 168 9.45 42.21 -8.09
CA SER D 168 8.62 41.13 -7.58
C SER D 168 7.60 41.62 -6.54
N LYS D 169 7.73 42.89 -6.14
CA LYS D 169 6.76 43.51 -5.24
C LYS D 169 5.87 44.55 -5.96
N ASP D 170 6.46 45.66 -6.42
CA ASP D 170 5.67 46.74 -7.03
C ASP D 170 5.47 46.57 -8.54
N SER D 171 6.01 45.50 -9.09
CA SER D 171 5.85 45.17 -10.51
C SER D 171 6.25 46.28 -11.48
N THR D 172 7.29 47.03 -11.13
CA THR D 172 7.78 48.13 -11.97
C THR D 172 9.03 47.75 -12.74
N TYR D 173 9.46 48.65 -13.61
CA TYR D 173 10.67 48.47 -14.38
C TYR D 173 11.62 49.64 -14.12
N SER D 174 12.87 49.48 -14.54
CA SER D 174 13.85 50.56 -14.51
C SER D 174 14.68 50.45 -15.76
N LEU D 175 15.10 51.60 -16.29
CA LEU D 175 15.83 51.64 -17.53
C LEU D 175 17.14 52.39 -17.37
N SER D 176 18.18 51.89 -18.02
CA SER D 176 19.45 52.59 -18.06
C SER D 176 19.78 52.92 -19.50
N SER D 177 19.98 54.20 -19.79
CA SER D 177 20.43 54.64 -21.11
C SER D 177 21.84 55.18 -21.00
N THR D 178 22.71 54.78 -21.91
CA THR D 178 24.11 55.20 -21.83
C THR D 178 24.59 55.85 -23.11
N LEU D 179 24.64 57.17 -23.10
CA LEU D 179 25.25 57.97 -24.15
C LEU D 179 26.76 57.92 -24.03
N THR D 180 27.40 57.35 -25.04
CA THR D 180 28.83 57.11 -24.99
C THR D 180 29.49 57.94 -26.09
N LEU D 181 30.55 58.68 -25.76
CA LEU D 181 31.22 59.54 -26.75
C LEU D 181 32.66 59.96 -26.36
N SER D 182 33.45 60.34 -27.36
CA SER D 182 34.88 60.61 -27.18
C SER D 182 35.13 61.75 -26.22
N LYS D 183 36.25 61.69 -25.51
CA LYS D 183 36.63 62.77 -24.59
C LYS D 183 36.70 64.09 -25.34
N ALA D 184 37.31 64.04 -26.53
CA ALA D 184 37.32 65.17 -27.45
C ALA D 184 35.92 65.78 -27.55
N ASP D 185 34.98 65.06 -28.18
CA ASP D 185 33.64 65.59 -28.42
C ASP D 185 32.89 65.94 -27.14
N TYR D 186 33.31 65.34 -26.03
CA TYR D 186 32.72 65.67 -24.75
C TYR D 186 33.11 67.07 -24.30
N GLU D 187 34.32 67.49 -24.64
CA GLU D 187 34.76 68.80 -24.18
C GLU D 187 34.51 69.92 -25.17
N LYS D 188 33.95 69.60 -26.32
CA LYS D 188 33.48 70.63 -27.25
C LYS D 188 32.15 71.20 -26.77
N HIS D 189 31.47 70.49 -25.89
CA HIS D 189 30.12 70.88 -25.51
C HIS D 189 29.93 71.07 -24.02
N LYS D 190 28.87 71.76 -23.62
CA LYS D 190 28.66 72.11 -22.22
C LYS D 190 27.43 71.46 -21.58
N VAL D 191 26.29 71.52 -22.27
CA VAL D 191 25.00 71.04 -21.73
C VAL D 191 24.61 69.64 -22.16
N TYR D 192 24.59 68.70 -21.22
CA TYR D 192 24.24 67.31 -21.54
C TYR D 192 22.86 66.97 -20.96
N ALA D 193 21.92 66.65 -21.84
CA ALA D 193 20.54 66.48 -21.39
C ALA D 193 19.93 65.12 -21.67
N CYS D 194 18.88 64.83 -20.92
CA CYS D 194 18.22 63.54 -20.94
C CYS D 194 16.72 63.82 -20.89
N GLU D 195 16.00 63.55 -21.98
CA GLU D 195 14.58 63.90 -22.04
C GLU D 195 13.69 62.66 -22.08
N VAL D 196 12.93 62.44 -21.01
CA VAL D 196 12.16 61.22 -20.87
C VAL D 196 10.68 61.41 -21.19
N THR D 197 10.19 60.55 -22.08
CA THR D 197 8.79 60.46 -22.45
C THR D 197 8.19 59.22 -21.81
N HIS D 198 7.03 59.35 -21.19
CA HIS D 198 6.37 58.17 -20.65
C HIS D 198 4.89 58.47 -20.39
N GLN D 199 4.09 57.40 -20.38
CA GLN D 199 2.67 57.53 -20.16
C GLN D 199 2.33 58.22 -18.84
N GLY D 200 3.14 57.97 -17.80
CA GLY D 200 2.88 58.51 -16.48
C GLY D 200 3.21 59.98 -16.36
N LEU D 201 3.86 60.53 -17.38
CA LEU D 201 4.17 61.96 -17.39
C LEU D 201 3.28 62.66 -18.41
N SER D 202 2.41 63.56 -17.94
CA SER D 202 1.56 64.33 -18.85
C SER D 202 2.42 65.18 -19.80
N SER D 203 3.65 65.44 -19.38
CA SER D 203 4.54 66.35 -20.10
C SER D 203 5.97 65.89 -19.86
N PRO D 204 6.75 65.75 -20.93
CA PRO D 204 8.08 65.11 -20.90
C PRO D 204 9.03 65.76 -19.90
N VAL D 205 9.70 64.93 -19.11
CA VAL D 205 10.67 65.38 -18.12
C VAL D 205 12.10 65.33 -18.65
N THR D 206 12.79 66.46 -18.61
CA THR D 206 14.19 66.52 -18.99
C THR D 206 15.04 66.71 -17.75
N LYS D 207 16.22 66.10 -17.74
CA LYS D 207 17.14 66.20 -16.64
C LYS D 207 18.54 66.42 -17.22
N SER D 208 19.30 67.38 -16.70
CA SER D 208 20.54 67.71 -17.35
C SER D 208 21.62 68.27 -16.42
N PHE D 209 22.82 68.42 -16.95
CA PHE D 209 23.92 69.03 -16.21
C PHE D 209 24.80 69.87 -17.12
N ASN D 210 25.62 70.71 -16.51
CA ASN D 210 26.62 71.48 -17.24
C ASN D 210 27.99 71.01 -16.80
N ARG D 211 28.99 71.27 -17.62
CA ARG D 211 30.29 70.68 -17.40
C ARG D 211 31.33 71.69 -16.89
N GLU E 1 19.04 18.44 1.72
CA GLU E 1 18.38 18.77 0.46
C GLU E 1 19.15 18.23 -0.74
N VAL E 2 18.46 18.07 -1.87
CA VAL E 2 19.15 17.70 -3.10
C VAL E 2 19.84 18.93 -3.66
N GLN E 3 21.12 18.80 -3.95
CA GLN E 3 21.91 19.89 -4.50
C GLN E 3 22.62 19.47 -5.76
N LEU E 4 22.69 20.39 -6.73
CA LEU E 4 23.47 20.19 -7.95
C LEU E 4 24.26 21.46 -8.22
N VAL E 5 25.59 21.32 -8.31
CA VAL E 5 26.47 22.47 -8.48
C VAL E 5 27.37 22.31 -9.70
N GLU E 6 27.22 23.24 -10.64
CA GLU E 6 27.92 23.15 -11.91
C GLU E 6 29.18 23.98 -11.93
N SER E 7 30.01 23.72 -12.93
CA SER E 7 31.32 24.36 -13.07
C SER E 7 31.91 24.04 -14.42
N GLY E 8 32.90 24.83 -14.82
CA GLY E 8 33.70 24.54 -15.99
C GLY E 8 33.38 25.38 -17.20
N GLY E 9 32.29 26.13 -17.16
CA GLY E 9 31.90 26.97 -18.28
C GLY E 9 32.85 28.12 -18.40
N GLY E 10 32.99 28.69 -19.60
CA GLY E 10 33.90 29.81 -19.85
C GLY E 10 34.03 30.18 -21.32
N LEU E 11 35.14 30.80 -21.69
CA LEU E 11 35.40 31.07 -23.10
C LEU E 11 36.06 29.89 -23.77
N VAL E 12 35.68 29.60 -25.00
CA VAL E 12 36.38 28.62 -25.85
C VAL E 12 36.43 29.12 -27.28
N GLN E 13 37.55 28.87 -27.96
CA GLN E 13 37.69 29.26 -29.36
C GLN E 13 36.83 28.33 -30.18
N PRO E 14 36.36 28.79 -31.35
CA PRO E 14 35.59 27.82 -32.16
C PRO E 14 36.47 26.66 -32.60
N GLY E 15 35.89 25.47 -32.66
CA GLY E 15 36.63 24.27 -33.01
C GLY E 15 37.29 23.67 -31.79
N GLY E 16 36.94 24.18 -30.61
CA GLY E 16 37.57 23.77 -29.36
C GLY E 16 36.73 22.84 -28.50
N SER E 17 37.32 22.37 -27.40
CA SER E 17 36.62 21.48 -26.50
C SER E 17 36.57 22.05 -25.10
N LEU E 18 35.77 21.44 -24.24
CA LEU E 18 35.47 22.01 -22.94
C LEU E 18 34.64 21.02 -22.13
N ARG E 19 34.95 20.87 -20.84
CA ARG E 19 34.24 19.91 -20.00
C ARG E 19 33.52 20.53 -18.83
N LEU E 20 32.21 20.33 -18.78
CA LEU E 20 31.39 20.81 -17.68
C LEU E 20 31.23 19.76 -16.58
N SER E 21 31.06 20.23 -15.34
CA SER E 21 30.90 19.34 -14.18
C SER E 21 29.56 19.55 -13.47
N CYS E 22 29.06 18.46 -12.88
CA CYS E 22 27.85 18.49 -12.05
C CYS E 22 28.09 17.77 -10.73
N ALA E 23 28.30 18.55 -9.67
CA ALA E 23 28.58 18.02 -8.34
C ALA E 23 27.30 17.73 -7.56
N ALA E 24 27.02 16.45 -7.33
CA ALA E 24 25.71 16.07 -6.79
C ALA E 24 25.76 15.60 -5.35
N SER E 25 24.82 16.11 -4.56
CA SER E 25 24.71 15.75 -3.16
C SER E 25 23.25 15.66 -2.76
N GLY E 26 22.96 14.84 -1.76
CA GLY E 26 21.63 14.83 -1.16
C GLY E 26 20.73 13.70 -1.61
N TYR E 27 21.29 12.77 -2.38
CA TYR E 27 20.55 11.59 -2.82
C TYR E 27 21.60 10.55 -3.13
N THR E 28 21.24 9.28 -3.07
CA THR E 28 22.19 8.22 -3.42
C THR E 28 22.54 8.39 -4.91
N PHE E 29 23.79 8.73 -5.18
CA PHE E 29 24.19 9.26 -6.49
C PHE E 29 23.87 8.33 -7.64
N THR E 30 24.02 7.03 -7.41
CA THR E 30 23.89 6.05 -8.47
C THR E 30 22.44 5.66 -8.73
N SER E 31 21.52 6.14 -7.92
CA SER E 31 20.12 5.73 -8.03
C SER E 31 19.34 6.53 -9.08
N TYR E 32 19.99 7.56 -9.63
CA TYR E 32 19.33 8.47 -10.56
C TYR E 32 20.23 8.87 -11.70
N VAL E 33 19.61 8.96 -12.87
CA VAL E 33 20.21 9.48 -14.07
C VAL E 33 20.46 10.98 -13.89
N ILE E 34 21.38 11.57 -14.66
CA ILE E 34 21.56 13.03 -14.69
C ILE E 34 21.44 13.59 -16.13
N HIS E 35 20.45 14.44 -16.34
CA HIS E 35 20.24 15.10 -17.64
C HIS E 35 21.14 16.29 -17.88
N TRP E 36 21.23 16.70 -19.13
CA TRP E 36 21.88 17.93 -19.48
C TRP E 36 20.98 18.71 -20.41
N VAL E 37 20.57 19.90 -19.99
CA VAL E 37 19.70 20.77 -20.77
C VAL E 37 20.36 22.11 -21.07
N ARG E 38 20.35 22.54 -22.33
CA ARG E 38 21.01 23.79 -22.70
C ARG E 38 20.05 24.88 -23.13
N GLN E 39 20.48 26.13 -23.05
CA GLN E 39 19.64 27.27 -23.39
C GLN E 39 20.42 28.44 -23.98
N ALA E 40 20.35 28.58 -25.31
CA ALA E 40 21.06 29.66 -25.99
C ALA E 40 20.42 30.97 -25.59
N PRO E 41 21.21 32.06 -25.55
CA PRO E 41 20.73 33.34 -25.03
C PRO E 41 19.45 33.82 -25.70
N GLY E 42 18.41 34.00 -24.88
CA GLY E 42 17.13 34.52 -25.32
C GLY E 42 16.31 33.55 -26.14
N LYS E 43 16.65 32.27 -26.04
CA LYS E 43 15.88 31.25 -26.76
C LYS E 43 15.35 30.14 -25.83
N GLY E 44 14.76 29.11 -26.44
CA GLY E 44 14.15 28.04 -25.68
C GLY E 44 15.11 27.03 -25.06
N LEU E 45 14.55 25.90 -24.66
CA LEU E 45 15.32 24.88 -23.97
C LEU E 45 15.55 23.64 -24.85
N GLU E 46 16.68 22.98 -24.68
CA GLU E 46 17.00 21.81 -25.48
C GLU E 46 17.65 20.73 -24.64
N TRP E 47 17.07 19.54 -24.70
CA TRP E 47 17.61 18.40 -24.01
C TRP E 47 18.75 17.83 -24.84
N VAL E 48 19.91 17.64 -24.22
CA VAL E 48 21.05 17.09 -24.96
C VAL E 48 21.33 15.62 -24.67
N GLY E 49 21.03 15.14 -23.46
CA GLY E 49 21.28 13.75 -23.12
C GLY E 49 21.35 13.45 -21.62
N TYR E 50 21.41 12.16 -21.28
CA TYR E 50 21.56 11.76 -19.88
C TYR E 50 22.48 10.56 -19.70
N ASN E 51 23.06 10.44 -18.50
CA ASN E 51 23.92 9.34 -18.16
C ASN E 51 23.53 8.73 -16.82
N ASN E 52 23.42 7.40 -16.78
CA ASN E 52 23.13 6.66 -15.56
C ASN E 52 24.43 6.12 -14.98
N PRO E 53 24.90 6.74 -13.88
CA PRO E 53 26.21 6.44 -13.28
C PRO E 53 26.29 5.03 -12.68
N TYR E 54 25.16 4.34 -12.54
CA TYR E 54 25.19 2.99 -12.02
C TYR E 54 25.73 2.02 -13.08
N ASN E 55 25.45 2.29 -14.34
CA ASN E 55 25.91 1.40 -15.40
C ASN E 55 26.64 2.12 -16.52
N ALA E 56 27.00 3.38 -16.27
CA ALA E 56 27.71 4.20 -17.24
C ALA E 56 27.04 4.26 -18.61
N GLY E 57 25.74 3.95 -18.66
CA GLY E 57 24.99 3.98 -19.89
C GLY E 57 24.57 5.40 -20.19
N THR E 58 24.53 5.77 -21.46
CA THR E 58 24.15 7.12 -21.86
C THR E 58 23.12 7.12 -22.99
N ASN E 59 22.34 8.20 -23.04
CA ASN E 59 21.39 8.41 -24.13
C ASN E 59 21.45 9.85 -24.64
N TYR E 60 21.78 10.01 -25.91
CA TYR E 60 22.02 11.33 -26.48
C TYR E 60 20.87 11.81 -27.36
N ASN E 61 20.73 13.13 -27.41
CA ASN E 61 19.96 13.77 -28.47
C ASN E 61 20.68 13.45 -29.77
N GLU E 62 19.93 13.07 -30.80
CA GLU E 62 20.54 12.69 -32.08
C GLU E 62 21.36 13.81 -32.72
N LYS E 63 21.09 15.03 -32.28
CA LYS E 63 21.75 16.24 -32.76
C LYS E 63 23.18 16.36 -32.22
N PHE E 64 23.50 15.59 -31.19
CA PHE E 64 24.76 15.81 -30.48
C PHE E 64 25.71 14.61 -30.43
N LYS E 65 25.23 13.44 -30.89
CA LYS E 65 26.05 12.23 -30.85
C LYS E 65 27.32 12.43 -31.66
N GLY E 66 28.43 11.98 -31.09
CA GLY E 66 29.73 12.21 -31.69
C GLY E 66 30.49 13.32 -31.01
N ARG E 67 29.91 14.52 -30.98
CA ARG E 67 30.59 15.67 -30.39
C ARG E 67 30.53 15.61 -28.87
N PHE E 68 29.33 15.50 -28.33
CA PHE E 68 29.16 15.58 -26.89
C PHE E 68 29.27 14.19 -26.28
N THR E 69 29.96 14.10 -25.15
CA THR E 69 30.15 12.86 -24.39
C THR E 69 29.72 13.06 -22.94
N ILE E 70 28.72 12.31 -22.50
CA ILE E 70 28.26 12.42 -21.12
C ILE E 70 28.78 11.24 -20.31
N SER E 71 29.28 11.52 -19.11
CA SER E 71 29.86 10.48 -18.25
C SER E 71 29.72 10.84 -16.79
N SER E 72 30.23 9.98 -15.91
CA SER E 72 30.15 10.21 -14.48
C SER E 72 31.32 9.61 -13.71
N ASP E 73 31.32 9.80 -12.40
CA ASP E 73 32.44 9.40 -11.54
C ASP E 73 31.89 9.08 -10.14
N LYS E 74 31.44 7.85 -9.91
CA LYS E 74 30.71 7.54 -8.67
C LYS E 74 31.48 7.86 -7.39
N SER E 75 32.81 7.86 -7.48
CA SER E 75 33.65 8.11 -6.33
C SER E 75 33.74 9.60 -6.05
N LYS E 76 33.20 10.39 -6.99
CA LYS E 76 33.20 11.85 -6.85
C LYS E 76 31.78 12.43 -6.90
N ASN E 77 30.78 11.56 -7.08
CA ASN E 77 29.37 11.97 -7.23
C ASN E 77 29.22 13.12 -8.21
N THR E 78 29.74 12.91 -9.41
CA THR E 78 29.87 14.01 -10.35
C THR E 78 29.63 13.56 -11.77
N ALA E 79 28.82 14.32 -12.48
CA ALA E 79 28.51 14.05 -13.87
C ALA E 79 29.29 15.01 -14.74
N TYR E 80 29.55 14.61 -15.98
CA TYR E 80 30.35 15.46 -16.85
C TYR E 80 29.73 15.59 -18.24
N LEU E 81 29.83 16.79 -18.80
CA LEU E 81 29.47 16.99 -20.19
C LEU E 81 30.71 17.39 -20.96
N GLN E 82 31.15 16.50 -21.84
CA GLN E 82 32.33 16.77 -22.65
C GLN E 82 31.91 17.20 -24.04
N MET E 83 32.21 18.45 -24.39
CA MET E 83 31.83 18.96 -25.70
C MET E 83 33.08 19.19 -26.53
N ASN E 84 33.14 18.53 -27.68
CA ASN E 84 34.28 18.68 -28.57
C ASN E 84 33.84 19.35 -29.84
N SER E 85 34.80 19.95 -30.55
CA SER E 85 34.54 20.65 -31.79
C SER E 85 33.32 21.61 -31.71
N LEU E 86 33.49 22.70 -30.97
CA LEU E 86 32.41 23.62 -30.65
C LEU E 86 32.22 24.73 -31.67
N ARG E 87 30.97 25.12 -31.90
CA ARG E 87 30.68 26.25 -32.76
C ARG E 87 29.93 27.35 -32.02
N ALA E 88 29.76 28.49 -32.70
CA ALA E 88 29.03 29.63 -32.16
C ALA E 88 27.61 29.28 -31.72
N GLU E 89 26.95 28.43 -32.50
CA GLU E 89 25.59 28.01 -32.21
C GLU E 89 25.54 27.30 -30.89
N ASP E 90 26.70 26.85 -30.43
CA ASP E 90 26.75 26.12 -29.17
C ASP E 90 26.79 27.03 -27.95
N THR E 91 26.92 28.34 -28.17
CA THR E 91 26.93 29.29 -27.06
C THR E 91 25.62 29.22 -26.29
N ALA E 92 25.70 28.88 -25.01
CA ALA E 92 24.52 28.73 -24.19
C ALA E 92 24.82 28.57 -22.70
N VAL E 93 23.75 28.60 -21.91
CA VAL E 93 23.80 28.15 -20.53
C VAL E 93 23.53 26.67 -20.54
N TYR E 94 24.33 25.90 -19.80
CA TYR E 94 24.17 24.47 -19.78
C TYR E 94 23.76 24.01 -18.40
N TYR E 95 22.51 23.56 -18.23
CA TYR E 95 22.03 23.07 -16.95
C TYR E 95 22.18 21.56 -16.84
N CYS E 96 22.52 21.08 -15.64
CA CYS E 96 22.36 19.65 -15.37
C CYS E 96 21.07 19.48 -14.59
N SER E 97 20.45 18.32 -14.71
CA SER E 97 19.18 18.11 -14.04
C SER E 97 19.00 16.68 -13.58
N ARG E 98 18.58 16.52 -12.33
CA ARG E 98 18.25 15.20 -11.81
C ARG E 98 16.75 15.13 -11.77
N PRO E 99 16.19 14.01 -12.25
CA PRO E 99 14.74 13.82 -12.34
C PRO E 99 14.20 13.08 -11.13
N THR E 100 12.89 12.87 -11.13
CA THR E 100 12.27 11.97 -10.19
C THR E 100 11.97 10.72 -11.01
N MET E 101 10.83 10.71 -11.67
CA MET E 101 10.63 9.73 -12.71
C MET E 101 11.43 10.32 -13.87
N LEU E 102 12.03 9.46 -14.67
CA LEU E 102 12.97 9.85 -15.72
C LEU E 102 12.71 11.18 -16.45
N PRO E 103 11.52 11.37 -17.04
CA PRO E 103 11.40 12.50 -17.96
C PRO E 103 10.92 13.78 -17.30
N TRP E 104 10.81 13.78 -15.98
CA TRP E 104 10.40 14.98 -15.23
C TRP E 104 11.60 15.70 -14.60
N PHE E 105 11.95 16.85 -15.16
CA PHE E 105 13.17 17.53 -14.77
C PHE E 105 12.99 18.24 -13.43
N ALA E 106 13.15 17.47 -12.36
CA ALA E 106 12.76 17.93 -11.04
C ALA E 106 13.78 18.82 -10.35
N TYR E 107 15.05 18.41 -10.39
CA TYR E 107 16.10 19.15 -9.71
C TYR E 107 17.06 19.70 -10.74
N TRP E 108 17.40 20.98 -10.60
CA TRP E 108 18.30 21.64 -11.54
C TRP E 108 19.56 22.18 -10.86
N GLY E 109 20.66 22.18 -11.58
CA GLY E 109 21.83 22.92 -11.17
C GLY E 109 21.55 24.40 -11.41
N GLN E 110 22.61 25.20 -11.47
CA GLN E 110 22.44 26.64 -11.59
C GLN E 110 22.81 27.13 -12.99
N GLY E 111 23.42 26.22 -13.75
CA GLY E 111 23.82 26.48 -15.13
C GLY E 111 25.14 27.22 -15.20
N THR E 112 26.00 26.85 -16.14
CA THR E 112 27.15 27.70 -16.46
C THR E 112 27.04 28.18 -17.90
N LEU E 113 27.69 29.30 -18.18
CA LEU E 113 27.63 29.87 -19.50
C LEU E 113 28.86 29.46 -20.28
N VAL E 114 28.62 28.81 -21.42
CA VAL E 114 29.69 28.58 -22.37
C VAL E 114 29.58 29.55 -23.53
N THR E 115 30.60 30.37 -23.70
CA THR E 115 30.63 31.34 -24.78
C THR E 115 31.65 30.86 -25.80
N VAL E 116 31.23 30.71 -27.05
CA VAL E 116 32.14 30.32 -28.12
C VAL E 116 32.40 31.51 -29.03
N SER E 117 33.67 31.91 -29.15
CA SER E 117 34.02 33.19 -29.74
C SER E 117 35.49 33.23 -30.09
N SER E 118 35.82 33.81 -31.25
CA SER E 118 37.22 33.97 -31.60
C SER E 118 37.83 35.07 -30.75
N ALA E 119 36.97 35.84 -30.09
CA ALA E 119 37.38 36.94 -29.21
C ALA E 119 38.19 36.49 -28.01
N SER E 120 38.76 37.45 -27.31
CA SER E 120 39.64 37.14 -26.19
C SER E 120 39.13 37.80 -24.95
N THR E 121 39.68 37.41 -23.81
CA THR E 121 39.12 37.80 -22.52
C THR E 121 39.59 39.18 -22.12
N LYS E 122 38.67 40.01 -21.64
CA LYS E 122 39.05 41.30 -21.10
C LYS E 122 38.33 41.61 -19.80
N GLY E 123 39.07 42.08 -18.80
CA GLY E 123 38.47 42.49 -17.55
C GLY E 123 37.81 43.86 -17.67
N PRO E 124 36.88 44.15 -16.77
CA PRO E 124 36.11 45.39 -16.83
C PRO E 124 36.85 46.55 -16.18
N SER E 125 36.52 47.79 -16.55
CA SER E 125 36.91 48.96 -15.80
C SER E 125 35.69 49.45 -15.04
N VAL E 126 35.85 49.80 -13.77
CA VAL E 126 34.70 50.24 -12.97
C VAL E 126 34.76 51.72 -12.63
N PHE E 127 33.72 52.45 -13.00
CA PHE E 127 33.64 53.87 -12.73
C PHE E 127 32.41 54.19 -11.93
N PRO E 128 32.51 55.23 -11.08
CA PRO E 128 31.41 55.75 -10.27
C PRO E 128 30.38 56.57 -11.05
N LEU E 129 29.12 56.29 -10.72
CA LEU E 129 28.02 57.17 -11.01
C LEU E 129 27.73 57.84 -9.67
N ALA E 130 28.29 59.04 -9.54
CA ALA E 130 28.18 59.85 -8.34
C ALA E 130 26.80 60.50 -8.17
N PRO E 131 26.38 60.74 -6.91
CA PRO E 131 25.14 61.38 -6.49
C PRO E 131 25.02 62.87 -6.81
N SER E 132 23.79 63.33 -7.03
CA SER E 132 23.46 64.76 -7.25
C SER E 132 24.11 65.39 -8.47
N GLY E 133 15.75 64.62 0.07
CA GLY E 133 14.79 63.51 0.03
C GLY E 133 15.45 62.18 -0.26
N THR E 134 15.53 61.83 -1.54
CA THR E 134 16.12 60.55 -1.96
C THR E 134 17.08 60.69 -3.16
N ALA E 135 18.21 60.02 -3.08
CA ALA E 135 19.26 60.14 -4.08
C ALA E 135 19.73 58.80 -4.65
N ALA E 136 20.18 58.86 -5.91
CA ALA E 136 20.59 57.70 -6.67
C ALA E 136 22.09 57.72 -6.91
N LEU E 137 22.71 56.56 -6.74
CA LEU E 137 24.12 56.40 -7.04
C LEU E 137 24.32 55.04 -7.69
N GLY E 138 25.53 54.74 -8.14
CA GLY E 138 25.82 53.48 -8.82
C GLY E 138 27.19 53.35 -9.47
N CYS E 139 27.39 52.25 -10.18
CA CYS E 139 28.69 51.93 -10.80
C CYS E 139 28.55 51.59 -12.28
N LEU E 140 29.44 52.14 -13.10
CA LEU E 140 29.51 51.72 -14.49
C LEU E 140 30.55 50.61 -14.62
N VAL E 141 30.13 49.43 -15.05
CA VAL E 141 31.07 48.35 -15.31
C VAL E 141 31.26 48.25 -16.80
N LYS E 142 32.40 48.72 -17.27
CA LYS E 142 32.59 49.02 -18.69
C LYS E 142 33.62 48.10 -19.35
N ASP E 143 33.38 47.79 -20.62
CA ASP E 143 34.35 47.08 -21.48
C ASP E 143 34.91 45.79 -20.91
N TYR E 144 34.12 44.72 -20.94
CA TYR E 144 34.59 43.41 -20.50
C TYR E 144 34.09 42.30 -21.40
N PHE E 145 34.64 41.10 -21.19
CA PHE E 145 34.29 39.94 -22.00
C PHE E 145 34.93 38.70 -21.41
N PRO E 146 34.18 37.60 -21.36
CA PRO E 146 32.79 37.55 -21.77
C PRO E 146 31.91 37.74 -20.56
N GLU E 147 30.61 37.49 -20.71
CA GLU E 147 29.72 37.48 -19.57
C GLU E 147 30.12 36.29 -18.71
N PRO E 148 29.73 36.29 -17.41
CA PRO E 148 28.93 37.27 -16.67
C PRO E 148 29.75 38.17 -15.76
N VAL E 149 29.09 39.18 -15.22
CA VAL E 149 29.66 39.97 -14.16
C VAL E 149 28.71 40.07 -12.99
N THR E 150 29.21 39.85 -11.78
CA THR E 150 28.46 40.02 -10.54
C THR E 150 28.66 41.41 -9.97
N VAL E 151 27.58 42.07 -9.58
CA VAL E 151 27.71 43.28 -8.75
C VAL E 151 26.95 43.12 -7.42
N SER E 152 27.52 43.64 -6.35
CA SER E 152 26.82 43.73 -5.07
C SER E 152 27.18 45.06 -4.43
N TRP E 153 26.48 45.40 -3.35
CA TRP E 153 26.71 46.68 -2.72
C TRP E 153 26.98 46.47 -1.24
N ASN E 154 28.03 47.14 -0.74
CA ASN E 154 28.38 47.07 0.66
C ASN E 154 28.55 45.63 1.10
N SER E 155 29.19 44.86 0.23
CA SER E 155 29.49 43.45 0.44
C SER E 155 28.26 42.62 0.82
N GLY E 156 27.11 42.99 0.26
CA GLY E 156 25.89 42.22 0.44
C GLY E 156 24.95 42.85 1.45
N ALA E 157 25.50 43.75 2.26
CA ALA E 157 24.75 44.44 3.31
C ALA E 157 23.64 45.29 2.72
N LEU E 158 23.90 45.84 1.54
CA LEU E 158 22.96 46.74 0.87
C LEU E 158 22.25 46.04 -0.27
N THR E 159 20.97 45.75 -0.09
CA THR E 159 20.20 45.13 -1.15
C THR E 159 18.99 45.98 -1.53
N SER E 160 18.34 46.56 -0.53
CA SER E 160 17.13 47.34 -0.77
C SER E 160 17.33 48.50 -1.75
N GLY E 161 16.76 48.37 -2.93
CA GLY E 161 16.70 49.48 -3.86
C GLY E 161 17.80 49.40 -4.88
N VAL E 162 18.35 48.21 -5.05
CA VAL E 162 19.42 48.05 -6.00
C VAL E 162 18.82 47.59 -7.28
N HIS E 163 19.17 48.26 -8.38
CA HIS E 163 18.88 47.74 -9.70
C HIS E 163 20.21 47.51 -10.46
N THR E 164 20.50 46.27 -10.80
CA THR E 164 21.65 45.98 -11.64
C THR E 164 21.14 45.57 -13.02
N PHE E 165 21.42 46.38 -14.02
CA PHE E 165 20.84 46.16 -15.33
C PHE E 165 21.51 45.04 -16.09
N PRO E 166 20.79 44.47 -17.07
CA PRO E 166 21.36 43.57 -18.07
C PRO E 166 22.48 44.26 -18.82
N ALA E 167 23.52 43.51 -19.16
CA ALA E 167 24.61 44.07 -19.92
C ALA E 167 24.13 44.44 -21.31
N VAL E 168 24.89 45.28 -22.00
CA VAL E 168 24.67 45.43 -23.43
C VAL E 168 25.99 45.16 -24.13
N LEU E 169 25.89 44.62 -25.34
CA LEU E 169 27.07 44.40 -26.14
C LEU E 169 27.33 45.67 -26.94
N GLN E 170 28.44 46.33 -26.67
CA GLN E 170 28.74 47.53 -27.44
C GLN E 170 29.32 47.09 -28.77
N SER E 171 29.45 48.03 -29.70
CA SER E 171 30.06 47.75 -31.00
C SER E 171 31.53 47.38 -30.82
N SER E 172 32.06 47.75 -29.65
CA SER E 172 33.38 47.33 -29.20
C SER E 172 33.51 45.84 -29.37
N GLY E 173 32.41 45.13 -29.12
CA GLY E 173 32.41 43.68 -29.03
C GLY E 173 32.65 43.31 -27.57
N LEU E 174 32.48 44.30 -26.72
CA LEU E 174 32.68 44.16 -25.29
C LEU E 174 31.39 44.56 -24.61
N TYR E 175 31.09 43.91 -23.50
CA TYR E 175 29.88 44.20 -22.74
C TYR E 175 30.12 45.38 -21.82
N SER E 176 29.04 45.88 -21.23
CA SER E 176 29.14 46.96 -20.27
C SER E 176 27.81 47.02 -19.55
N LEU E 177 27.85 47.04 -18.23
CA LEU E 177 26.62 47.19 -17.47
C LEU E 177 26.76 48.26 -16.40
N SER E 178 25.64 48.61 -15.78
CA SER E 178 25.66 49.50 -14.64
C SER E 178 24.76 48.99 -13.51
N SER E 179 25.19 49.23 -12.26
CA SER E 179 24.40 48.91 -11.09
C SER E 179 24.05 50.23 -10.44
N VAL E 180 22.93 50.28 -9.75
CA VAL E 180 22.41 51.54 -9.28
C VAL E 180 21.62 51.30 -8.00
N VAL E 181 21.64 52.26 -7.10
CA VAL E 181 20.87 52.10 -5.87
C VAL E 181 20.31 53.47 -5.48
N THR E 182 19.13 53.47 -4.89
CA THR E 182 18.56 54.70 -4.37
C THR E 182 18.62 54.62 -2.87
N VAL E 183 19.09 55.71 -2.26
CA VAL E 183 19.19 55.78 -0.81
C VAL E 183 18.77 57.18 -0.41
N PRO E 184 18.24 57.34 0.80
CA PRO E 184 17.96 58.65 1.38
C PRO E 184 19.14 59.61 1.27
N SER E 185 18.88 60.87 0.94
CA SER E 185 19.95 61.85 0.81
C SER E 185 20.78 61.97 2.09
N SER E 186 20.08 62.02 3.22
CA SER E 186 20.72 62.16 4.51
C SER E 186 21.83 61.13 4.75
N SER E 187 21.76 60.01 4.05
CA SER E 187 22.64 58.88 4.33
C SER E 187 24.03 58.92 3.68
N LEU E 188 24.18 59.62 2.55
CA LEU E 188 25.50 59.97 2.06
C LEU E 188 26.04 60.81 3.19
N GLY E 189 27.31 60.67 3.51
CA GLY E 189 27.81 61.50 4.60
C GLY E 189 27.72 60.88 5.97
N THR E 190 26.82 59.90 6.13
CA THR E 190 26.81 59.06 7.33
C THR E 190 27.14 57.60 6.97
N GLN E 191 26.95 57.25 5.70
CA GLN E 191 27.08 55.87 5.22
C GLN E 191 27.95 55.76 3.98
N THR E 192 29.10 55.09 4.05
CA THR E 192 29.84 54.83 2.80
C THR E 192 29.14 53.76 1.95
N TYR E 193 29.11 54.01 0.64
CA TYR E 193 28.54 53.07 -0.32
C TYR E 193 29.64 52.55 -1.24
N ILE E 194 29.89 51.25 -1.22
CA ILE E 194 30.85 50.64 -2.16
C ILE E 194 30.16 49.61 -3.05
N CYS E 195 30.56 49.52 -4.32
CA CYS E 195 30.06 48.43 -5.15
C CYS E 195 31.15 47.39 -5.32
N ASN E 196 30.74 46.12 -5.26
CA ASN E 196 31.67 45.01 -5.34
C ASN E 196 31.48 44.27 -6.66
N VAL E 197 32.35 44.56 -7.63
CA VAL E 197 32.23 43.99 -8.96
C VAL E 197 33.09 42.73 -9.09
N ASN E 198 32.51 41.65 -9.61
CA ASN E 198 33.27 40.44 -9.87
C ASN E 198 33.13 39.99 -11.31
N HIS E 199 34.27 39.78 -11.98
CA HIS E 199 34.30 39.24 -13.33
C HIS E 199 35.18 38.01 -13.36
N LYS E 200 34.68 36.91 -12.82
CA LYS E 200 35.43 35.67 -12.75
C LYS E 200 36.18 35.19 -14.01
N PRO E 201 35.62 35.38 -15.21
CA PRO E 201 36.34 34.98 -16.42
C PRO E 201 37.75 35.55 -16.60
N SER E 202 38.04 36.65 -15.90
CA SER E 202 39.36 37.27 -16.00
C SER E 202 39.91 37.52 -14.60
N ASN E 203 39.37 36.82 -13.61
CA ASN E 203 39.86 36.88 -12.24
C ASN E 203 39.98 38.30 -11.67
N THR E 204 39.21 39.22 -12.24
CA THR E 204 39.10 40.61 -11.81
C THR E 204 38.06 40.76 -10.72
N LYS E 205 38.45 41.29 -9.58
CA LYS E 205 37.50 41.60 -8.52
C LYS E 205 37.89 42.96 -7.98
N VAL E 206 36.91 43.84 -7.90
CA VAL E 206 37.15 45.27 -7.74
C VAL E 206 36.08 45.89 -6.87
N ASP E 207 36.48 46.68 -5.87
CA ASP E 207 35.52 47.40 -5.02
C ASP E 207 35.71 48.89 -5.22
N LYS E 208 34.66 49.57 -5.63
CA LYS E 208 34.78 50.96 -5.99
C LYS E 208 33.84 51.81 -5.12
N LYS E 209 34.44 52.64 -4.28
CA LYS E 209 33.69 53.50 -3.39
C LYS E 209 33.05 54.65 -4.19
N VAL E 210 31.72 54.71 -4.18
CA VAL E 210 30.98 55.82 -4.79
C VAL E 210 30.74 56.98 -3.81
N GLU E 211 31.19 58.17 -4.21
CA GLU E 211 31.19 59.35 -3.35
C GLU E 211 30.78 60.58 -4.13
N PRO E 212 29.95 61.43 -3.53
CA PRO E 212 29.63 62.74 -4.12
C PRO E 212 30.87 63.60 -4.40
N LYS E 213 30.81 64.46 -5.41
CA LYS E 213 31.87 65.46 -5.59
C LYS E 213 31.31 66.86 -5.85
N ASP F 1 24.84 -29.32 1.56
CA ASP F 1 24.02 -28.12 1.58
C ASP F 1 24.90 -26.90 1.33
N ILE F 2 24.48 -25.74 1.85
CA ILE F 2 25.31 -24.55 1.77
C ILE F 2 25.99 -24.35 3.10
N GLN F 3 27.31 -24.28 3.12
CA GLN F 3 28.00 -24.08 4.40
C GLN F 3 28.35 -22.63 4.64
N MET F 4 28.14 -22.20 5.88
CA MET F 4 28.42 -20.86 6.32
C MET F 4 29.57 -20.85 7.32
N THR F 5 30.68 -20.24 6.91
CA THR F 5 31.93 -20.25 7.69
C THR F 5 32.27 -18.87 8.28
N GLN F 6 31.89 -18.71 9.54
CA GLN F 6 31.87 -17.43 10.22
C GLN F 6 33.20 -17.20 10.90
N SER F 7 33.71 -15.98 10.86
CA SER F 7 35.03 -15.69 11.41
C SER F 7 35.17 -14.26 11.98
N PRO F 8 36.00 -14.08 13.01
CA PRO F 8 36.75 -15.14 13.70
C PRO F 8 35.83 -15.90 14.64
N SER F 9 36.35 -16.93 15.29
CA SER F 9 35.56 -17.75 16.19
C SER F 9 35.07 -16.94 17.37
N SER F 10 35.95 -16.12 17.90
CA SER F 10 35.59 -15.16 18.95
C SER F 10 36.51 -13.96 18.88
N LEU F 11 36.18 -12.93 19.64
CA LEU F 11 37.01 -11.74 19.68
C LEU F 11 36.74 -10.92 20.93
N SER F 12 37.72 -10.12 21.31
CA SER F 12 37.60 -9.28 22.47
C SER F 12 37.84 -7.86 22.01
N ALA F 13 36.93 -6.96 22.38
CA ALA F 13 37.11 -5.53 22.11
C ALA F 13 36.58 -4.70 23.28
N SER F 14 37.08 -3.47 23.41
CA SER F 14 36.65 -2.55 24.46
C SER F 14 35.45 -1.76 23.98
N VAL F 15 34.78 -1.11 24.90
CA VAL F 15 33.62 -0.31 24.56
C VAL F 15 34.04 0.90 23.72
N GLY F 16 33.42 1.02 22.55
CA GLY F 16 33.70 2.10 21.62
C GLY F 16 34.27 1.56 20.33
N ASP F 17 34.98 0.45 20.47
CA ASP F 17 35.61 -0.25 19.35
C ASP F 17 34.66 -0.64 18.22
N ARG F 18 35.20 -0.59 17.01
CA ARG F 18 34.49 -1.02 15.81
C ARG F 18 34.77 -2.49 15.58
N VAL F 19 33.72 -3.29 15.67
CA VAL F 19 33.86 -4.74 15.58
C VAL F 19 33.27 -5.29 14.29
N THR F 20 34.10 -5.97 13.52
CA THR F 20 33.72 -6.53 12.23
C THR F 20 33.74 -8.06 12.29
N ILE F 21 32.66 -8.69 11.83
CA ILE F 21 32.54 -10.14 11.83
C ILE F 21 32.24 -10.62 10.41
N THR F 22 32.96 -11.63 9.92
CA THR F 22 32.80 -12.09 8.53
C THR F 22 32.08 -13.43 8.38
N CYS F 23 31.31 -13.58 7.30
CA CYS F 23 30.66 -14.86 7.00
C CYS F 23 30.81 -15.21 5.54
N ARG F 24 31.37 -16.38 5.24
CA ARG F 24 31.58 -16.75 3.85
C ARG F 24 30.74 -17.95 3.49
N ALA F 25 29.94 -17.82 2.43
CA ALA F 25 28.96 -18.84 2.02
C ALA F 25 29.53 -19.79 0.98
N SER F 26 29.22 -21.09 1.10
CA SER F 26 29.79 -22.09 0.20
C SER F 26 29.44 -21.84 -1.29
N GLN F 27 28.24 -21.32 -1.55
CA GLN F 27 27.83 -20.98 -2.91
C GLN F 27 27.65 -19.48 -3.07
N ALA F 28 27.34 -19.05 -4.29
CA ALA F 28 26.78 -17.72 -4.48
C ALA F 28 25.37 -17.77 -3.88
N VAL F 29 24.89 -16.65 -3.37
CA VAL F 29 23.71 -16.73 -2.54
C VAL F 29 22.79 -15.48 -2.57
N SER F 30 22.94 -14.67 -3.61
CA SER F 30 22.24 -13.37 -3.73
C SER F 30 22.58 -12.49 -2.52
N SER F 31 21.58 -11.82 -1.95
CA SER F 31 21.76 -11.11 -0.69
C SER F 31 21.03 -11.84 0.45
N ALA F 32 20.73 -13.11 0.21
CA ALA F 32 19.87 -13.90 1.08
C ALA F 32 20.54 -14.37 2.37
N VAL F 33 21.04 -13.42 3.14
CA VAL F 33 21.76 -13.73 4.37
C VAL F 33 21.17 -12.95 5.53
N ALA F 34 21.06 -13.60 6.69
CA ALA F 34 20.59 -12.93 7.91
C ALA F 34 21.63 -13.03 9.00
N TRP F 35 21.49 -12.17 10.00
CA TRP F 35 22.38 -12.15 11.15
C TRP F 35 21.57 -12.15 12.44
N TYR F 36 21.92 -13.01 13.39
CA TYR F 36 21.26 -13.07 14.71
C TYR F 36 22.20 -12.81 15.88
N GLN F 37 21.62 -12.46 17.03
CA GLN F 37 22.40 -12.23 18.23
C GLN F 37 21.81 -13.00 19.38
N GLN F 38 22.62 -13.79 20.07
CA GLN F 38 22.11 -14.62 21.14
C GLN F 38 22.92 -14.45 22.42
N LYS F 39 22.25 -14.05 23.48
CA LYS F 39 22.85 -14.01 24.81
C LYS F 39 22.53 -15.34 25.50
N PRO F 40 23.46 -15.85 26.32
CA PRO F 40 23.37 -17.22 26.85
C PRO F 40 22.08 -17.47 27.60
N GLY F 41 21.41 -18.59 27.31
CA GLY F 41 20.18 -18.94 28.00
C GLY F 41 18.97 -18.17 27.51
N LYS F 42 19.11 -17.55 26.35
CA LYS F 42 18.02 -16.80 25.73
C LYS F 42 17.95 -17.11 24.24
N ALA F 43 16.81 -16.78 23.64
CA ALA F 43 16.63 -17.10 22.24
C ALA F 43 17.35 -16.07 21.39
N PRO F 44 17.82 -16.47 20.19
CA PRO F 44 18.39 -15.48 19.27
C PRO F 44 17.44 -14.32 19.00
N LYS F 45 18.02 -13.18 18.66
CA LYS F 45 17.27 -12.02 18.23
C LYS F 45 17.64 -11.80 16.77
N LEU F 46 16.65 -11.52 15.93
CA LEU F 46 16.95 -11.12 14.58
C LEU F 46 17.60 -9.73 14.60
N LEU F 47 18.70 -9.61 13.86
CA LEU F 47 19.43 -8.35 13.78
C LEU F 47 19.31 -7.76 12.40
N ILE F 48 19.52 -8.61 11.39
CA ILE F 48 19.62 -8.17 10.01
C ILE F 48 19.12 -9.23 9.06
N TYR F 49 18.29 -8.84 8.10
CA TYR F 49 17.87 -9.75 7.04
C TYR F 49 18.23 -9.14 5.70
N SER F 50 18.06 -9.94 4.63
CA SER F 50 18.40 -9.52 3.28
C SER F 50 19.79 -8.89 3.15
N ALA F 51 20.74 -9.46 3.90
CA ALA F 51 22.14 -9.01 3.94
C ALA F 51 22.37 -7.66 4.64
N SER F 52 21.57 -6.67 4.31
CA SER F 52 21.79 -5.30 4.79
C SER F 52 20.63 -4.67 5.55
N HIS F 53 19.45 -5.30 5.54
CA HIS F 53 18.28 -4.69 6.19
C HIS F 53 18.23 -4.98 7.67
N ARG F 54 18.21 -3.90 8.44
CA ARG F 54 18.14 -3.98 9.89
C ARG F 54 16.72 -4.31 10.40
N TYR F 55 16.59 -5.37 11.18
CA TYR F 55 15.29 -5.70 11.74
C TYR F 55 14.83 -4.60 12.67
N THR F 56 13.51 -4.37 12.74
CA THR F 56 12.99 -3.27 13.55
C THR F 56 13.33 -3.42 15.03
N GLY F 57 13.68 -2.31 15.66
CA GLY F 57 14.08 -2.31 17.05
C GLY F 57 15.58 -2.35 17.22
N VAL F 58 16.28 -2.90 16.22
CA VAL F 58 17.73 -3.04 16.25
C VAL F 58 18.44 -1.69 16.11
N PRO F 59 19.32 -1.35 17.08
CA PRO F 59 20.03 -0.05 17.08
C PRO F 59 20.90 0.15 15.86
N SER F 60 21.15 1.42 15.56
CA SER F 60 21.80 1.82 14.31
C SER F 60 23.23 1.32 14.19
N ARG F 61 23.91 1.12 15.32
CA ARG F 61 25.32 0.72 15.31
C ARG F 61 25.54 -0.65 14.65
N PHE F 62 24.48 -1.46 14.65
CA PHE F 62 24.47 -2.73 13.92
C PHE F 62 24.16 -2.54 12.45
N SER F 63 25.06 -2.95 11.57
CA SER F 63 24.81 -2.86 10.13
C SER F 63 25.37 -4.07 9.44
N GLY F 64 24.78 -4.40 8.30
CA GLY F 64 25.21 -5.56 7.54
C GLY F 64 25.51 -5.19 6.11
N SER F 65 26.59 -5.76 5.59
CA SER F 65 27.01 -5.51 4.23
C SER F 65 27.26 -6.85 3.55
N GLY F 66 27.60 -6.81 2.26
CA GLY F 66 27.95 -8.02 1.51
C GLY F 66 26.96 -8.43 0.44
N SER F 67 27.47 -9.11 -0.59
CA SER F 67 26.62 -9.66 -1.62
C SER F 67 27.33 -10.79 -2.34
N GLY F 68 26.55 -11.75 -2.80
CA GLY F 68 27.11 -12.87 -3.52
C GLY F 68 27.64 -13.92 -2.57
N THR F 69 28.81 -13.67 -1.99
CA THR F 69 29.46 -14.70 -1.19
C THR F 69 30.21 -14.24 0.07
N ASP F 70 30.62 -12.98 0.11
CA ASP F 70 31.25 -12.42 1.31
C ASP F 70 30.31 -11.47 2.03
N PHE F 71 30.05 -11.75 3.31
CA PHE F 71 29.12 -10.94 4.09
C PHE F 71 29.72 -10.50 5.41
N THR F 72 29.25 -9.35 5.90
CA THR F 72 29.86 -8.72 7.05
C THR F 72 28.87 -8.04 7.99
N LEU F 73 28.85 -8.49 9.23
CA LEU F 73 28.15 -7.76 10.28
C LEU F 73 29.12 -6.79 10.96
N THR F 74 28.69 -5.56 11.16
CA THR F 74 29.59 -4.55 11.72
C THR F 74 28.92 -3.82 12.88
N ILE F 75 29.57 -3.84 14.04
CA ILE F 75 29.14 -3.01 15.14
C ILE F 75 30.13 -1.87 15.26
N SER F 76 29.68 -0.65 15.04
CA SER F 76 30.58 0.50 15.01
C SER F 76 31.05 0.97 16.39
N SER F 77 30.14 1.03 17.36
CA SER F 77 30.47 1.42 18.73
C SER F 77 30.03 0.34 19.69
N LEU F 78 30.93 -0.59 20.00
CA LEU F 78 30.59 -1.74 20.81
C LEU F 78 30.14 -1.32 22.21
N GLN F 79 29.04 -1.88 22.69
CA GLN F 79 28.46 -1.44 23.96
C GLN F 79 28.57 -2.53 25.04
N PRO F 80 28.53 -2.14 26.32
CA PRO F 80 28.72 -3.13 27.39
C PRO F 80 27.66 -4.22 27.41
N GLU F 81 26.58 -4.05 26.65
CA GLU F 81 25.48 -5.02 26.64
C GLU F 81 25.44 -5.69 25.30
N ASP F 82 26.54 -5.58 24.56
CA ASP F 82 26.57 -6.13 23.21
C ASP F 82 27.29 -7.45 23.18
N PHE F 83 27.77 -7.88 24.35
CA PHE F 83 28.40 -9.18 24.44
C PHE F 83 27.32 -10.22 24.16
N ALA F 84 27.65 -11.15 23.27
CA ALA F 84 26.75 -12.23 22.90
C ALA F 84 27.44 -13.05 21.84
N THR F 85 26.75 -14.09 21.38
CA THR F 85 27.24 -14.90 20.29
C THR F 85 26.40 -14.58 19.05
N TYR F 86 27.06 -14.02 18.03
CA TYR F 86 26.37 -13.56 16.82
C TYR F 86 26.45 -14.59 15.71
N TYR F 87 25.30 -14.94 15.14
CA TYR F 87 25.25 -15.96 14.10
C TYR F 87 24.87 -15.33 12.76
N CYS F 88 25.48 -15.80 11.68
CA CYS F 88 24.97 -15.54 10.33
C CYS F 88 24.22 -16.77 9.83
N GLN F 89 23.29 -16.57 8.90
CA GLN F 89 22.43 -17.64 8.44
C GLN F 89 22.14 -17.43 6.97
N GLU F 90 22.35 -18.45 6.14
CA GLU F 90 22.01 -18.34 4.73
C GLU F 90 20.50 -18.53 4.64
N SER F 91 19.84 -17.71 3.83
CA SER F 91 18.38 -17.65 3.83
C SER F 91 17.84 -18.06 2.47
N TYR F 92 18.77 -18.41 1.59
CA TYR F 92 18.49 -18.69 0.20
C TYR F 92 17.92 -20.10 0.04
N SER F 93 18.62 -21.08 0.59
CA SER F 93 18.26 -22.48 0.40
C SER F 93 17.59 -23.05 1.63
N THR F 94 17.34 -24.34 1.58
CA THR F 94 16.88 -25.06 2.73
C THR F 94 17.90 -26.18 2.94
N PRO F 95 18.15 -26.60 4.18
CA PRO F 95 17.67 -26.01 5.43
C PRO F 95 18.35 -24.67 5.55
N TRP F 96 18.04 -23.89 6.57
CA TRP F 96 18.59 -22.55 6.52
C TRP F 96 19.80 -22.50 7.44
N THR F 97 20.90 -23.08 6.96
CA THR F 97 22.07 -23.37 7.80
C THR F 97 22.70 -22.12 8.37
N PHE F 98 23.04 -22.19 9.65
CA PHE F 98 23.66 -21.08 10.34
C PHE F 98 25.17 -21.23 10.34
N GLY F 99 25.86 -20.10 10.46
CA GLY F 99 27.29 -20.13 10.76
C GLY F 99 27.46 -20.70 12.16
N GLN F 100 28.70 -20.90 12.58
CA GLN F 100 28.93 -21.57 13.85
C GLN F 100 28.83 -20.61 15.03
N GLY F 101 28.63 -19.33 14.73
CA GLY F 101 28.59 -18.30 15.75
C GLY F 101 29.93 -17.63 15.99
N THR F 102 29.89 -16.39 16.46
CA THR F 102 31.08 -15.69 16.92
C THR F 102 30.78 -15.17 18.33
N LYS F 103 31.64 -15.49 19.29
CA LYS F 103 31.47 -15.04 20.66
C LYS F 103 32.19 -13.69 20.87
N VAL F 104 31.45 -12.69 21.32
CA VAL F 104 32.01 -11.39 21.60
C VAL F 104 32.05 -11.13 23.10
N GLU F 105 33.26 -10.92 23.60
CA GLU F 105 33.49 -10.55 24.97
C GLU F 105 33.87 -9.08 25.02
N ILE F 106 33.46 -8.41 26.08
CA ILE F 106 33.81 -7.00 26.25
C ILE F 106 35.02 -6.82 27.16
N LYS F 107 35.92 -5.92 26.75
CA LYS F 107 37.13 -5.62 27.50
C LYS F 107 36.92 -4.46 28.48
N ARG F 108 37.60 -4.51 29.61
CA ARG F 108 37.32 -3.62 30.72
C ARG F 108 38.56 -3.36 31.54
N THR F 109 38.62 -2.20 32.20
CA THR F 109 39.65 -1.93 33.20
C THR F 109 39.60 -3.02 34.26
N VAL F 110 40.77 -3.37 34.79
CA VAL F 110 40.91 -4.47 35.74
C VAL F 110 40.17 -4.18 37.05
N ALA F 111 39.50 -5.21 37.57
CA ALA F 111 38.71 -5.09 38.79
C ALA F 111 38.95 -6.27 39.72
N ALA F 112 39.34 -5.97 40.95
CA ALA F 112 39.66 -6.98 41.94
C ALA F 112 38.40 -7.65 42.47
N PRO F 113 38.48 -8.95 42.76
CA PRO F 113 37.32 -9.69 43.26
C PRO F 113 37.03 -9.35 44.70
N SER F 114 35.78 -9.53 45.11
CA SER F 114 35.37 -9.41 46.50
C SER F 114 35.11 -10.81 47.00
N VAL F 115 35.93 -11.29 47.93
CA VAL F 115 35.85 -12.69 48.36
C VAL F 115 34.90 -12.89 49.56
N PHE F 116 34.14 -13.97 49.53
CA PHE F 116 33.24 -14.34 50.63
C PHE F 116 33.28 -15.86 50.90
N ILE F 117 33.40 -16.26 52.17
CA ILE F 117 33.42 -17.68 52.50
C ILE F 117 32.22 -18.18 53.32
N PHE F 118 31.56 -19.22 52.82
CA PHE F 118 30.36 -19.81 53.42
C PHE F 118 30.61 -21.23 53.94
N PRO F 119 30.42 -21.45 55.25
CA PRO F 119 30.54 -22.79 55.86
C PRO F 119 29.37 -23.74 55.53
N PRO F 120 29.51 -25.04 55.81
CA PRO F 120 28.40 -25.96 55.56
C PRO F 120 27.20 -25.66 56.46
N SER F 121 26.02 -25.88 55.92
CA SER F 121 24.78 -25.70 56.66
C SER F 121 24.66 -26.80 57.70
N ASP F 122 24.05 -26.48 58.84
CA ASP F 122 23.83 -27.44 59.91
C ASP F 122 22.97 -28.62 59.45
N GLU F 123 22.01 -28.34 58.58
CA GLU F 123 21.11 -29.39 58.14
C GLU F 123 21.74 -30.27 57.06
N GLN F 124 22.75 -29.77 56.36
CA GLN F 124 23.48 -30.61 55.43
C GLN F 124 24.45 -31.55 56.15
N LEU F 125 25.03 -31.06 57.24
CA LEU F 125 25.93 -31.87 58.05
C LEU F 125 25.26 -33.11 58.69
N LYS F 126 23.95 -33.07 58.89
CA LYS F 126 23.24 -34.27 59.32
C LYS F 126 23.16 -35.29 58.18
N SER F 127 23.41 -34.84 56.95
CA SER F 127 23.27 -35.71 55.78
C SER F 127 24.54 -36.50 55.50
N GLY F 128 25.60 -36.15 56.23
CA GLY F 128 26.86 -36.86 56.12
C GLY F 128 27.84 -36.33 55.10
N THR F 129 27.54 -35.14 54.55
CA THR F 129 28.43 -34.47 53.62
C THR F 129 28.51 -32.97 53.90
N ALA F 130 29.71 -32.44 53.79
CA ALA F 130 29.93 -31.03 54.01
C ALA F 130 30.27 -30.33 52.69
N SER F 131 29.54 -29.27 52.37
CA SER F 131 29.80 -28.44 51.21
C SER F 131 30.29 -27.06 51.68
N VAL F 132 31.54 -26.74 51.39
CA VAL F 132 32.08 -25.41 51.65
C VAL F 132 32.15 -24.56 50.36
N VAL F 133 31.65 -23.34 50.43
CA VAL F 133 31.54 -22.49 49.25
C VAL F 133 32.35 -21.21 49.36
N CYS F 134 33.18 -20.96 48.35
CA CYS F 134 33.87 -19.68 48.26
C CYS F 134 33.29 -18.89 47.09
N LEU F 135 33.23 -17.57 47.25
CA LEU F 135 32.57 -16.67 46.29
C LEU F 135 33.48 -15.51 45.87
N LEU F 136 33.85 -15.48 44.59
CA LEU F 136 34.57 -14.33 44.03
C LEU F 136 33.54 -13.46 43.32
N ASN F 137 33.47 -12.19 43.72
CA ASN F 137 32.35 -11.34 43.34
C ASN F 137 32.77 -10.11 42.54
N ASN F 138 32.25 -10.00 41.31
CA ASN F 138 32.40 -8.78 40.50
C ASN F 138 33.84 -8.40 40.14
N PHE F 139 34.52 -9.26 39.39
CA PHE F 139 35.90 -9.02 39.01
C PHE F 139 36.11 -9.08 37.50
N TYR F 140 37.26 -8.58 37.06
CA TYR F 140 37.68 -8.67 35.67
C TYR F 140 39.21 -8.55 35.68
N PRO F 141 39.91 -9.30 34.81
CA PRO F 141 39.39 -10.25 33.83
C PRO F 141 38.91 -11.56 34.44
N ARG F 142 38.50 -12.47 33.57
CA ARG F 142 37.91 -13.75 33.95
C ARG F 142 38.90 -14.65 34.71
N GLU F 143 40.17 -14.61 34.31
CA GLU F 143 41.17 -15.51 34.86
C GLU F 143 41.45 -15.26 36.35
N ALA F 144 40.93 -16.14 37.21
CA ALA F 144 41.24 -16.12 38.64
C ALA F 144 41.77 -17.48 39.07
N LYS F 145 42.38 -17.55 40.24
CA LYS F 145 42.83 -18.83 40.80
C LYS F 145 42.35 -19.02 42.24
N VAL F 146 41.61 -20.10 42.48
CA VAL F 146 41.07 -20.41 43.79
C VAL F 146 41.79 -21.61 44.43
N GLN F 147 42.44 -21.36 45.56
CA GLN F 147 43.10 -22.43 46.31
C GLN F 147 42.27 -22.79 47.55
N TRP F 148 42.02 -24.08 47.75
CA TRP F 148 41.33 -24.51 48.96
C TRP F 148 42.32 -25.04 49.98
N LYS F 149 42.48 -24.35 51.11
CA LYS F 149 43.40 -24.81 52.15
C LYS F 149 42.64 -25.36 53.35
N VAL F 150 42.96 -26.58 53.75
CA VAL F 150 42.35 -27.17 54.94
C VAL F 150 43.43 -27.48 55.99
N ASP F 151 43.56 -26.56 56.95
CA ASP F 151 44.67 -26.57 57.91
C ASP F 151 45.97 -26.40 57.15
N ASN F 152 45.96 -25.44 56.23
CA ASN F 152 47.10 -25.11 55.37
C ASN F 152 47.52 -26.16 54.35
N ALA F 153 47.01 -27.38 54.51
CA ALA F 153 47.21 -28.42 53.51
C ALA F 153 46.30 -28.12 52.35
N LEU F 154 46.86 -27.69 51.22
CA LEU F 154 46.01 -27.32 50.09
C LEU F 154 45.39 -28.56 49.40
N GLN F 155 44.20 -28.36 48.83
CA GLN F 155 43.38 -29.43 48.27
C GLN F 155 43.50 -29.58 46.75
N SER F 156 43.25 -30.78 46.25
CA SER F 156 43.46 -31.08 44.83
C SER F 156 42.16 -31.28 44.04
N GLY F 157 41.67 -32.52 44.02
CA GLY F 157 40.52 -32.85 43.19
C GLY F 157 39.25 -33.09 43.95
N ASN F 158 38.78 -32.08 44.69
CA ASN F 158 37.50 -32.18 45.38
C ASN F 158 36.72 -30.86 45.39
N SER F 159 37.05 -29.97 44.46
CA SER F 159 36.36 -28.69 44.32
C SER F 159 35.89 -28.45 42.89
N GLN F 160 34.78 -27.75 42.73
CA GLN F 160 34.22 -27.41 41.41
C GLN F 160 33.88 -25.92 41.29
N GLU F 161 34.20 -25.32 40.13
CA GLU F 161 33.97 -23.89 39.89
C GLU F 161 32.84 -23.59 38.92
N SER F 162 32.33 -22.37 38.97
CA SER F 162 31.44 -21.87 37.92
C SER F 162 31.55 -20.35 37.82
N VAL F 163 31.52 -19.83 36.60
CA VAL F 163 31.57 -18.38 36.37
C VAL F 163 30.27 -17.90 35.72
N THR F 164 29.78 -16.75 36.14
CA THR F 164 28.63 -16.12 35.48
C THR F 164 29.06 -15.58 34.11
N GLU F 165 28.11 -15.08 33.34
CA GLU F 165 28.47 -14.39 32.12
C GLU F 165 28.65 -12.93 32.46
N GLN F 166 29.32 -12.18 31.59
CA GLN F 166 29.64 -10.80 31.88
C GLN F 166 28.38 -9.99 32.13
N ASP F 167 28.44 -9.14 33.15
CA ASP F 167 27.34 -8.25 33.42
C ASP F 167 27.06 -7.28 32.24
N SER F 168 25.79 -6.96 32.04
CA SER F 168 25.37 -6.12 30.94
C SER F 168 25.52 -4.64 31.29
N LYS F 169 25.87 -4.36 32.54
CA LYS F 169 26.18 -2.99 32.91
C LYS F 169 27.70 -2.83 33.13
N ASP F 170 28.23 -3.50 34.15
CA ASP F 170 29.63 -3.33 34.55
C ASP F 170 30.65 -4.32 33.94
N SER F 171 30.16 -5.24 33.10
CA SER F 171 31.04 -6.16 32.35
C SER F 171 31.97 -7.03 33.20
N THR F 172 31.54 -7.39 34.42
CA THR F 172 32.37 -8.19 35.32
C THR F 172 31.85 -9.61 35.53
N TYR F 173 32.72 -10.49 36.00
CA TYR F 173 32.37 -11.89 36.21
C TYR F 173 32.08 -12.16 37.68
N SER F 174 31.73 -13.40 37.98
CA SER F 174 31.60 -13.86 39.36
C SER F 174 31.93 -15.35 39.41
N LEU F 175 32.69 -15.78 40.42
CA LEU F 175 33.09 -17.18 40.53
C LEU F 175 32.54 -17.83 41.81
N SER F 176 32.27 -19.13 41.73
CA SER F 176 31.74 -19.91 42.84
C SER F 176 32.44 -21.27 42.92
N SER F 177 33.43 -21.36 43.79
CA SER F 177 34.14 -22.62 44.03
C SER F 177 33.49 -23.36 45.21
N THR F 178 33.25 -24.66 45.03
CA THR F 178 32.58 -25.46 46.05
C THR F 178 33.41 -26.68 46.47
N LEU F 179 34.13 -26.53 47.59
CA LEU F 179 34.87 -27.64 48.17
C LEU F 179 33.92 -28.61 48.85
N THR F 180 33.97 -29.87 48.44
CA THR F 180 33.05 -30.85 48.96
C THR F 180 33.80 -32.02 49.56
N LEU F 181 33.40 -32.43 50.75
CA LEU F 181 33.98 -33.61 51.40
C LEU F 181 33.04 -34.25 52.42
N SER F 182 33.26 -35.52 52.71
CA SER F 182 32.40 -36.28 53.60
C SER F 182 32.43 -35.66 54.98
N LYS F 183 31.40 -35.90 55.78
CA LYS F 183 31.38 -35.35 57.14
C LYS F 183 32.53 -35.97 57.91
N ALA F 184 32.94 -37.15 57.49
CA ALA F 184 34.01 -37.88 58.15
C ALA F 184 35.35 -37.14 58.05
N ASP F 185 35.59 -36.50 56.91
CA ASP F 185 36.81 -35.75 56.66
C ASP F 185 36.70 -34.31 57.15
N TYR F 186 35.48 -33.80 57.26
CA TYR F 186 35.21 -32.44 57.72
C TYR F 186 35.39 -32.31 59.25
N GLU F 187 35.10 -33.39 59.96
CA GLU F 187 35.26 -33.41 61.42
C GLU F 187 36.72 -33.46 61.86
N LYS F 188 37.62 -33.74 60.92
CA LYS F 188 39.03 -33.96 61.24
C LYS F 188 39.83 -32.66 61.36
N HIS F 189 39.34 -31.58 60.74
CA HIS F 189 40.14 -30.38 60.59
C HIS F 189 39.45 -29.16 61.18
N LYS F 190 40.20 -28.11 61.49
CA LYS F 190 39.61 -26.94 62.14
C LYS F 190 39.54 -25.70 61.24
N VAL F 191 40.59 -25.44 60.47
CA VAL F 191 40.65 -24.20 59.68
C VAL F 191 40.39 -24.41 58.20
N TYR F 192 39.34 -23.77 57.69
CA TYR F 192 38.94 -23.87 56.27
C TYR F 192 39.15 -22.57 55.51
N ALA F 193 40.23 -22.52 54.74
CA ALA F 193 40.61 -21.32 54.03
C ALA F 193 40.16 -21.36 52.57
N CYS F 194 40.03 -20.15 52.01
CA CYS F 194 39.82 -19.96 50.59
C CYS F 194 40.80 -18.88 50.13
N GLU F 195 41.75 -19.21 49.25
CA GLU F 195 42.76 -18.25 48.83
C GLU F 195 42.68 -17.83 47.36
N VAL F 196 42.50 -16.54 47.12
CA VAL F 196 42.22 -16.01 45.78
C VAL F 196 43.37 -15.25 45.14
N THR F 197 43.77 -15.68 43.95
CA THR F 197 44.80 -14.98 43.19
C THR F 197 44.19 -14.32 41.95
N HIS F 198 44.48 -13.04 41.76
CA HIS F 198 43.90 -12.32 40.64
C HIS F 198 44.80 -11.18 40.14
N GLN F 199 44.41 -10.56 39.02
CA GLN F 199 45.23 -9.51 38.43
C GLN F 199 45.00 -8.15 39.08
N GLY F 200 43.85 -7.99 39.73
CA GLY F 200 43.53 -6.76 40.45
C GLY F 200 43.94 -6.79 41.93
N LEU F 201 44.40 -7.95 42.38
CA LEU F 201 44.97 -8.08 43.71
C LEU F 201 46.49 -8.05 43.59
N SER F 202 47.13 -7.24 44.43
CA SER F 202 48.59 -7.10 44.38
C SER F 202 49.27 -8.19 45.20
N SER F 203 48.47 -8.91 45.98
CA SER F 203 48.93 -10.08 46.75
C SER F 203 47.70 -10.89 47.16
N PRO F 204 47.79 -12.23 47.03
CA PRO F 204 46.64 -13.14 47.26
C PRO F 204 45.85 -12.87 48.54
N VAL F 205 44.52 -12.83 48.39
CA VAL F 205 43.59 -12.68 49.52
C VAL F 205 43.07 -14.04 49.99
N THR F 206 43.18 -14.30 51.27
CA THR F 206 42.66 -15.53 51.83
C THR F 206 41.48 -15.19 52.72
N LYS F 207 40.39 -15.93 52.56
CA LYS F 207 39.22 -15.80 53.42
C LYS F 207 39.03 -17.15 54.10
N SER F 208 38.88 -17.16 55.41
CA SER F 208 38.80 -18.42 56.14
C SER F 208 37.75 -18.37 57.23
N PHE F 209 37.49 -19.52 57.82
CA PHE F 209 36.62 -19.59 58.97
C PHE F 209 37.06 -20.76 59.83
N ASN F 210 36.92 -20.61 61.12
CA ASN F 210 37.20 -21.71 62.01
C ASN F 210 35.96 -22.58 62.24
N ARG F 211 36.16 -23.89 62.22
CA ARG F 211 35.07 -24.85 62.31
C ARG F 211 34.53 -24.98 63.74
N GLU G 1 0.97 -7.75 21.83
CA GLU G 1 2.26 -8.20 21.34
C GLU G 1 2.13 -9.60 20.77
N VAL G 2 3.14 -10.06 20.03
CA VAL G 2 3.22 -11.45 19.60
C VAL G 2 3.90 -12.26 20.70
N GLN G 3 3.30 -13.39 21.06
CA GLN G 3 3.85 -14.19 22.14
C GLN G 3 3.98 -15.65 21.75
N LEU G 4 5.10 -16.25 22.11
CA LEU G 4 5.32 -17.67 21.86
C LEU G 4 5.71 -18.36 23.15
N VAL G 5 4.88 -19.32 23.58
CA VAL G 5 5.08 -19.98 24.86
C VAL G 5 5.15 -21.50 24.72
N GLU G 6 6.26 -22.09 25.14
CA GLU G 6 6.43 -23.53 24.99
C GLU G 6 6.18 -24.29 26.27
N SER G 7 6.04 -25.61 26.14
CA SER G 7 6.02 -26.52 27.27
C SER G 7 6.28 -27.94 26.79
N GLY G 8 6.43 -28.88 27.71
CA GLY G 8 6.62 -30.27 27.32
C GLY G 8 8.07 -30.75 27.34
N GLY G 9 9.02 -29.84 27.58
CA GLY G 9 10.41 -30.24 27.75
C GLY G 9 10.53 -31.21 28.92
N GLY G 10 11.61 -31.98 28.96
CA GLY G 10 11.82 -32.85 30.10
C GLY G 10 12.83 -33.96 29.91
N LEU G 11 12.60 -35.07 30.62
CA LEU G 11 13.42 -36.27 30.53
C LEU G 11 12.82 -37.29 29.56
N VAL G 12 13.67 -37.94 28.76
CA VAL G 12 13.22 -39.03 27.89
C VAL G 12 14.30 -40.15 27.85
N GLN G 13 13.89 -41.43 27.93
CA GLN G 13 14.83 -42.55 27.79
C GLN G 13 15.21 -42.74 26.31
N PRO G 14 16.49 -43.05 26.01
CA PRO G 14 16.92 -43.20 24.59
C PRO G 14 16.04 -44.15 23.78
N GLY G 15 15.39 -43.65 22.74
CA GLY G 15 14.45 -44.45 21.99
C GLY G 15 13.00 -44.10 22.32
N GLY G 16 12.82 -43.14 23.23
CA GLY G 16 11.49 -42.75 23.67
C GLY G 16 10.82 -41.68 22.82
N SER G 17 9.67 -41.20 23.28
CA SER G 17 8.89 -40.24 22.52
C SER G 17 8.45 -39.03 23.36
N LEU G 18 8.36 -37.86 22.72
CA LEU G 18 8.07 -36.61 23.42
C LEU G 18 7.51 -35.55 22.49
N ARG G 19 6.48 -34.85 22.94
CA ARG G 19 5.80 -33.83 22.13
C ARG G 19 5.88 -32.43 22.77
N LEU G 20 6.40 -31.46 22.01
CA LEU G 20 6.50 -30.10 22.50
C LEU G 20 5.36 -29.23 22.01
N SER G 21 5.05 -28.19 22.76
CA SER G 21 3.93 -27.31 22.45
C SER G 21 4.39 -25.88 22.28
N CYS G 22 3.70 -25.14 21.44
CA CYS G 22 3.99 -23.74 21.22
C CYS G 22 2.64 -23.02 21.25
N ALA G 23 2.40 -22.22 22.28
CA ALA G 23 1.12 -21.53 22.40
C ALA G 23 1.21 -20.11 21.85
N ALA G 24 0.70 -19.93 20.63
CA ALA G 24 0.83 -18.65 19.95
C ALA G 24 -0.29 -17.69 20.34
N SER G 25 0.05 -16.41 20.39
CA SER G 25 -0.93 -15.39 20.70
C SER G 25 -0.47 -14.04 20.16
N GLY G 26 -1.42 -13.19 19.81
CA GLY G 26 -1.12 -11.84 19.41
C GLY G 26 -0.85 -11.68 17.93
N TYR G 27 -1.32 -12.63 17.13
CA TYR G 27 -1.29 -12.54 15.67
C TYR G 27 -2.24 -13.60 15.13
N THR G 28 -2.92 -13.33 14.02
CA THR G 28 -3.83 -14.35 13.45
C THR G 28 -3.05 -15.64 13.14
N PHE G 29 -3.36 -16.68 13.90
CA PHE G 29 -2.56 -17.92 13.95
C PHE G 29 -2.30 -18.60 12.61
N THR G 30 -3.27 -18.55 11.72
CA THR G 30 -3.20 -19.32 10.49
C THR G 30 -2.61 -18.53 9.30
N SER G 31 -2.15 -17.31 9.57
CA SER G 31 -1.54 -16.47 8.52
C SER G 31 -0.03 -16.66 8.46
N TYR G 32 0.50 -17.36 9.45
CA TYR G 32 1.94 -17.55 9.58
C TYR G 32 2.31 -18.99 9.88
N VAL G 33 3.44 -19.40 9.32
CA VAL G 33 4.04 -20.69 9.56
C VAL G 33 4.72 -20.65 10.93
N ILE G 34 5.10 -21.80 11.50
CA ILE G 34 5.91 -21.84 12.74
C ILE G 34 7.13 -22.75 12.59
N HIS G 35 8.35 -22.20 12.70
CA HIS G 35 9.56 -23.01 12.59
C HIS G 35 9.95 -23.66 13.91
N TRP G 36 10.59 -24.81 13.84
CA TRP G 36 11.26 -25.36 15.00
C TRP G 36 12.76 -25.32 14.80
N VAL G 37 13.46 -24.86 15.83
CA VAL G 37 14.89 -24.67 15.75
C VAL G 37 15.49 -25.20 17.04
N ARG G 38 16.39 -26.17 16.94
CA ARG G 38 17.04 -26.68 18.14
C ARG G 38 18.48 -26.24 18.28
N GLN G 39 19.02 -26.42 19.48
CA GLN G 39 20.36 -25.94 19.84
C GLN G 39 20.95 -26.79 20.97
N ALA G 40 21.87 -27.69 20.62
CA ALA G 40 22.48 -28.56 21.62
C ALA G 40 23.36 -27.75 22.58
N PRO G 41 23.57 -28.24 23.83
CA PRO G 41 24.33 -27.44 24.80
C PRO G 41 25.72 -27.05 24.30
N GLY G 42 26.07 -25.78 24.47
CA GLY G 42 27.35 -25.24 24.03
C GLY G 42 27.56 -25.22 22.53
N LYS G 43 26.52 -25.51 21.76
CA LYS G 43 26.66 -25.59 20.30
C LYS G 43 25.77 -24.60 19.56
N GLY G 44 25.72 -24.75 18.24
CA GLY G 44 25.06 -23.75 17.43
C GLY G 44 23.61 -24.08 17.13
N LEU G 45 23.07 -23.42 16.10
CA LEU G 45 21.65 -23.45 15.81
C LEU G 45 21.33 -24.30 14.58
N GLU G 46 20.28 -25.11 14.67
CA GLU G 46 19.89 -26.01 13.57
C GLU G 46 18.39 -25.95 13.34
N TRP G 47 17.98 -25.69 12.10
CA TRP G 47 16.56 -25.66 11.71
C TRP G 47 15.98 -27.05 11.51
N VAL G 48 14.90 -27.40 12.22
CA VAL G 48 14.33 -28.73 11.99
C VAL G 48 13.23 -28.75 10.93
N GLY G 49 12.36 -27.75 10.94
CA GLY G 49 11.29 -27.70 9.97
C GLY G 49 10.21 -26.68 10.26
N TYR G 50 9.21 -26.59 9.39
CA TYR G 50 8.08 -25.74 9.70
C TYR G 50 6.76 -26.41 9.42
N ASN G 51 5.68 -25.75 9.84
CA ASN G 51 4.33 -26.22 9.55
C ASN G 51 3.37 -25.04 9.36
N ASN G 52 2.55 -25.13 8.32
CA ASN G 52 1.60 -24.10 7.96
C ASN G 52 0.21 -24.49 8.47
N PRO G 53 -0.23 -23.86 9.56
CA PRO G 53 -1.48 -24.23 10.23
C PRO G 53 -2.75 -24.06 9.38
N TYR G 54 -2.67 -23.29 8.29
CA TYR G 54 -3.82 -23.12 7.42
C TYR G 54 -4.11 -24.36 6.58
N ASN G 55 -3.07 -24.98 6.03
CA ASN G 55 -3.26 -26.17 5.20
C ASN G 55 -2.57 -27.43 5.72
N ALA G 56 -2.03 -27.34 6.93
CA ALA G 56 -1.38 -28.48 7.61
C ALA G 56 -0.14 -29.05 6.92
N GLY G 57 0.28 -28.46 5.81
CA GLY G 57 1.45 -28.93 5.09
C GLY G 57 2.68 -28.61 5.88
N THR G 58 3.73 -29.40 5.70
CA THR G 58 4.98 -29.19 6.43
C THR G 58 6.20 -29.30 5.54
N ASN G 59 7.33 -28.84 6.08
CA ASN G 59 8.60 -28.93 5.40
C ASN G 59 9.68 -29.22 6.41
N TYR G 60 10.34 -30.37 6.28
CA TYR G 60 11.35 -30.78 7.24
C TYR G 60 12.77 -30.69 6.67
N ASN G 61 13.73 -30.55 7.57
CA ASN G 61 15.15 -30.70 7.26
C ASN G 61 15.36 -32.15 6.87
N GLU G 62 16.26 -32.40 5.92
CA GLU G 62 16.44 -33.77 5.39
C GLU G 62 16.96 -34.80 6.38
N LYS G 63 17.44 -34.37 7.55
CA LYS G 63 17.98 -35.31 8.52
C LYS G 63 17.05 -35.58 9.70
N PHE G 64 15.83 -35.06 9.62
CA PHE G 64 14.82 -35.31 10.65
C PHE G 64 13.56 -35.98 10.11
N LYS G 65 13.44 -36.07 8.79
CA LYS G 65 12.24 -36.65 8.21
C LYS G 65 12.04 -38.09 8.68
N GLY G 66 10.81 -38.40 9.08
CA GLY G 66 10.52 -39.70 9.64
C GLY G 66 10.38 -39.66 11.15
N ARG G 67 11.46 -39.25 11.84
CA ARG G 67 11.44 -39.25 13.30
C ARG G 67 10.58 -38.13 13.83
N PHE G 68 10.86 -36.93 13.37
CA PHE G 68 10.18 -35.75 13.88
C PHE G 68 8.94 -35.41 13.05
N THR G 69 7.88 -35.00 13.73
CA THR G 69 6.61 -34.66 13.11
C THR G 69 6.14 -33.32 13.64
N ILE G 70 5.85 -32.38 12.76
CA ILE G 70 5.40 -31.06 13.20
C ILE G 70 3.96 -30.79 12.79
N SER G 71 3.10 -30.44 13.75
CA SER G 71 1.68 -30.27 13.45
C SER G 71 1.08 -29.03 14.12
N SER G 72 -0.21 -28.82 13.89
CA SER G 72 -0.92 -27.67 14.46
C SER G 72 -2.32 -28.01 14.92
N ASP G 73 -2.92 -27.09 15.67
CA ASP G 73 -4.27 -27.24 16.16
C ASP G 73 -4.89 -25.86 16.19
N LYS G 74 -5.53 -25.45 15.09
CA LYS G 74 -6.00 -24.06 14.95
C LYS G 74 -6.99 -23.61 16.03
N SER G 75 -7.75 -24.57 16.57
CA SER G 75 -8.70 -24.26 17.63
C SER G 75 -8.01 -23.89 18.94
N LYS G 76 -6.75 -24.31 19.11
CA LYS G 76 -5.99 -24.05 20.33
C LYS G 76 -4.78 -23.11 20.12
N ASN G 77 -4.60 -22.66 18.87
CA ASN G 77 -3.48 -21.78 18.48
C ASN G 77 -2.11 -22.32 18.88
N THR G 78 -1.96 -23.63 18.76
CA THR G 78 -0.79 -24.31 19.29
C THR G 78 -0.15 -25.22 18.25
N ALA G 79 1.16 -25.05 18.05
CA ALA G 79 1.93 -25.90 17.15
C ALA G 79 2.58 -27.01 17.96
N TYR G 80 2.91 -28.11 17.30
CA TYR G 80 3.42 -29.28 18.00
C TYR G 80 4.66 -29.88 17.33
N LEU G 81 5.62 -30.32 18.14
CA LEU G 81 6.80 -31.01 17.63
C LEU G 81 6.91 -32.36 18.28
N GLN G 82 6.38 -33.36 17.58
CA GLN G 82 6.45 -34.75 17.98
C GLN G 82 7.82 -35.31 17.63
N MET G 83 8.56 -35.70 18.66
CA MET G 83 9.87 -36.26 18.46
C MET G 83 9.82 -37.72 18.84
N ASN G 84 10.28 -38.59 17.95
CA ASN G 84 10.25 -40.03 18.16
C ASN G 84 11.61 -40.67 18.04
N SER G 85 11.82 -41.71 18.84
CA SER G 85 13.06 -42.49 18.78
C SER G 85 14.29 -41.61 19.00
N LEU G 86 14.20 -40.79 20.04
CA LEU G 86 15.26 -39.87 20.44
C LEU G 86 16.53 -40.59 20.85
N ARG G 87 17.67 -39.93 20.68
CA ARG G 87 18.92 -40.47 21.19
C ARG G 87 19.59 -39.38 22.02
N ALA G 88 20.81 -39.61 22.49
CA ALA G 88 21.51 -38.59 23.24
C ALA G 88 21.77 -37.35 22.38
N GLU G 89 22.04 -37.54 21.08
CA GLU G 89 22.40 -36.44 20.17
C GLU G 89 21.32 -35.37 20.08
N ASP G 90 20.09 -35.78 20.35
CA ASP G 90 18.93 -34.89 20.24
C ASP G 90 18.68 -34.07 21.50
N THR G 91 19.50 -34.27 22.53
CA THR G 91 19.35 -33.50 23.76
C THR G 91 19.72 -32.08 23.41
N ALA G 92 18.77 -31.17 23.53
CA ALA G 92 19.04 -29.79 23.19
C ALA G 92 17.92 -28.90 23.68
N VAL G 93 18.09 -27.59 23.49
CA VAL G 93 17.01 -26.65 23.68
C VAL G 93 16.23 -26.47 22.37
N TYR G 94 14.91 -26.57 22.47
CA TYR G 94 14.08 -26.46 21.30
C TYR G 94 13.31 -25.15 21.32
N TYR G 95 13.47 -24.38 20.26
CA TYR G 95 12.78 -23.12 20.12
C TYR G 95 11.73 -23.27 19.05
N CYS G 96 10.60 -22.61 19.24
CA CYS G 96 9.67 -22.44 18.14
C CYS G 96 9.79 -21.00 17.69
N SER G 97 9.65 -20.75 16.40
CA SER G 97 9.79 -19.40 15.92
C SER G 97 8.82 -19.13 14.79
N ARG G 98 8.03 -18.07 14.94
CA ARG G 98 7.20 -17.60 13.82
C ARG G 98 7.91 -16.42 13.19
N PRO G 99 7.98 -16.42 11.85
CA PRO G 99 8.79 -15.48 11.08
C PRO G 99 8.01 -14.25 10.66
N THR G 100 8.70 -13.28 10.06
CA THR G 100 8.00 -12.23 9.32
C THR G 100 7.74 -12.77 7.89
N MET G 101 8.66 -12.45 6.99
CA MET G 101 8.72 -13.12 5.71
C MET G 101 9.38 -14.45 6.03
N LEU G 102 8.97 -15.53 5.36
CA LEU G 102 9.28 -16.91 5.78
C LEU G 102 10.68 -17.22 6.37
N PRO G 103 11.77 -16.87 5.68
CA PRO G 103 13.05 -17.33 6.20
C PRO G 103 13.66 -16.43 7.26
N TRP G 104 12.92 -15.42 7.71
CA TRP G 104 13.45 -14.48 8.68
C TRP G 104 12.84 -14.77 10.04
N PHE G 105 13.62 -15.44 10.88
CA PHE G 105 13.12 -15.94 12.15
C PHE G 105 12.99 -14.81 13.17
N ALA G 106 11.88 -14.08 13.13
CA ALA G 106 11.78 -12.84 13.92
C ALA G 106 11.29 -13.01 15.36
N TYR G 107 10.27 -13.84 15.56
CA TYR G 107 9.74 -14.06 16.90
C TYR G 107 10.09 -15.46 17.39
N TRP G 108 10.50 -15.59 18.67
CA TRP G 108 10.85 -16.88 19.25
C TRP G 108 10.14 -17.19 20.59
N GLY G 109 9.87 -18.47 20.82
CA GLY G 109 9.53 -18.94 22.15
C GLY G 109 10.74 -18.87 23.08
N GLN G 110 10.55 -19.25 24.33
CA GLN G 110 11.59 -19.19 25.35
C GLN G 110 12.56 -20.37 25.26
N GLY G 111 12.16 -21.41 24.52
CA GLY G 111 12.90 -22.65 24.45
C GLY G 111 12.72 -23.50 25.69
N THR G 112 12.46 -24.79 25.50
CA THR G 112 12.49 -25.75 26.60
C THR G 112 13.60 -26.76 26.35
N LEU G 113 14.14 -27.32 27.42
CA LEU G 113 15.22 -28.28 27.31
C LEU G 113 14.72 -29.73 27.31
N VAL G 114 15.03 -30.47 26.26
CA VAL G 114 14.76 -31.89 26.25
C VAL G 114 16.07 -32.56 26.57
N THR G 115 16.09 -33.32 27.67
CA THR G 115 17.29 -34.05 28.05
C THR G 115 17.06 -35.55 27.91
N VAL G 116 17.79 -36.19 26.99
CA VAL G 116 17.64 -37.61 26.73
C VAL G 116 18.71 -38.41 27.46
N SER G 117 18.28 -39.23 28.41
CA SER G 117 19.18 -39.86 29.37
C SER G 117 18.63 -41.17 29.90
N SER G 118 19.45 -42.22 29.85
CA SER G 118 19.10 -43.47 30.51
C SER G 118 18.97 -43.24 32.02
N ALA G 119 19.74 -42.27 32.54
CA ALA G 119 19.74 -41.90 33.97
C ALA G 119 18.37 -41.43 34.48
N SER G 120 18.27 -41.17 35.77
CA SER G 120 16.96 -40.96 36.39
C SER G 120 16.81 -39.68 37.21
N THR G 121 15.54 -39.32 37.46
CA THR G 121 15.14 -37.99 37.94
C THR G 121 15.22 -37.81 39.43
N LYS G 122 15.94 -36.77 39.87
CA LYS G 122 16.02 -36.46 41.29
C LYS G 122 15.84 -34.97 41.51
N GLY G 123 15.09 -34.62 42.55
CA GLY G 123 14.88 -33.23 42.94
C GLY G 123 15.97 -32.75 43.87
N PRO G 124 16.17 -31.43 43.94
CA PRO G 124 17.31 -30.89 44.69
C PRO G 124 17.10 -30.86 46.20
N SER G 125 18.19 -30.71 46.94
CA SER G 125 18.11 -30.26 48.33
C SER G 125 18.55 -28.81 48.34
N VAL G 126 17.92 -27.98 49.16
CA VAL G 126 18.29 -26.58 49.20
C VAL G 126 18.83 -26.22 50.60
N PHE G 127 20.05 -25.69 50.63
CA PHE G 127 20.76 -25.38 51.87
C PHE G 127 21.14 -23.90 51.89
N PRO G 128 21.08 -23.28 53.07
CA PRO G 128 21.45 -21.87 53.17
C PRO G 128 22.96 -21.63 53.04
N LEU G 129 23.31 -20.41 52.62
CA LEU G 129 24.68 -19.94 52.63
C LEU G 129 24.66 -18.68 53.46
N ALA G 130 25.01 -18.80 54.74
CA ALA G 130 24.76 -17.75 55.72
C ALA G 130 25.75 -16.58 55.66
N PRO G 131 25.26 -15.36 55.94
CA PRO G 131 26.11 -14.16 55.94
C PRO G 131 27.16 -14.20 57.07
N SER G 132 28.18 -13.34 56.99
CA SER G 132 29.24 -13.26 58.00
C SER G 132 29.84 -14.62 58.40
N GLY G 133 29.35 -2.85 56.41
CA GLY G 133 29.45 -2.46 55.01
C GLY G 133 28.47 -3.22 54.13
N THR G 134 28.97 -4.26 53.48
CA THR G 134 28.10 -5.09 52.63
C THR G 134 28.34 -6.59 52.83
N ALA G 135 27.25 -7.32 53.07
CA ALA G 135 27.30 -8.74 53.34
C ALA G 135 26.71 -9.54 52.18
N ALA G 136 27.13 -10.79 52.07
CA ALA G 136 26.66 -11.70 51.02
C ALA G 136 26.03 -12.96 51.62
N LEU G 137 24.92 -13.38 51.02
CA LEU G 137 24.24 -14.61 51.43
C LEU G 137 23.72 -15.34 50.19
N GLY G 138 23.17 -16.54 50.35
CA GLY G 138 22.69 -17.29 49.21
C GLY G 138 22.12 -18.67 49.49
N CYS G 139 21.92 -19.45 48.43
CA CYS G 139 21.34 -20.78 48.53
C CYS G 139 22.10 -21.79 47.69
N LEU G 140 22.64 -22.82 48.33
CA LEU G 140 23.22 -23.95 47.60
C LEU G 140 22.12 -24.93 47.20
N VAL G 141 21.94 -25.13 45.89
CA VAL G 141 20.96 -26.06 45.34
C VAL G 141 21.71 -27.33 44.93
N LYS G 142 21.57 -28.39 45.72
CA LYS G 142 22.47 -29.55 45.68
C LYS G 142 21.84 -30.88 45.21
N ASP G 143 22.55 -31.58 44.32
CA ASP G 143 22.20 -32.94 43.89
C ASP G 143 20.87 -33.09 43.17
N TYR G 144 20.79 -32.62 41.93
CA TYR G 144 19.54 -32.77 41.16
C TYR G 144 19.73 -33.23 39.72
N PHE G 145 18.62 -33.55 39.07
CA PHE G 145 18.63 -34.04 37.70
C PHE G 145 17.20 -34.20 37.17
N PRO G 146 16.96 -33.74 35.93
CA PRO G 146 17.97 -33.11 35.08
C PRO G 146 17.87 -31.60 35.16
N GLU G 147 18.59 -30.91 34.29
CA GLU G 147 18.44 -29.46 34.16
C GLU G 147 17.02 -29.20 33.69
N PRO G 148 16.45 -28.04 34.05
CA PRO G 148 17.01 -26.88 34.74
C PRO G 148 16.57 -26.71 36.19
N VAL G 149 17.15 -25.71 36.85
CA VAL G 149 16.63 -25.22 38.13
C VAL G 149 16.45 -23.70 38.09
N THR G 150 15.28 -23.25 38.52
CA THR G 150 14.97 -21.82 38.66
C THR G 150 15.30 -21.34 40.06
N VAL G 151 15.98 -20.21 40.19
CA VAL G 151 16.10 -19.58 41.50
C VAL G 151 15.71 -18.11 41.46
N SER G 152 14.79 -17.71 42.34
CA SER G 152 14.45 -16.30 42.52
C SER G 152 14.65 -15.90 43.97
N TRP G 153 14.60 -14.60 44.25
CA TRP G 153 14.81 -14.13 45.62
C TRP G 153 13.68 -13.26 46.08
N ASN G 154 13.09 -13.65 47.21
CA ASN G 154 11.91 -12.97 47.77
C ASN G 154 10.78 -12.89 46.76
N SER G 155 10.56 -14.01 46.07
CA SER G 155 9.46 -14.17 45.12
C SER G 155 9.43 -13.11 44.01
N GLY G 156 10.62 -12.67 43.60
CA GLY G 156 10.75 -11.71 42.51
C GLY G 156 11.07 -10.29 42.94
N ALA G 157 10.85 -9.98 44.21
CA ALA G 157 11.01 -8.62 44.74
C ALA G 157 12.48 -8.18 44.80
N LEU G 158 13.37 -9.13 45.06
CA LEU G 158 14.80 -8.86 45.13
C LEU G 158 15.52 -9.39 43.88
N THR G 159 16.07 -8.47 43.10
CA THR G 159 16.77 -8.81 41.85
C THR G 159 18.16 -8.19 41.84
N SER G 160 18.30 -7.06 42.51
CA SER G 160 19.54 -6.31 42.46
C SER G 160 20.68 -6.99 43.21
N GLY G 161 21.76 -7.28 42.49
CA GLY G 161 22.92 -7.89 43.10
C GLY G 161 22.77 -9.39 43.32
N VAL G 162 21.85 -10.01 42.59
CA VAL G 162 21.67 -11.45 42.63
C VAL G 162 22.51 -12.13 41.56
N HIS G 163 23.27 -13.15 41.97
CA HIS G 163 24.01 -13.99 41.03
C HIS G 163 23.57 -15.45 41.11
N THR G 164 22.87 -15.94 40.08
CA THR G 164 22.60 -17.36 40.01
C THR G 164 23.58 -18.04 39.03
N PHE G 165 24.60 -18.67 39.58
CA PHE G 165 25.68 -19.29 38.79
C PHE G 165 25.19 -20.45 37.94
N PRO G 166 25.90 -20.74 36.84
CA PRO G 166 25.67 -21.97 36.07
C PRO G 166 25.84 -23.22 36.93
N ALA G 167 25.23 -24.33 36.50
CA ALA G 167 25.31 -25.58 37.24
C ALA G 167 26.59 -26.35 36.91
N VAL G 168 27.13 -27.05 37.91
CA VAL G 168 28.22 -28.00 37.67
C VAL G 168 27.74 -29.45 37.74
N LEU G 169 28.16 -30.23 36.76
CA LEU G 169 27.84 -31.64 36.76
C LEU G 169 28.87 -32.35 37.62
N GLN G 170 28.44 -32.78 38.79
CA GLN G 170 29.33 -33.47 39.70
C GLN G 170 29.66 -34.85 39.15
N SER G 171 30.65 -35.51 39.76
CA SER G 171 30.96 -36.89 39.44
C SER G 171 29.78 -37.80 39.74
N SER G 172 28.85 -37.31 40.56
CA SER G 172 27.56 -37.96 40.85
C SER G 172 26.76 -38.22 39.58
N GLY G 173 26.99 -37.39 38.56
CA GLY G 173 26.13 -37.37 37.38
C GLY G 173 24.93 -36.50 37.67
N LEU G 174 24.95 -35.86 38.85
CA LEU G 174 23.90 -34.94 39.32
C LEU G 174 24.40 -33.50 39.27
N TYR G 175 23.48 -32.56 39.04
CA TYR G 175 23.85 -31.13 38.99
C TYR G 175 23.72 -30.41 40.34
N SER G 176 24.42 -29.29 40.45
CA SER G 176 24.49 -28.51 41.68
C SER G 176 24.85 -27.06 41.38
N LEU G 177 23.96 -26.13 41.72
CA LEU G 177 24.23 -24.72 41.50
C LEU G 177 24.12 -23.94 42.81
N SER G 178 24.52 -22.68 42.76
CA SER G 178 24.39 -21.79 43.89
C SER G 178 23.95 -20.39 43.45
N SER G 179 22.95 -19.86 44.13
CA SER G 179 22.47 -18.51 43.89
C SER G 179 22.99 -17.66 45.05
N VAL G 180 23.25 -16.39 44.79
CA VAL G 180 23.93 -15.56 45.76
C VAL G 180 23.46 -14.12 45.60
N VAL G 181 23.37 -13.39 46.70
CA VAL G 181 22.98 -11.99 46.63
C VAL G 181 23.66 -11.14 47.72
N THR G 182 24.24 -10.02 47.28
CA THR G 182 24.90 -9.07 48.18
C THR G 182 23.93 -7.95 48.59
N VAL G 183 23.81 -7.72 49.91
CA VAL G 183 22.92 -6.70 50.46
C VAL G 183 23.68 -5.90 51.51
N PRO G 184 23.21 -4.67 51.87
CA PRO G 184 23.87 -3.92 52.94
C PRO G 184 23.82 -4.65 54.29
N SER G 185 24.91 -4.61 55.05
CA SER G 185 24.99 -5.37 56.30
C SER G 185 23.90 -4.99 57.30
N SER G 186 23.48 -3.73 57.28
CA SER G 186 22.46 -3.24 58.20
C SER G 186 21.10 -3.91 57.99
N SER G 187 20.82 -4.34 56.76
CA SER G 187 19.51 -4.91 56.42
C SER G 187 19.32 -6.35 56.90
N LEU G 188 20.37 -6.97 57.44
CA LEU G 188 20.24 -8.28 58.06
C LEU G 188 19.51 -8.11 59.39
N GLY G 189 18.49 -8.93 59.63
CA GLY G 189 17.72 -8.84 60.86
C GLY G 189 16.61 -7.81 60.81
N THR G 190 16.59 -7.01 59.76
CA THR G 190 15.47 -6.10 59.50
C THR G 190 14.70 -6.61 58.27
N GLN G 191 15.45 -7.21 57.34
CA GLN G 191 14.88 -7.78 56.13
C GLN G 191 15.07 -9.31 56.12
N THR G 192 14.00 -10.04 55.84
CA THR G 192 14.08 -11.49 55.72
C THR G 192 14.36 -11.90 54.27
N TYR G 193 15.32 -12.79 54.08
CA TYR G 193 15.72 -13.22 52.75
C TYR G 193 15.34 -14.67 52.47
N ILE G 194 14.56 -14.88 51.41
CA ILE G 194 14.15 -16.23 50.99
C ILE G 194 14.48 -16.51 49.53
N CYS G 195 15.15 -17.62 49.26
CA CYS G 195 15.37 -18.05 47.88
C CYS G 195 14.28 -19.05 47.49
N ASN G 196 13.79 -18.93 46.26
CA ASN G 196 12.69 -19.75 45.77
C ASN G 196 13.18 -20.70 44.69
N VAL G 197 13.57 -21.91 45.10
CA VAL G 197 14.08 -22.91 44.16
C VAL G 197 12.94 -23.73 43.59
N ASN G 198 12.84 -23.74 42.26
CA ASN G 198 11.83 -24.53 41.56
C ASN G 198 12.56 -25.55 40.67
N HIS G 199 12.19 -26.82 40.79
CA HIS G 199 12.73 -27.85 39.89
C HIS G 199 11.59 -28.65 39.26
N LYS G 200 10.97 -28.07 38.24
CA LYS G 200 9.84 -28.69 37.55
C LYS G 200 9.92 -30.20 37.22
N PRO G 201 11.08 -30.68 36.69
CA PRO G 201 11.17 -32.10 36.31
C PRO G 201 10.79 -33.09 37.40
N SER G 202 10.91 -32.68 38.66
CA SER G 202 10.61 -33.56 39.78
C SER G 202 9.54 -32.96 40.67
N ASN G 203 8.79 -32.00 40.14
CA ASN G 203 7.73 -31.31 40.87
C ASN G 203 8.19 -30.82 42.24
N THR G 204 9.44 -30.40 42.32
CA THR G 204 10.03 -29.92 43.57
C THR G 204 9.99 -28.40 43.63
N LYS G 205 9.28 -27.85 44.61
CA LYS G 205 9.35 -26.42 44.85
C LYS G 205 9.70 -26.20 46.31
N VAL G 206 10.71 -25.37 46.55
CA VAL G 206 11.21 -25.13 47.88
C VAL G 206 11.42 -23.64 48.11
N ASP G 207 10.97 -23.16 49.26
CA ASP G 207 11.29 -21.81 49.71
C ASP G 207 12.08 -21.95 51.00
N LYS G 208 13.35 -21.57 50.96
CA LYS G 208 14.23 -21.64 52.11
C LYS G 208 14.60 -20.24 52.58
N LYS G 209 14.48 -19.99 53.87
CA LYS G 209 14.81 -18.68 54.45
C LYS G 209 16.26 -18.67 54.94
N VAL G 210 17.09 -17.82 54.32
CA VAL G 210 18.49 -17.69 54.69
C VAL G 210 18.64 -16.73 55.87
N GLU G 211 19.37 -17.17 56.90
CA GLU G 211 19.45 -16.44 58.15
C GLU G 211 20.86 -16.50 58.73
N PRO G 212 21.34 -15.39 59.28
CA PRO G 212 22.66 -15.36 59.92
C PRO G 212 22.65 -16.18 61.20
N LYS G 213 23.78 -16.79 61.56
CA LYS G 213 23.86 -17.57 62.79
C LYS G 213 25.12 -17.29 63.59
N ASP H 1 -31.34 -18.03 -9.35
CA ASP H 1 -30.33 -17.10 -8.84
C ASP H 1 -29.55 -17.69 -7.67
N ILE H 2 -29.03 -16.83 -6.82
CA ILE H 2 -28.34 -17.30 -5.63
C ILE H 2 -29.21 -16.93 -4.46
N GLN H 3 -29.44 -17.87 -3.54
CA GLN H 3 -30.31 -17.59 -2.40
C GLN H 3 -29.56 -17.40 -1.11
N MET H 4 -29.99 -16.41 -0.33
CA MET H 4 -29.39 -16.08 0.96
C MET H 4 -30.38 -16.31 2.08
N THR H 5 -30.12 -17.32 2.91
CA THR H 5 -31.08 -17.75 3.93
C THR H 5 -30.62 -17.42 5.35
N GLN H 6 -30.98 -16.22 5.80
CA GLN H 6 -30.60 -15.77 7.12
C GLN H 6 -31.36 -16.56 8.20
N SER H 7 -30.70 -16.81 9.32
CA SER H 7 -31.40 -17.37 10.47
C SER H 7 -30.72 -16.87 11.76
N PRO H 8 -31.53 -16.62 12.80
CA PRO H 8 -32.99 -16.72 12.84
C PRO H 8 -33.66 -15.50 12.22
N SER H 9 -34.99 -15.49 12.09
CA SER H 9 -35.67 -14.37 11.44
C SER H 9 -35.71 -13.21 12.42
N SER H 10 -35.76 -13.57 13.69
CA SER H 10 -35.69 -12.58 14.72
C SER H 10 -34.98 -13.24 15.90
N LEU H 11 -34.56 -12.42 16.86
CA LEU H 11 -34.04 -12.96 18.10
C LEU H 11 -34.11 -11.87 19.15
N SER H 12 -34.54 -12.23 20.36
CA SER H 12 -34.57 -11.24 21.41
C SER H 12 -33.30 -11.32 22.26
N ALA H 13 -32.65 -10.17 22.47
CA ALA H 13 -31.40 -10.12 23.24
C ALA H 13 -31.37 -8.94 24.18
N SER H 14 -30.38 -8.92 25.07
CA SER H 14 -30.25 -7.82 26.02
C SER H 14 -28.90 -7.16 25.84
N VAL H 15 -28.70 -6.01 26.47
CA VAL H 15 -27.46 -5.27 26.28
C VAL H 15 -26.25 -6.02 26.87
N GLY H 16 -25.13 -5.94 26.17
CA GLY H 16 -23.91 -6.60 26.60
C GLY H 16 -23.90 -8.07 26.23
N ASP H 17 -24.97 -8.52 25.58
CA ASP H 17 -25.04 -9.89 25.12
C ASP H 17 -24.18 -10.00 23.89
N ARG H 18 -23.76 -11.22 23.60
CA ARG H 18 -23.07 -11.54 22.37
C ARG H 18 -24.14 -12.03 21.41
N VAL H 19 -24.22 -11.41 20.24
CA VAL H 19 -25.27 -11.75 19.31
C VAL H 19 -24.70 -12.33 18.03
N THR H 20 -25.13 -13.54 17.68
CA THR H 20 -24.65 -14.21 16.48
C THR H 20 -25.74 -14.55 15.44
N ILE H 21 -25.61 -13.93 14.28
CA ILE H 21 -26.54 -14.07 13.18
C ILE H 21 -25.90 -14.87 12.03
N THR H 22 -26.61 -15.87 11.50
CA THR H 22 -26.05 -16.68 10.43
C THR H 22 -26.68 -16.42 9.06
N CYS H 23 -25.92 -16.66 8.00
CA CYS H 23 -26.40 -16.45 6.64
C CYS H 23 -25.85 -17.56 5.78
N ARG H 24 -26.73 -18.38 5.23
CA ARG H 24 -26.31 -19.55 4.46
C ARG H 24 -26.64 -19.32 2.99
N ALA H 25 -25.69 -19.63 2.11
CA ALA H 25 -25.88 -19.37 0.69
C ALA H 25 -26.13 -20.63 -0.16
N SER H 26 -26.88 -20.43 -1.23
CA SER H 26 -27.36 -21.51 -2.08
C SER H 26 -26.24 -22.11 -2.91
N GLN H 27 -25.22 -21.28 -3.21
CA GLN H 27 -24.02 -21.63 -3.97
C GLN H 27 -22.84 -21.47 -3.05
N ALA H 28 -21.66 -21.83 -3.54
CA ALA H 28 -20.44 -21.33 -2.93
C ALA H 28 -20.29 -19.97 -3.55
N VAL H 29 -19.59 -19.08 -2.87
CA VAL H 29 -19.74 -17.69 -3.23
C VAL H 29 -18.46 -16.87 -2.94
N SER H 30 -17.30 -17.54 -3.03
CA SER H 30 -16.03 -16.99 -2.57
C SER H 30 -16.22 -16.43 -1.17
N SER H 31 -15.70 -15.25 -0.91
CA SER H 31 -16.05 -14.60 0.35
C SER H 31 -16.95 -13.41 0.07
N ALA H 32 -17.47 -13.34 -1.16
CA ALA H 32 -18.20 -12.18 -1.61
C ALA H 32 -19.51 -11.99 -0.88
N VAL H 33 -19.41 -11.64 0.41
CA VAL H 33 -20.59 -11.43 1.25
C VAL H 33 -20.49 -10.12 2.03
N ALA H 34 -21.59 -9.38 2.08
CA ALA H 34 -21.66 -8.12 2.86
C ALA H 34 -22.75 -8.17 3.92
N TRP H 35 -22.70 -7.23 4.84
CA TRP H 35 -23.71 -7.16 5.90
C TRP H 35 -24.15 -5.72 6.07
N TYR H 36 -25.45 -5.53 6.25
CA TYR H 36 -25.98 -4.19 6.41
C TYR H 36 -26.82 -4.10 7.65
N GLN H 37 -26.84 -2.92 8.23
CA GLN H 37 -27.74 -2.63 9.33
C GLN H 37 -28.85 -1.73 8.85
N GLN H 38 -30.08 -1.97 9.32
CA GLN H 38 -31.16 -1.09 8.94
C GLN H 38 -32.14 -0.85 10.06
N LYS H 39 -32.35 0.42 10.40
CA LYS H 39 -33.39 0.79 11.35
C LYS H 39 -34.60 1.32 10.58
N PRO H 40 -35.80 1.26 11.18
CA PRO H 40 -37.01 1.60 10.41
C PRO H 40 -37.01 3.06 9.95
N GLY H 41 -37.46 3.26 8.72
CA GLY H 41 -37.60 4.60 8.20
C GLY H 41 -36.29 5.19 7.73
N LYS H 42 -35.24 4.40 7.76
CA LYS H 42 -33.95 4.85 7.28
C LYS H 42 -33.35 3.89 6.25
N ALA H 43 -32.35 4.34 5.51
CA ALA H 43 -31.72 3.47 4.53
C ALA H 43 -30.78 2.52 5.25
N PRO H 44 -30.39 1.44 4.58
CA PRO H 44 -29.40 0.53 5.15
C PRO H 44 -28.07 1.22 5.36
N LYS H 45 -27.19 0.56 6.10
CA LYS H 45 -25.86 1.07 6.35
C LYS H 45 -24.89 -0.10 6.16
N LEU H 46 -23.84 0.11 5.40
CA LEU H 46 -22.79 -0.89 5.28
C LEU H 46 -22.00 -1.08 6.58
N LEU H 47 -22.02 -2.31 7.09
CA LEU H 47 -21.21 -2.72 8.22
C LEU H 47 -19.96 -3.44 7.72
N ILE H 48 -20.17 -4.44 6.86
CA ILE H 48 -19.11 -5.36 6.48
C ILE H 48 -19.14 -5.72 4.99
N TYR H 49 -17.97 -5.68 4.35
CA TYR H 49 -17.84 -6.22 3.00
C TYR H 49 -16.80 -7.37 3.02
N SER H 50 -16.71 -8.12 1.92
CA SER H 50 -15.73 -9.19 1.78
C SER H 50 -15.74 -10.21 2.93
N ALA H 51 -16.93 -10.43 3.48
CA ALA H 51 -17.17 -11.40 4.57
C ALA H 51 -16.70 -10.95 5.94
N SER H 52 -15.46 -10.48 6.03
CA SER H 52 -14.88 -10.10 7.31
C SER H 52 -14.39 -8.66 7.44
N HIS H 53 -14.34 -7.92 6.33
CA HIS H 53 -13.81 -6.56 6.42
C HIS H 53 -14.88 -5.60 6.90
N ARG H 54 -14.48 -4.75 7.83
CA ARG H 54 -15.41 -3.82 8.43
C ARG H 54 -15.30 -2.52 7.66
N TYR H 55 -16.45 -1.98 7.27
CA TYR H 55 -16.50 -0.71 6.56
C TYR H 55 -16.09 0.41 7.51
N THR H 56 -15.69 1.56 6.97
CA THR H 56 -15.08 2.61 7.81
C THR H 56 -16.10 3.20 8.78
N GLY H 57 -15.62 3.45 9.99
CA GLY H 57 -16.46 4.08 11.00
C GLY H 57 -17.41 3.10 11.63
N VAL H 58 -17.42 1.86 11.14
CA VAL H 58 -18.19 0.84 11.81
C VAL H 58 -17.43 0.40 13.04
N PRO H 59 -18.11 0.39 14.19
CA PRO H 59 -17.46 0.07 15.47
C PRO H 59 -17.00 -1.37 15.53
N SER H 60 -15.94 -1.63 16.29
CA SER H 60 -15.29 -2.92 16.30
C SER H 60 -16.06 -4.00 17.07
N ARG H 61 -17.18 -3.65 17.68
CA ARG H 61 -17.99 -4.70 18.27
C ARG H 61 -18.61 -5.54 17.16
N PHE H 62 -18.64 -5.02 15.95
CA PHE H 62 -19.13 -5.74 14.78
C PHE H 62 -18.03 -6.55 14.10
N SER H 63 -18.35 -7.78 13.72
CA SER H 63 -17.40 -8.59 12.97
C SER H 63 -18.11 -9.61 12.10
N GLY H 64 -17.42 -10.07 11.07
CA GLY H 64 -17.99 -11.07 10.19
C GLY H 64 -16.96 -12.14 9.93
N SER H 65 -17.43 -13.38 9.82
CA SER H 65 -16.55 -14.48 9.47
C SER H 65 -17.25 -15.36 8.45
N GLY H 66 -16.60 -16.47 8.13
CA GLY H 66 -17.21 -17.45 7.26
C GLY H 66 -16.65 -17.42 5.87
N SER H 67 -16.66 -18.59 5.25
CA SER H 67 -16.22 -18.73 3.88
C SER H 67 -16.97 -19.87 3.23
N GLY H 68 -17.06 -19.80 1.91
CA GLY H 68 -17.76 -20.81 1.15
C GLY H 68 -19.26 -20.60 1.16
N THR H 69 -19.90 -21.12 2.22
CA THR H 69 -21.36 -21.13 2.31
C THR H 69 -21.94 -20.59 3.62
N ASP H 70 -21.28 -20.86 4.75
CA ASP H 70 -21.76 -20.42 6.06
C ASP H 70 -21.08 -19.15 6.51
N PHE H 71 -21.81 -18.04 6.50
CA PHE H 71 -21.31 -16.75 6.95
C PHE H 71 -22.03 -16.26 8.21
N THR H 72 -21.28 -15.68 9.14
CA THR H 72 -21.87 -15.14 10.37
C THR H 72 -21.49 -13.68 10.67
N LEU H 73 -22.48 -12.89 11.06
CA LEU H 73 -22.25 -11.59 11.69
C LEU H 73 -22.33 -11.76 13.20
N THR H 74 -21.42 -11.11 13.92
CA THR H 74 -21.38 -11.23 15.37
C THR H 74 -21.17 -9.89 16.03
N ILE H 75 -22.16 -9.46 16.82
CA ILE H 75 -22.01 -8.29 17.69
C ILE H 75 -21.55 -8.77 19.08
N SER H 76 -20.41 -8.28 19.56
CA SER H 76 -19.79 -8.87 20.75
C SER H 76 -20.45 -8.48 22.07
N SER H 77 -20.72 -7.19 22.23
CA SER H 77 -21.41 -6.70 23.39
C SER H 77 -22.43 -5.74 22.83
N LEU H 78 -23.68 -6.18 22.80
CA LEU H 78 -24.76 -5.38 22.21
C LEU H 78 -24.87 -4.01 22.88
N GLN H 79 -25.24 -3.00 22.10
CA GLN H 79 -25.35 -1.65 22.63
C GLN H 79 -26.74 -1.17 22.32
N PRO H 80 -27.31 -0.33 23.18
CA PRO H 80 -28.70 0.12 23.06
C PRO H 80 -29.08 0.75 21.72
N GLU H 81 -28.12 1.06 20.87
CA GLU H 81 -28.44 1.59 19.55
C GLU H 81 -28.16 0.53 18.48
N ASP H 82 -28.17 -0.74 18.88
CA ASP H 82 -27.86 -1.83 17.96
C ASP H 82 -29.08 -2.65 17.63
N PHE H 83 -30.21 -2.20 18.13
CA PHE H 83 -31.44 -2.91 17.89
C PHE H 83 -31.95 -2.47 16.53
N ALA H 84 -31.71 -3.32 15.52
CA ALA H 84 -32.08 -3.03 14.14
C ALA H 84 -32.32 -4.33 13.38
N THR H 85 -32.51 -4.23 12.08
CA THR H 85 -32.52 -5.44 11.26
C THR H 85 -31.20 -5.56 10.51
N TYR H 86 -30.65 -6.77 10.47
CA TYR H 86 -29.37 -6.97 9.84
C TYR H 86 -29.60 -7.81 8.61
N TYR H 87 -29.10 -7.33 7.47
CA TYR H 87 -29.19 -8.06 6.21
C TYR H 87 -27.83 -8.57 5.79
N CYS H 88 -27.76 -9.81 5.32
CA CYS H 88 -26.55 -10.24 4.62
C CYS H 88 -26.81 -10.07 3.13
N GLN H 89 -25.77 -10.09 2.31
CA GLN H 89 -25.96 -9.95 0.87
C GLN H 89 -24.81 -10.58 0.08
N GLU H 90 -25.15 -11.35 -0.97
CA GLU H 90 -24.11 -11.93 -1.82
C GLU H 90 -23.60 -10.88 -2.81
N SER H 91 -22.29 -10.74 -2.91
CA SER H 91 -21.69 -9.73 -3.77
C SER H 91 -20.96 -10.40 -4.91
N TYR H 92 -21.21 -11.70 -5.07
CA TYR H 92 -20.47 -12.54 -6.01
C TYR H 92 -21.04 -12.39 -7.41
N SER H 93 -22.36 -12.57 -7.52
CA SER H 93 -23.03 -12.56 -8.78
C SER H 93 -23.98 -11.40 -8.86
N THR H 94 -24.61 -11.28 -10.00
CA THR H 94 -25.60 -10.26 -10.20
C THR H 94 -26.83 -11.13 -10.27
N PRO H 95 -28.03 -10.60 -9.94
CA PRO H 95 -28.26 -9.39 -9.16
C PRO H 95 -27.68 -9.66 -7.81
N TRP H 96 -27.70 -8.73 -6.91
CA TRP H 96 -26.86 -9.00 -5.76
C TRP H 96 -27.76 -9.33 -4.61
N THR H 97 -28.33 -10.53 -4.65
CA THR H 97 -29.46 -10.84 -3.76
C THR H 97 -29.16 -10.63 -2.27
N PHE H 98 -30.12 -10.07 -1.54
CA PHE H 98 -30.00 -9.90 -0.10
C PHE H 98 -30.72 -11.05 0.60
N GLY H 99 -30.28 -11.38 1.81
CA GLY H 99 -31.06 -12.24 2.69
C GLY H 99 -32.35 -11.53 3.11
N GLN H 100 -33.20 -12.24 3.83
CA GLN H 100 -34.50 -11.68 4.20
C GLN H 100 -34.44 -10.90 5.50
N GLY H 101 -33.29 -10.90 6.16
CA GLY H 101 -33.07 -10.10 7.35
C GLY H 101 -33.33 -10.78 8.67
N THR H 102 -32.53 -10.43 9.66
CA THR H 102 -32.76 -10.82 11.05
C THR H 102 -33.01 -9.57 11.89
N LYS H 103 -34.10 -9.58 12.67
CA LYS H 103 -34.44 -8.46 13.52
C LYS H 103 -33.96 -8.71 14.94
N VAL H 104 -33.08 -7.85 15.42
CA VAL H 104 -32.63 -7.95 16.79
C VAL H 104 -33.55 -7.10 17.68
N GLU H 105 -34.35 -7.76 18.52
CA GLU H 105 -35.26 -7.06 19.42
C GLU H 105 -34.89 -7.23 20.91
N ILE H 106 -35.49 -6.41 21.78
CA ILE H 106 -35.13 -6.32 23.20
C ILE H 106 -35.71 -7.43 24.07
N LYS H 107 -34.86 -8.13 24.81
CA LYS H 107 -35.37 -9.17 25.70
C LYS H 107 -36.00 -8.53 26.92
N ARG H 108 -37.11 -9.10 27.37
CA ARG H 108 -37.71 -8.78 28.65
C ARG H 108 -38.50 -9.98 29.14
N THR H 109 -39.27 -9.84 30.22
CA THR H 109 -39.96 -10.99 30.80
C THR H 109 -41.28 -11.24 30.15
N VAL H 110 -41.87 -12.41 30.41
CA VAL H 110 -43.16 -12.72 29.83
C VAL H 110 -44.26 -11.82 30.40
N ALA H 111 -45.19 -11.41 29.54
CA ALA H 111 -46.23 -10.45 29.88
C ALA H 111 -47.54 -10.83 29.19
N ALA H 112 -48.53 -11.31 29.93
CA ALA H 112 -49.78 -11.71 29.31
C ALA H 112 -50.46 -10.50 28.69
N PRO H 113 -51.15 -10.71 27.56
CA PRO H 113 -51.85 -9.57 26.96
C PRO H 113 -53.10 -9.27 27.76
N SER H 114 -53.55 -8.03 27.69
CA SER H 114 -54.80 -7.65 28.30
C SER H 114 -55.80 -7.41 27.21
N VAL H 115 -56.89 -8.17 27.22
CA VAL H 115 -57.80 -8.20 26.08
C VAL H 115 -59.01 -7.27 26.21
N PHE H 116 -59.32 -6.59 25.10
CA PHE H 116 -60.50 -5.74 25.02
C PHE H 116 -61.22 -5.98 23.71
N ILE H 117 -62.55 -5.93 23.74
CA ILE H 117 -63.33 -6.12 22.52
C ILE H 117 -64.28 -4.93 22.31
N PHE H 118 -64.39 -4.51 21.05
CA PHE H 118 -65.18 -3.33 20.70
C PHE H 118 -66.18 -3.71 19.63
N PRO H 119 -67.46 -3.38 19.85
CA PRO H 119 -68.49 -3.62 18.84
C PRO H 119 -68.45 -2.52 17.80
N PRO H 120 -69.21 -2.67 16.72
CA PRO H 120 -69.27 -1.60 15.74
C PRO H 120 -69.95 -0.41 16.35
N SER H 121 -69.54 0.78 15.96
CA SER H 121 -70.27 2.01 16.29
C SER H 121 -71.63 1.93 15.62
N ASP H 122 -72.55 2.79 16.03
CA ASP H 122 -73.82 2.79 15.34
C ASP H 122 -73.69 3.53 14.01
N GLU H 123 -72.88 4.57 13.98
CA GLU H 123 -72.83 5.39 12.77
C GLU H 123 -72.12 4.63 11.65
N GLN H 124 -71.32 3.65 12.04
CA GLN H 124 -70.69 2.83 11.03
C GLN H 124 -71.72 1.90 10.40
N LEU H 125 -72.68 1.44 11.20
CA LEU H 125 -73.70 0.53 10.71
C LEU H 125 -74.61 1.19 9.66
N LYS H 126 -74.65 2.52 9.64
CA LYS H 126 -75.38 3.23 8.61
C LYS H 126 -74.71 3.05 7.25
N SER H 127 -73.41 2.76 7.26
CA SER H 127 -72.62 2.54 6.04
C SER H 127 -72.86 1.18 5.40
N GLY H 128 -73.57 0.30 6.10
CA GLY H 128 -73.82 -1.03 5.59
C GLY H 128 -72.73 -2.04 5.90
N THR H 129 -71.67 -1.60 6.57
CA THR H 129 -70.57 -2.48 6.97
C THR H 129 -70.29 -2.45 8.47
N ALA H 130 -69.80 -3.57 8.98
CA ALA H 130 -69.60 -3.73 10.41
C ALA H 130 -68.18 -4.21 10.74
N SER H 131 -67.43 -3.40 11.47
CA SER H 131 -66.09 -3.76 11.86
C SER H 131 -66.08 -4.05 13.34
N VAL H 132 -65.65 -5.25 13.70
CA VAL H 132 -65.47 -5.61 15.11
C VAL H 132 -64.00 -5.68 15.46
N VAL H 133 -63.59 -4.97 16.51
CA VAL H 133 -62.17 -4.90 16.81
C VAL H 133 -61.82 -5.58 18.13
N CYS H 134 -60.77 -6.41 18.08
CA CYS H 134 -60.20 -7.01 19.27
C CYS H 134 -58.82 -6.39 19.52
N LEU H 135 -58.59 -5.97 20.76
CA LEU H 135 -57.34 -5.32 21.12
C LEU H 135 -56.60 -6.21 22.08
N LEU H 136 -55.40 -6.62 21.71
CA LEU H 136 -54.50 -7.25 22.66
C LEU H 136 -53.49 -6.22 23.08
N ASN H 137 -53.36 -5.99 24.38
CA ASN H 137 -52.59 -4.85 24.85
C ASN H 137 -51.42 -5.21 25.78
N ASN H 138 -50.27 -4.63 25.47
CA ASN H 138 -49.05 -4.74 26.28
C ASN H 138 -48.58 -6.14 26.63
N PHE H 139 -48.24 -6.93 25.63
CA PHE H 139 -47.77 -8.30 25.90
C PHE H 139 -46.32 -8.58 25.46
N TYR H 140 -45.79 -9.74 25.87
CA TYR H 140 -44.46 -10.18 25.46
C TYR H 140 -44.33 -11.66 25.79
N PRO H 141 -43.81 -12.47 24.86
CA PRO H 141 -43.24 -12.10 23.56
C PRO H 141 -44.30 -11.82 22.51
N ARG H 142 -43.88 -11.73 21.24
CA ARG H 142 -44.76 -11.24 20.20
C ARG H 142 -45.78 -12.28 19.74
N GLU H 143 -45.40 -13.54 19.80
CA GLU H 143 -46.26 -14.60 19.30
C GLU H 143 -47.58 -14.65 20.07
N ALA H 144 -48.64 -14.19 19.41
CA ALA H 144 -49.98 -14.22 19.97
C ALA H 144 -50.97 -14.76 18.95
N LYS H 145 -51.98 -15.51 19.37
CA LYS H 145 -53.00 -15.97 18.42
C LYS H 145 -54.40 -15.45 18.71
N VAL H 146 -55.07 -14.93 17.69
CA VAL H 146 -56.44 -14.44 17.83
C VAL H 146 -57.45 -15.25 17.02
N GLN H 147 -58.50 -15.73 17.66
CA GLN H 147 -59.54 -16.48 16.95
C GLN H 147 -60.86 -15.73 17.01
N TRP H 148 -61.49 -15.50 15.86
CA TRP H 148 -62.83 -14.91 15.85
C TRP H 148 -63.94 -15.97 15.78
N LYS H 149 -64.86 -15.94 16.76
CA LYS H 149 -66.03 -16.80 16.71
C LYS H 149 -67.29 -15.94 16.62
N VAL H 150 -68.21 -16.32 15.74
CA VAL H 150 -69.51 -15.64 15.61
C VAL H 150 -70.63 -16.64 15.84
N ASP H 151 -71.18 -16.60 17.05
CA ASP H 151 -72.08 -17.64 17.54
C ASP H 151 -71.36 -18.98 17.56
N ASN H 152 -70.17 -19.00 18.17
CA ASN H 152 -69.34 -20.19 18.31
C ASN H 152 -68.85 -20.83 17.00
N ALA H 153 -69.31 -20.30 15.88
CA ALA H 153 -68.77 -20.67 14.58
C ALA H 153 -67.51 -19.84 14.38
N LEU H 154 -66.36 -20.50 14.18
CA LEU H 154 -65.17 -19.71 13.98
C LEU H 154 -64.95 -19.25 12.53
N GLN H 155 -64.44 -18.03 12.40
CA GLN H 155 -64.21 -17.37 11.12
C GLN H 155 -62.81 -17.64 10.62
N SER H 156 -62.62 -17.47 9.31
CA SER H 156 -61.40 -17.83 8.62
C SER H 156 -60.77 -16.58 8.01
N GLY H 157 -61.30 -16.16 6.87
CA GLY H 157 -60.58 -15.20 6.05
C GLY H 157 -61.09 -13.78 6.04
N ASN H 158 -61.68 -13.34 7.15
CA ASN H 158 -62.28 -12.02 7.20
C ASN H 158 -61.70 -11.14 8.31
N SER H 159 -60.45 -11.39 8.67
CA SER H 159 -59.82 -10.66 9.76
C SER H 159 -58.49 -10.14 9.27
N GLN H 160 -58.13 -8.95 9.74
CA GLN H 160 -56.82 -8.37 9.51
C GLN H 160 -56.21 -7.90 10.83
N GLU H 161 -54.89 -8.09 10.95
CA GLU H 161 -54.17 -7.78 12.18
C GLU H 161 -53.07 -6.77 11.92
N SER H 162 -52.56 -6.23 13.01
CA SER H 162 -51.54 -5.22 12.92
C SER H 162 -50.89 -5.17 14.29
N VAL H 163 -49.55 -5.19 14.34
CA VAL H 163 -48.87 -5.18 15.63
C VAL H 163 -47.94 -3.98 15.71
N THR H 164 -47.81 -3.39 16.90
CA THR H 164 -46.89 -2.29 17.08
C THR H 164 -45.46 -2.75 17.27
N GLU H 165 -44.54 -1.79 17.29
CA GLU H 165 -43.14 -2.05 17.62
C GLU H 165 -43.01 -2.10 19.13
N GLN H 166 -41.89 -2.63 19.61
CA GLN H 166 -41.71 -2.70 21.06
C GLN H 166 -41.89 -1.31 21.63
N ASP H 167 -42.70 -1.18 22.68
CA ASP H 167 -42.93 0.11 23.28
C ASP H 167 -41.61 0.68 23.79
N SER H 168 -41.50 2.00 23.79
CA SER H 168 -40.27 2.66 24.18
C SER H 168 -40.05 2.72 25.68
N LYS H 169 -40.89 2.03 26.46
CA LYS H 169 -40.79 2.02 27.92
C LYS H 169 -40.69 0.63 28.51
N ASP H 170 -41.69 -0.21 28.24
CA ASP H 170 -41.74 -1.58 28.78
C ASP H 170 -41.44 -2.65 27.73
N SER H 171 -41.14 -2.20 26.52
CA SER H 171 -40.69 -3.05 25.43
C SER H 171 -41.72 -4.08 25.01
N THR H 172 -42.99 -3.79 25.31
CA THR H 172 -44.08 -4.72 25.01
C THR H 172 -44.68 -4.47 23.63
N TYR H 173 -45.49 -5.42 23.18
CA TYR H 173 -46.19 -5.26 21.93
C TYR H 173 -47.66 -4.98 22.21
N SER H 174 -48.41 -4.68 21.16
CA SER H 174 -49.86 -4.57 21.24
C SER H 174 -50.42 -4.96 19.89
N LEU H 175 -51.45 -5.79 19.91
CA LEU H 175 -52.03 -6.26 18.67
C LEU H 175 -53.47 -5.79 18.51
N SER H 176 -53.77 -5.25 17.32
CA SER H 176 -55.13 -4.99 16.93
C SER H 176 -55.55 -6.00 15.87
N SER H 177 -56.80 -6.45 15.96
CA SER H 177 -57.39 -7.35 14.97
C SER H 177 -58.80 -6.92 14.63
N THR H 178 -59.14 -6.91 13.35
CA THR H 178 -60.42 -6.39 12.92
C THR H 178 -61.18 -7.37 12.07
N LEU H 179 -62.19 -7.97 12.69
CA LEU H 179 -63.20 -8.74 11.96
C LEU H 179 -64.06 -7.76 11.19
N THR H 180 -64.33 -8.08 9.95
CA THR H 180 -65.00 -7.11 9.12
C THR H 180 -66.00 -7.85 8.22
N LEU H 181 -67.27 -7.48 8.36
CA LEU H 181 -68.35 -8.21 7.72
C LEU H 181 -69.56 -7.30 7.54
N SER H 182 -70.39 -7.60 6.55
CA SER H 182 -71.53 -6.75 6.18
C SER H 182 -72.52 -6.52 7.33
N LYS H 183 -73.28 -5.43 7.25
CA LYS H 183 -74.36 -5.17 8.20
C LYS H 183 -75.41 -6.27 8.12
N ALA H 184 -75.59 -6.81 6.92
CA ALA H 184 -76.43 -7.97 6.69
C ALA H 184 -76.06 -9.13 7.63
N ASP H 185 -74.90 -9.74 7.39
CA ASP H 185 -74.42 -10.89 8.18
C ASP H 185 -74.32 -10.56 9.66
N TYR H 186 -74.10 -9.28 9.96
CA TYR H 186 -73.95 -8.83 11.33
C TYR H 186 -75.24 -8.92 12.11
N GLU H 187 -76.35 -8.72 11.42
CA GLU H 187 -77.64 -8.74 12.09
C GLU H 187 -78.12 -10.17 12.31
N LYS H 188 -77.72 -11.08 11.43
CA LYS H 188 -78.15 -12.47 11.54
C LYS H 188 -77.74 -13.09 12.87
N HIS H 189 -76.64 -12.61 13.44
CA HIS H 189 -76.03 -13.27 14.60
C HIS H 189 -75.96 -12.43 15.87
N LYS H 190 -75.90 -13.09 17.03
CA LYS H 190 -75.95 -12.37 18.32
C LYS H 190 -74.61 -12.27 19.06
N VAL H 191 -73.91 -13.39 19.21
CA VAL H 191 -72.68 -13.42 20.01
C VAL H 191 -71.39 -13.29 19.19
N TYR H 192 -70.56 -12.31 19.56
CA TYR H 192 -69.30 -12.03 18.87
C TYR H 192 -68.16 -12.16 19.85
N ALA H 193 -67.28 -13.14 19.61
CA ALA H 193 -66.22 -13.40 20.55
C ALA H 193 -64.86 -13.37 19.91
N CYS H 194 -63.87 -13.16 20.76
CA CYS H 194 -62.52 -12.89 20.36
C CYS H 194 -61.71 -13.70 21.34
N GLU H 195 -61.09 -14.80 20.86
CA GLU H 195 -60.37 -15.73 21.74
C GLU H 195 -58.86 -15.60 21.58
N VAL H 196 -58.19 -15.27 22.68
CA VAL H 196 -56.75 -15.05 22.65
C VAL H 196 -55.93 -16.19 23.28
N THR H 197 -54.90 -16.59 22.53
CA THR H 197 -53.91 -17.52 23.03
C THR H 197 -52.54 -16.81 23.10
N HIS H 198 -51.89 -16.88 24.26
CA HIS H 198 -50.56 -16.29 24.40
C HIS H 198 -49.71 -17.16 25.35
N GLN H 199 -48.42 -16.90 25.42
CA GLN H 199 -47.54 -17.68 26.28
C GLN H 199 -47.70 -17.29 27.74
N GLY H 200 -48.15 -16.07 28.00
CA GLY H 200 -48.30 -15.61 29.36
C GLY H 200 -49.66 -15.98 29.89
N LEU H 201 -50.51 -16.51 29.02
CA LEU H 201 -51.86 -16.91 29.39
C LEU H 201 -51.90 -18.42 29.64
N SER H 202 -52.27 -18.82 30.86
CA SER H 202 -52.21 -20.23 31.21
C SER H 202 -53.33 -21.00 30.55
N SER H 203 -54.42 -20.31 30.24
CA SER H 203 -55.55 -20.87 29.50
C SER H 203 -56.01 -19.77 28.57
N PRO H 204 -56.68 -20.14 27.45
CA PRO H 204 -57.04 -19.07 26.52
C PRO H 204 -58.15 -18.13 27.03
N VAL H 205 -57.96 -16.84 26.76
CA VAL H 205 -58.87 -15.78 27.18
C VAL H 205 -59.83 -15.46 26.04
N THR H 206 -61.13 -15.48 26.35
CA THR H 206 -62.15 -15.10 25.37
C THR H 206 -62.90 -13.86 25.83
N LYS H 207 -62.89 -12.83 25.00
CA LYS H 207 -63.66 -11.63 25.28
C LYS H 207 -64.84 -11.63 24.30
N SER H 208 -66.00 -11.15 24.72
CA SER H 208 -67.19 -11.31 23.88
C SER H 208 -68.29 -10.31 24.22
N PHE H 209 -69.26 -10.16 23.32
CA PHE H 209 -70.41 -9.31 23.61
C PHE H 209 -71.69 -9.81 22.93
N ASN H 210 -72.85 -9.27 23.34
CA ASN H 210 -74.09 -9.54 22.64
C ASN H 210 -74.67 -8.29 22.00
N ARG H 211 -75.28 -8.43 20.84
CA ARG H 211 -75.72 -7.26 20.12
C ARG H 211 -77.23 -7.01 20.27
N GLU I 1 -19.20 16.34 2.26
CA GLU I 1 -19.58 14.94 2.41
C GLU I 1 -20.30 14.44 1.16
N VAL I 2 -20.39 13.13 1.01
CA VAL I 2 -21.13 12.53 -0.11
C VAL I 2 -22.60 12.66 0.16
N GLN I 3 -23.35 13.08 -0.84
CA GLN I 3 -24.78 13.31 -0.64
C GLN I 3 -25.58 12.81 -1.83
N LEU I 4 -26.61 12.03 -1.53
CA LEU I 4 -27.50 11.50 -2.53
C LEU I 4 -28.92 11.88 -2.14
N VAL I 5 -29.49 12.83 -2.88
CA VAL I 5 -30.80 13.35 -2.52
C VAL I 5 -31.84 12.98 -3.56
N GLU I 6 -32.84 12.21 -3.15
CA GLU I 6 -33.84 11.69 -4.09
C GLU I 6 -35.14 12.48 -4.18
N SER I 7 -35.81 12.35 -5.31
CA SER I 7 -37.04 13.09 -5.58
C SER I 7 -37.89 12.25 -6.51
N GLY I 8 -39.20 12.42 -6.45
CA GLY I 8 -40.01 11.88 -7.53
C GLY I 8 -41.03 10.83 -7.20
N GLY I 9 -40.95 10.25 -6.01
CA GLY I 9 -41.98 9.32 -5.59
C GLY I 9 -43.37 9.92 -5.69
N GLY I 10 -44.37 9.08 -5.83
CA GLY I 10 -45.74 9.57 -5.77
C GLY I 10 -46.73 8.44 -5.93
N LEU I 11 -47.94 8.78 -6.36
CA LEU I 11 -48.90 7.77 -6.70
C LEU I 11 -48.87 7.51 -8.21
N VAL I 12 -49.15 6.27 -8.59
CA VAL I 12 -49.31 5.90 -9.99
C VAL I 12 -50.39 4.85 -10.09
N GLN I 13 -51.23 4.97 -11.10
CA GLN I 13 -52.16 3.89 -11.43
C GLN I 13 -51.42 2.81 -12.20
N PRO I 14 -51.85 1.54 -12.03
CA PRO I 14 -51.21 0.36 -12.65
C PRO I 14 -51.02 0.56 -14.14
N GLY I 15 -49.86 0.20 -14.64
CA GLY I 15 -49.56 0.35 -16.06
C GLY I 15 -49.03 1.73 -16.43
N GLY I 16 -49.06 2.63 -15.46
CA GLY I 16 -48.55 3.97 -15.68
C GLY I 16 -47.04 4.03 -15.59
N SER I 17 -46.53 5.24 -15.66
CA SER I 17 -45.11 5.48 -15.72
C SER I 17 -44.75 6.57 -14.70
N LEU I 18 -43.46 6.71 -14.40
CA LEU I 18 -42.97 7.63 -13.36
C LEU I 18 -41.43 7.60 -13.37
N ARG I 19 -40.79 8.71 -13.04
CA ARG I 19 -39.33 8.80 -13.07
C ARG I 19 -38.74 9.30 -11.75
N LEU I 20 -37.64 8.68 -11.32
CA LEU I 20 -37.02 9.06 -10.06
C LEU I 20 -35.70 9.79 -10.25
N SER I 21 -35.37 10.67 -9.31
CA SER I 21 -34.14 11.46 -9.41
C SER I 21 -33.19 11.20 -8.25
N CYS I 22 -31.91 11.01 -8.56
CA CYS I 22 -30.86 11.00 -7.56
C CYS I 22 -29.90 12.15 -7.80
N ALA I 23 -30.04 13.21 -7.02
CA ALA I 23 -29.15 14.36 -7.09
C ALA I 23 -27.95 14.06 -6.25
N ALA I 24 -26.77 13.98 -6.87
CA ALA I 24 -25.56 13.61 -6.16
C ALA I 24 -24.60 14.78 -6.00
N SER I 25 -23.73 14.68 -5.00
CA SER I 25 -22.75 15.71 -4.68
C SER I 25 -21.67 15.15 -3.76
N GLY I 26 -20.60 15.92 -3.56
CA GLY I 26 -19.55 15.54 -2.63
C GLY I 26 -18.49 14.59 -3.15
N TYR I 27 -18.60 14.22 -4.41
CA TYR I 27 -17.69 13.28 -5.05
C TYR I 27 -17.79 13.53 -6.55
N THR I 28 -16.69 13.40 -7.28
CA THR I 28 -16.74 13.63 -8.72
C THR I 28 -17.69 12.61 -9.37
N PHE I 29 -18.73 13.15 -9.99
CA PHE I 29 -19.94 12.40 -10.29
C PHE I 29 -19.68 11.25 -11.24
N THR I 30 -18.81 11.50 -12.22
CA THR I 30 -18.56 10.52 -13.28
C THR I 30 -17.68 9.36 -12.81
N SER I 31 -16.99 9.57 -11.71
CA SER I 31 -16.02 8.58 -11.27
C SER I 31 -16.68 7.36 -10.64
N TYR I 32 -17.93 7.47 -10.24
CA TYR I 32 -18.66 6.32 -9.70
C TYR I 32 -19.99 6.07 -10.34
N VAL I 33 -20.32 4.79 -10.46
CA VAL I 33 -21.62 4.31 -10.86
C VAL I 33 -22.67 4.66 -9.79
N ILE I 34 -23.95 4.72 -10.17
CA ILE I 34 -25.02 4.85 -9.18
C ILE I 34 -26.05 3.71 -9.28
N HIS I 35 -26.16 2.93 -8.21
CA HIS I 35 -27.09 1.80 -8.12
C HIS I 35 -28.49 2.26 -7.73
N TRP I 36 -29.50 1.51 -8.14
CA TRP I 36 -30.83 1.67 -7.57
C TRP I 36 -31.22 0.38 -6.90
N VAL I 37 -31.69 0.49 -5.66
CA VAL I 37 -32.14 -0.65 -4.87
C VAL I 37 -33.52 -0.37 -4.26
N ARG I 38 -34.46 -1.29 -4.39
CA ARG I 38 -35.80 -1.03 -3.87
C ARG I 38 -36.16 -1.93 -2.72
N GLN I 39 -37.19 -1.53 -1.98
CA GLN I 39 -37.63 -2.29 -0.81
C GLN I 39 -39.12 -2.13 -0.55
N ALA I 40 -39.88 -3.20 -0.81
CA ALA I 40 -41.32 -3.21 -0.59
C ALA I 40 -41.60 -3.10 0.89
N PRO I 41 -42.75 -2.51 1.26
CA PRO I 41 -43.04 -2.25 2.67
C PRO I 41 -42.98 -3.52 3.51
N GLY I 42 -42.16 -3.50 4.55
CA GLY I 42 -42.02 -4.64 5.44
C GLY I 42 -41.41 -5.86 4.77
N LYS I 43 -40.63 -5.62 3.73
CA LYS I 43 -39.93 -6.70 3.05
C LYS I 43 -38.45 -6.35 2.81
N GLY I 44 -37.76 -7.21 2.07
CA GLY I 44 -36.32 -7.08 1.90
C GLY I 44 -35.88 -6.15 0.78
N LEU I 45 -34.60 -6.21 0.48
CA LEU I 45 -34.02 -5.33 -0.52
C LEU I 45 -33.82 -6.06 -1.84
N GLU I 46 -34.02 -5.34 -2.94
CA GLU I 46 -33.81 -5.88 -4.29
C GLU I 46 -33.00 -4.87 -5.10
N TRP I 47 -31.96 -5.33 -5.79
CA TRP I 47 -31.14 -4.46 -6.63
C TRP I 47 -31.80 -4.38 -8.00
N VAL I 48 -31.93 -3.20 -8.57
CA VAL I 48 -32.56 -3.10 -9.88
C VAL I 48 -31.57 -2.83 -11.02
N GLY I 49 -30.52 -2.08 -10.74
CA GLY I 49 -29.54 -1.84 -11.78
C GLY I 49 -28.66 -0.66 -11.45
N TYR I 50 -27.58 -0.50 -12.22
CA TYR I 50 -26.68 0.64 -12.05
C TYR I 50 -26.41 1.32 -13.39
N ASN I 51 -25.99 2.58 -13.34
CA ASN I 51 -25.68 3.30 -14.56
C ASN I 51 -24.42 4.11 -14.34
N ASN I 52 -23.46 3.94 -15.23
CA ASN I 52 -22.24 4.73 -15.19
C ASN I 52 -22.36 6.00 -16.02
N PRO I 53 -22.25 7.15 -15.35
CA PRO I 53 -22.40 8.47 -15.96
C PRO I 53 -21.23 8.86 -16.87
N TYR I 54 -20.09 8.19 -16.71
CA TYR I 54 -18.93 8.52 -17.51
C TYR I 54 -19.12 8.09 -18.96
N ASN I 55 -19.78 6.95 -19.12
CA ASN I 55 -19.89 6.31 -20.44
C ASN I 55 -21.29 5.83 -20.81
N ALA I 56 -22.31 6.29 -20.10
CA ALA I 56 -23.71 5.92 -20.36
C ALA I 56 -24.05 4.45 -20.10
N GLY I 57 -23.04 3.65 -19.78
CA GLY I 57 -23.22 2.22 -19.56
C GLY I 57 -24.21 1.90 -18.45
N THR I 58 -25.05 0.89 -18.69
CA THR I 58 -26.01 0.46 -17.69
C THR I 58 -25.96 -1.04 -17.56
N ASN I 59 -26.47 -1.55 -16.44
CA ASN I 59 -26.54 -2.97 -16.15
C ASN I 59 -27.77 -3.21 -15.26
N TYR I 60 -28.79 -3.88 -15.81
CA TYR I 60 -30.06 -4.07 -15.09
C TYR I 60 -30.20 -5.46 -14.48
N ASN I 61 -31.02 -5.56 -13.44
CA ASN I 61 -31.52 -6.83 -12.96
C ASN I 61 -32.25 -7.47 -14.13
N GLU I 62 -31.96 -8.73 -14.42
CA GLU I 62 -32.61 -9.44 -15.52
C GLU I 62 -34.14 -9.34 -15.50
N LYS I 63 -34.70 -8.98 -14.37
CA LYS I 63 -36.14 -9.06 -14.16
C LYS I 63 -36.83 -7.69 -14.24
N PHE I 64 -36.05 -6.67 -14.55
CA PHE I 64 -36.61 -5.33 -14.77
C PHE I 64 -36.23 -4.82 -16.15
N LYS I 65 -35.38 -5.57 -16.85
CA LYS I 65 -34.99 -5.18 -18.20
C LYS I 65 -36.24 -5.02 -19.05
N GLY I 66 -36.24 -3.98 -19.88
CA GLY I 66 -37.41 -3.69 -20.67
C GLY I 66 -38.19 -2.57 -20.02
N ARG I 67 -38.65 -2.78 -18.80
CA ARG I 67 -39.49 -1.78 -18.15
C ARG I 67 -38.68 -0.61 -17.61
N PHE I 68 -37.68 -0.91 -16.79
CA PHE I 68 -36.95 0.16 -16.15
C PHE I 68 -35.78 0.58 -17.02
N THR I 69 -35.50 1.86 -16.98
CA THR I 69 -34.42 2.46 -17.75
C THR I 69 -33.68 3.33 -16.78
N ILE I 70 -32.36 3.15 -16.67
CA ILE I 70 -31.56 3.99 -15.79
C ILE I 70 -30.64 4.89 -16.60
N SER I 71 -30.50 6.14 -16.17
CA SER I 71 -29.63 7.09 -16.89
C SER I 71 -29.07 8.26 -16.05
N SER I 72 -28.23 9.08 -16.67
CA SER I 72 -27.56 10.16 -15.99
C SER I 72 -27.66 11.47 -16.74
N ASP I 73 -27.44 12.57 -16.03
CA ASP I 73 -27.22 13.88 -16.65
C ASP I 73 -25.98 14.52 -16.03
N LYS I 74 -24.83 14.42 -16.70
CA LYS I 74 -23.59 14.86 -16.10
C LYS I 74 -23.67 16.33 -15.67
N SER I 75 -24.33 17.13 -16.50
CA SER I 75 -24.46 18.57 -16.27
C SER I 75 -25.28 18.91 -15.02
N LYS I 76 -26.10 17.98 -14.55
CA LYS I 76 -26.87 18.24 -13.35
C LYS I 76 -26.47 17.31 -12.21
N ASN I 77 -25.43 16.51 -12.42
CA ASN I 77 -24.99 15.51 -11.44
C ASN I 77 -26.16 14.72 -10.89
N THR I 78 -26.95 14.16 -11.79
CA THR I 78 -28.14 13.43 -11.39
C THR I 78 -28.33 12.13 -12.16
N ALA I 79 -28.67 11.08 -11.45
CA ALA I 79 -29.05 9.83 -12.09
C ALA I 79 -30.56 9.76 -12.08
N TYR I 80 -31.15 9.09 -13.07
CA TYR I 80 -32.60 8.98 -13.13
C TYR I 80 -33.00 7.52 -13.22
N LEU I 81 -34.13 7.18 -12.62
CA LEU I 81 -34.74 5.87 -12.84
C LEU I 81 -36.13 6.04 -13.44
N GLN I 82 -36.28 5.67 -14.71
CA GLN I 82 -37.54 5.72 -15.40
C GLN I 82 -38.22 4.38 -15.25
N MET I 83 -39.46 4.38 -14.77
CA MET I 83 -40.15 3.13 -14.57
C MET I 83 -41.40 3.08 -15.40
N ASN I 84 -41.38 2.27 -16.44
CA ASN I 84 -42.54 2.13 -17.31
C ASN I 84 -43.38 0.92 -16.95
N SER I 85 -44.67 1.00 -17.29
CA SER I 85 -45.62 -0.10 -17.15
C SER I 85 -45.66 -0.76 -15.77
N LEU I 86 -45.82 0.06 -14.74
CA LEU I 86 -45.76 -0.36 -13.34
C LEU I 86 -46.95 -1.19 -12.92
N ARG I 87 -46.75 -1.99 -11.87
CA ARG I 87 -47.82 -2.79 -11.27
C ARG I 87 -47.80 -2.58 -9.78
N ALA I 88 -48.82 -3.10 -9.09
CA ALA I 88 -48.90 -3.04 -7.63
C ALA I 88 -47.65 -3.57 -6.94
N GLU I 89 -47.11 -4.67 -7.44
CA GLU I 89 -45.89 -5.31 -6.90
C GLU I 89 -44.70 -4.37 -6.87
N ASP I 90 -44.73 -3.35 -7.72
CA ASP I 90 -43.62 -2.44 -7.83
C ASP I 90 -43.66 -1.36 -6.76
N THR I 91 -44.70 -1.38 -5.93
CA THR I 91 -44.82 -0.41 -4.83
C THR I 91 -43.72 -0.58 -3.79
N ALA I 92 -42.90 0.44 -3.61
CA ALA I 92 -41.79 0.33 -2.67
C ALA I 92 -41.08 1.65 -2.44
N VAL I 93 -40.21 1.66 -1.46
CA VAL I 93 -39.25 2.73 -1.34
C VAL I 93 -38.05 2.43 -2.25
N TYR I 94 -37.66 3.41 -3.04
CA TYR I 94 -36.58 3.24 -4.00
C TYR I 94 -35.37 4.06 -3.57
N TYR I 95 -34.26 3.38 -3.34
CA TYR I 95 -33.05 4.04 -2.90
C TYR I 95 -32.11 4.11 -4.08
N CYS I 96 -31.34 5.20 -4.16
CA CYS I 96 -30.19 5.23 -5.03
C CYS I 96 -28.98 5.05 -4.14
N SER I 97 -27.93 4.42 -4.66
CA SER I 97 -26.75 4.23 -3.83
C SER I 97 -25.46 4.23 -4.65
N ARG I 98 -24.43 4.94 -4.16
CA ARG I 98 -23.16 4.90 -4.85
C ARG I 98 -22.13 4.19 -4.02
N PRO I 99 -21.37 3.30 -4.66
CA PRO I 99 -20.53 2.38 -3.91
C PRO I 99 -19.11 2.90 -3.70
N THR I 100 -18.30 2.06 -3.07
CA THR I 100 -16.85 2.22 -3.11
C THR I 100 -16.38 1.29 -4.25
N MET I 101 -15.92 0.08 -3.95
CA MET I 101 -15.78 -0.90 -5.02
C MET I 101 -17.21 -1.32 -5.45
N LEU I 102 -17.42 -1.48 -6.76
CA LEU I 102 -18.76 -1.65 -7.35
C LEU I 102 -19.86 -2.30 -6.51
N PRO I 103 -19.61 -3.49 -5.93
CA PRO I 103 -20.77 -4.15 -5.34
C PRO I 103 -21.05 -3.79 -3.87
N TRP I 104 -20.31 -2.86 -3.30
CA TRP I 104 -20.46 -2.49 -1.88
C TRP I 104 -21.24 -1.20 -1.71
N PHE I 105 -22.53 -1.34 -1.40
CA PHE I 105 -23.41 -0.17 -1.31
C PHE I 105 -23.11 0.67 -0.09
N ALA I 106 -22.15 1.60 -0.23
CA ALA I 106 -21.62 2.36 0.91
C ALA I 106 -22.35 3.67 1.23
N TYR I 107 -22.85 4.33 0.20
CA TYR I 107 -23.58 5.58 0.34
C TYR I 107 -25.01 5.46 -0.16
N TRP I 108 -25.97 5.77 0.70
CA TRP I 108 -27.37 5.72 0.29
C TRP I 108 -28.03 7.09 0.26
N GLY I 109 -29.02 7.24 -0.61
CA GLY I 109 -29.94 8.34 -0.56
C GLY I 109 -31.01 8.04 0.48
N GLN I 110 -32.10 8.77 0.46
CA GLN I 110 -33.06 8.75 1.57
C GLN I 110 -34.27 7.88 1.29
N GLY I 111 -34.40 7.45 0.03
CA GLY I 111 -35.56 6.69 -0.43
C GLY I 111 -36.65 7.63 -0.86
N THR I 112 -37.37 7.28 -1.93
CA THR I 112 -38.66 7.91 -2.24
C THR I 112 -39.64 6.80 -2.43
N LEU I 113 -40.85 7.05 -1.97
CA LEU I 113 -41.87 6.03 -1.97
C LEU I 113 -42.71 6.13 -3.23
N VAL I 114 -42.71 5.06 -4.01
CA VAL I 114 -43.65 4.91 -5.11
C VAL I 114 -44.77 3.97 -4.70
N THR I 115 -45.99 4.48 -4.70
CA THR I 115 -47.16 3.67 -4.40
C THR I 115 -47.92 3.50 -5.70
N VAL I 116 -48.12 2.25 -6.12
CA VAL I 116 -48.91 1.94 -7.31
C VAL I 116 -50.26 1.35 -6.93
N SER I 117 -51.34 2.01 -7.30
CA SER I 117 -52.67 1.58 -6.91
C SER I 117 -53.67 2.10 -7.92
N SER I 118 -54.79 1.40 -8.10
CA SER I 118 -55.87 1.94 -8.90
C SER I 118 -56.72 2.85 -8.02
N ALA I 119 -56.54 2.71 -6.70
CA ALA I 119 -57.22 3.53 -5.72
C ALA I 119 -57.08 5.00 -6.00
N SER I 120 -58.14 5.75 -5.74
CA SER I 120 -58.02 7.19 -5.79
C SER I 120 -58.08 7.78 -4.39
N THR I 121 -57.50 8.96 -4.23
CA THR I 121 -57.32 9.58 -2.94
C THR I 121 -58.66 9.74 -2.25
N LYS I 122 -58.76 9.16 -1.07
CA LYS I 122 -60.00 9.18 -0.30
C LYS I 122 -59.72 9.44 1.18
N GLY I 123 -60.46 10.36 1.78
CA GLY I 123 -60.31 10.63 3.21
C GLY I 123 -60.94 9.53 4.05
N PRO I 124 -60.49 9.39 5.30
CA PRO I 124 -61.00 8.29 6.11
C PRO I 124 -62.32 8.65 6.77
N SER I 125 -63.11 7.64 7.10
CA SER I 125 -64.22 7.77 8.03
C SER I 125 -63.68 7.34 9.38
N VAL I 126 -64.12 7.98 10.44
CA VAL I 126 -63.56 7.73 11.75
C VAL I 126 -64.68 7.34 12.69
N PHE I 127 -64.66 6.11 13.18
CA PHE I 127 -65.68 5.67 14.11
C PHE I 127 -65.05 5.46 15.47
N PRO I 128 -65.85 5.57 16.54
CA PRO I 128 -65.39 5.34 17.91
C PRO I 128 -65.28 3.86 18.28
N LEU I 129 -64.33 3.60 19.18
CA LEU I 129 -64.22 2.33 19.84
C LEU I 129 -64.52 2.62 21.29
N ALA I 130 -65.77 2.43 21.67
CA ALA I 130 -66.25 2.87 22.97
C ALA I 130 -65.95 1.85 24.08
N PRO I 131 -65.61 2.37 25.27
CA PRO I 131 -65.15 1.59 26.43
C PRO I 131 -66.22 0.70 27.06
N SER I 132 -65.76 -0.34 27.75
CA SER I 132 -66.61 -1.32 28.42
C SER I 132 -67.54 -2.02 27.44
N GLY I 133 -61.24 -0.20 37.92
CA GLY I 133 -59.92 -0.52 37.36
C GLY I 133 -59.48 0.34 36.19
N THR I 134 -59.20 -0.28 35.05
CA THR I 134 -58.70 0.42 33.88
C THR I 134 -59.46 0.06 32.59
N ALA I 135 -59.82 1.09 31.82
CA ALA I 135 -60.57 0.92 30.58
C ALA I 135 -59.75 1.26 29.33
N ALA I 136 -60.12 0.65 28.21
CA ALA I 136 -59.51 0.97 26.92
C ALA I 136 -60.54 1.47 25.93
N LEU I 137 -60.22 2.58 25.26
CA LEU I 137 -61.05 3.12 24.18
C LEU I 137 -60.17 3.53 23.00
N GLY I 138 -60.79 4.03 21.93
CA GLY I 138 -60.05 4.33 20.71
C GLY I 138 -60.87 4.76 19.51
N CYS I 139 -60.23 4.77 18.33
CA CYS I 139 -60.82 5.26 17.08
C CYS I 139 -60.49 4.33 15.95
N LEU I 140 -61.48 3.94 15.17
CA LEU I 140 -61.26 3.17 13.96
C LEU I 140 -61.19 4.14 12.81
N VAL I 141 -60.05 4.19 12.14
CA VAL I 141 -59.86 5.07 11.00
C VAL I 141 -59.94 4.21 9.76
N LYS I 142 -61.10 4.22 9.11
CA LYS I 142 -61.42 3.25 8.08
C LYS I 142 -61.43 3.87 6.68
N ASP I 143 -61.01 3.08 5.69
CA ASP I 143 -61.23 3.37 4.26
C ASP I 143 -60.60 4.64 3.69
N TYR I 144 -59.28 4.69 3.66
CA TYR I 144 -58.61 5.89 3.18
C TYR I 144 -57.41 5.57 2.30
N PHE I 145 -57.01 6.54 1.48
CA PHE I 145 -55.93 6.36 0.53
C PHE I 145 -55.42 7.71 0.12
N PRO I 146 -54.09 7.86 0.05
CA PRO I 146 -53.10 6.86 0.42
C PRO I 146 -52.72 7.00 1.88
N GLU I 147 -51.63 6.35 2.28
CA GLU I 147 -51.01 6.65 3.55
C GLU I 147 -50.39 8.03 3.42
N PRO I 148 -50.14 8.71 4.54
CA PRO I 148 -50.35 8.35 5.93
C PRO I 148 -51.54 9.06 6.54
N VAL I 149 -51.91 8.59 7.71
CA VAL I 149 -52.90 9.24 8.54
C VAL I 149 -52.17 9.58 9.82
N THR I 150 -52.57 10.66 10.47
CA THR I 150 -51.96 11.04 11.73
C THR I 150 -53.01 10.95 12.81
N VAL I 151 -52.69 10.33 13.94
CA VAL I 151 -53.66 10.33 15.03
C VAL I 151 -53.14 10.80 16.41
N SER I 152 -53.68 11.90 16.92
CA SER I 152 -53.36 12.36 18.28
C SER I 152 -54.55 12.25 19.23
N TRP I 153 -54.29 12.41 20.53
CA TRP I 153 -55.40 12.32 21.49
C TRP I 153 -55.51 13.56 22.36
N ASN I 154 -56.71 14.13 22.37
CA ASN I 154 -56.99 15.39 23.05
C ASN I 154 -56.02 16.47 22.64
N SER I 155 -55.71 16.47 21.35
CA SER I 155 -54.84 17.46 20.71
C SER I 155 -53.40 17.42 21.20
N GLY I 156 -52.93 16.25 21.61
CA GLY I 156 -51.56 16.08 22.02
C GLY I 156 -51.43 16.02 23.53
N ALA I 157 -52.51 16.40 24.21
CA ALA I 157 -52.53 16.45 25.67
C ALA I 157 -52.40 15.06 26.29
N LEU I 158 -52.98 14.07 25.62
CA LEU I 158 -52.92 12.70 26.10
C LEU I 158 -51.94 11.93 25.21
N THR I 159 -50.92 11.33 25.85
CA THR I 159 -49.95 10.49 25.14
C THR I 159 -49.74 9.19 25.89
N SER I 160 -49.80 9.28 27.21
CA SER I 160 -49.52 8.15 28.09
C SER I 160 -50.51 7.01 27.87
N GLY I 161 -50.09 6.00 27.12
CA GLY I 161 -50.90 4.80 27.00
C GLY I 161 -51.63 4.69 25.68
N VAL I 162 -51.29 5.60 24.78
CA VAL I 162 -51.72 5.52 23.40
C VAL I 162 -50.93 4.49 22.63
N HIS I 163 -51.61 3.78 21.74
CA HIS I 163 -50.98 2.92 20.75
C HIS I 163 -51.68 3.10 19.43
N THR I 164 -50.99 3.64 18.44
CA THR I 164 -51.56 3.66 17.09
C THR I 164 -50.95 2.59 16.20
N PHE I 165 -51.80 1.68 15.73
CA PHE I 165 -51.34 0.56 14.92
C PHE I 165 -51.05 0.95 13.48
N PRO I 166 -50.11 0.22 12.84
CA PRO I 166 -49.81 0.21 11.41
C PRO I 166 -51.09 0.06 10.59
N ALA I 167 -51.17 0.63 9.40
CA ALA I 167 -52.37 0.39 8.60
C ALA I 167 -52.41 -1.04 8.09
N VAL I 168 -53.59 -1.52 7.77
CA VAL I 168 -53.65 -2.73 6.98
C VAL I 168 -54.22 -2.28 5.66
N LEU I 169 -53.77 -2.90 4.58
CA LEU I 169 -54.29 -2.57 3.28
C LEU I 169 -55.40 -3.55 2.92
N GLN I 170 -56.63 -3.04 2.85
CA GLN I 170 -57.82 -3.88 2.68
C GLN I 170 -57.96 -4.34 1.24
N SER I 171 -58.88 -5.27 1.01
CA SER I 171 -59.11 -5.74 -0.35
C SER I 171 -59.74 -4.65 -1.22
N SER I 172 -60.33 -3.64 -0.57
CA SER I 172 -60.82 -2.45 -1.25
C SER I 172 -59.72 -1.80 -2.09
N GLY I 173 -58.49 -1.94 -1.62
CA GLY I 173 -57.39 -1.13 -2.13
C GLY I 173 -57.22 0.05 -1.19
N LEU I 174 -58.04 0.06 -0.14
CA LEU I 174 -58.07 1.15 0.84
C LEU I 174 -57.49 0.73 2.18
N TYR I 175 -56.69 1.61 2.78
CA TYR I 175 -56.10 1.35 4.09
C TYR I 175 -57.12 1.54 5.20
N SER I 176 -56.80 0.96 6.34
CA SER I 176 -57.63 1.11 7.53
C SER I 176 -56.73 0.91 8.76
N LEU I 177 -56.88 1.75 9.79
CA LEU I 177 -56.06 1.64 11.00
C LEU I 177 -56.82 2.01 12.27
N SER I 178 -56.33 1.54 13.42
CA SER I 178 -56.92 1.94 14.69
C SER I 178 -55.94 2.53 15.69
N SER I 179 -56.39 3.52 16.44
CA SER I 179 -55.62 4.09 17.54
C SER I 179 -56.42 3.84 18.80
N VAL I 180 -55.73 3.67 19.92
CA VAL I 180 -56.31 3.02 21.07
C VAL I 180 -55.57 3.51 22.30
N VAL I 181 -56.27 3.64 23.41
CA VAL I 181 -55.63 4.17 24.61
C VAL I 181 -56.26 3.57 25.86
N THR I 182 -55.43 3.25 26.84
CA THR I 182 -55.93 2.83 28.15
C THR I 182 -55.91 4.01 29.11
N VAL I 183 -57.00 4.15 29.86
CA VAL I 183 -57.10 5.17 30.91
C VAL I 183 -57.78 4.56 32.14
N PRO I 184 -57.55 5.15 33.31
CA PRO I 184 -58.33 4.78 34.49
C PRO I 184 -59.83 4.80 34.23
N SER I 185 -60.56 3.80 34.73
CA SER I 185 -61.98 3.68 34.44
C SER I 185 -62.79 4.71 35.21
N SER I 186 -62.24 5.18 36.32
CA SER I 186 -62.87 6.22 37.11
C SER I 186 -62.89 7.58 36.40
N SER I 187 -62.15 7.66 35.29
CA SER I 187 -62.02 8.92 34.57
C SER I 187 -62.95 9.01 33.37
N LEU I 188 -63.78 7.99 33.17
CA LEU I 188 -64.85 8.08 32.18
C LEU I 188 -65.95 8.94 32.80
N GLY I 189 -66.48 9.89 32.04
CA GLY I 189 -67.52 10.75 32.56
C GLY I 189 -67.01 12.04 33.17
N THR I 190 -65.80 12.05 33.71
CA THR I 190 -65.19 13.27 34.22
C THR I 190 -64.26 13.86 33.15
N GLN I 191 -63.69 12.98 32.33
CA GLN I 191 -62.70 13.37 31.33
C GLN I 191 -63.19 12.98 29.94
N THR I 192 -63.20 13.93 29.02
CA THR I 192 -63.65 13.65 27.67
C THR I 192 -62.48 13.26 26.78
N TYR I 193 -62.61 12.14 26.08
CA TYR I 193 -61.56 11.68 25.18
C TYR I 193 -61.92 11.95 23.72
N ILE I 194 -61.04 12.66 23.02
CA ILE I 194 -61.24 12.94 21.59
C ILE I 194 -60.02 12.55 20.77
N CYS I 195 -60.23 11.88 19.64
CA CYS I 195 -59.12 11.53 18.79
C CYS I 195 -59.12 12.45 17.60
N ASN I 196 -57.93 12.93 17.24
CA ASN I 196 -57.75 13.81 16.09
C ASN I 196 -57.03 13.09 14.98
N VAL I 197 -57.76 12.86 13.89
CA VAL I 197 -57.22 12.16 12.74
C VAL I 197 -56.96 13.14 11.61
N ASN I 198 -55.68 13.28 11.23
CA ASN I 198 -55.34 14.12 10.08
C ASN I 198 -54.98 13.26 8.88
N HIS I 199 -55.55 13.61 7.72
CA HIS I 199 -55.20 12.91 6.50
C HIS I 199 -54.95 13.88 5.34
N LYS I 200 -53.72 14.35 5.25
CA LYS I 200 -53.33 15.41 4.32
C LYS I 200 -53.61 15.19 2.82
N PRO I 201 -53.43 13.96 2.28
CA PRO I 201 -53.65 13.80 0.85
C PRO I 201 -55.07 14.16 0.41
N SER I 202 -56.01 14.14 1.35
CA SER I 202 -57.40 14.35 1.00
C SER I 202 -57.90 15.69 1.46
N ASN I 203 -57.11 16.33 2.31
CA ASN I 203 -57.52 17.54 3.01
C ASN I 203 -58.67 17.22 3.96
N THR I 204 -58.56 16.09 4.64
CA THR I 204 -59.54 15.65 5.60
C THR I 204 -58.89 15.67 6.97
N LYS I 205 -59.42 16.48 7.87
CA LYS I 205 -59.05 16.41 9.28
C LYS I 205 -60.34 16.21 10.05
N VAL I 206 -60.31 15.32 11.04
CA VAL I 206 -61.54 14.86 11.69
C VAL I 206 -61.33 14.68 13.19
N ASP I 207 -62.18 15.30 13.99
CA ASP I 207 -62.11 15.20 15.43
C ASP I 207 -63.35 14.47 15.91
N LYS I 208 -63.18 13.28 16.46
CA LYS I 208 -64.31 12.47 16.90
C LYS I 208 -64.25 12.19 18.39
N LYS I 209 -65.32 12.53 19.10
CA LYS I 209 -65.36 12.25 20.53
C LYS I 209 -65.76 10.80 20.79
N VAL I 210 -64.91 10.09 21.53
CA VAL I 210 -65.22 8.75 22.03
C VAL I 210 -65.92 8.83 23.39
N GLU I 211 -67.05 8.14 23.50
CA GLU I 211 -67.89 8.21 24.67
C GLU I 211 -68.57 6.87 24.90
N PRO I 212 -68.64 6.44 26.17
CA PRO I 212 -69.22 5.14 26.50
C PRO I 212 -70.71 5.12 26.22
N LYS I 213 -71.30 3.94 26.11
CA LYS I 213 -72.74 3.85 25.85
C LYS I 213 -73.29 2.54 26.40
#